data_3VK3
#
_entry.id   3VK3
#
_cell.length_a   153.172
_cell.length_b   152.954
_cell.length_c   80.579
_cell.angle_alpha   90.00
_cell.angle_beta   90.00
_cell.angle_gamma   90.00
#
_symmetry.space_group_name_H-M   'P 21 21 2'
#
loop_
_entity.id
_entity.type
_entity.pdbx_description
1 polymer 'Methionine gamma-lyase'
2 non-polymer METHIONINE
3 water water
#
_entity_poly.entity_id   1
_entity_poly.type   'polypeptide(L)'
_entity_poly.pdbx_seq_one_letter_code
;MHGSNKLPGFATRAIHHGYDPQDHGGALVPPVYQTATFTFPTVEYGAACFAGEQAGHFYSRISNPTLNLLEARMASLEGG
EAGLALASGMGAITSTLWTLLRPGDEVLLGNTLYGHTFAFLHHGIGEFGVKLRHVDMADLQALEAAMTPATRVIYFESPA
NPNMHMADIAGVAKIARKHGATVVVDNTYCTPYLQRPLELGADLVVHSAT(LLP)YLSGHGDITAGIVVGSQALVDRIRL
QGLKDMTGAVLSPHDAALLMRGIKTLNLRMDRHCANAQVLAEFLARQPQVELIHYPGLASFPQYTLARQQMSQPGGMIAF
ELKGGIGAGRRFMNALQLFSRAVSLGDAESLAQHPASMTHSSYTPEERAHYGISEGLVRLSVGLEDIDDLLADVQQALKA
SA
;
_entity_poly.pdbx_strand_id   A,B,C,D
#
# COMPACT_ATOMS: atom_id res chain seq x y z
N HIS A 2 -35.15 -24.21 -4.73
CA HIS A 2 -34.02 -24.44 -5.68
C HIS A 2 -33.96 -23.36 -6.76
N GLY A 3 -33.01 -23.49 -7.69
CA GLY A 3 -32.95 -22.61 -8.85
C GLY A 3 -31.83 -21.60 -8.85
N SER A 4 -31.41 -21.20 -10.05
CA SER A 4 -30.29 -20.31 -10.27
C SER A 4 -30.68 -18.83 -10.28
N ASN A 5 -31.98 -18.54 -10.34
CA ASN A 5 -32.47 -17.16 -10.30
C ASN A 5 -32.58 -16.56 -8.89
N LYS A 6 -32.22 -17.35 -7.89
CA LYS A 6 -32.18 -16.92 -6.50
C LYS A 6 -30.97 -16.01 -6.26
N LEU A 7 -31.21 -14.89 -5.59
CA LEU A 7 -30.14 -13.97 -5.24
C LEU A 7 -29.19 -14.58 -4.19
N PRO A 8 -27.87 -14.59 -4.47
CA PRO A 8 -26.95 -15.02 -3.38
C PRO A 8 -27.17 -14.19 -2.08
N GLY A 9 -26.96 -14.80 -0.92
CA GLY A 9 -27.05 -14.09 0.36
C GLY A 9 -26.11 -12.89 0.44
N PHE A 10 -26.38 -11.97 1.38
CA PHE A 10 -25.62 -10.73 1.50
C PHE A 10 -24.10 -10.98 1.64
N ALA A 11 -23.73 -11.90 2.52
CA ALA A 11 -22.32 -12.18 2.82
C ALA A 11 -21.60 -12.73 1.60
N THR A 12 -22.31 -13.55 0.81
CA THR A 12 -21.74 -14.10 -0.42
C THR A 12 -21.38 -12.97 -1.41
N ARG A 13 -22.30 -12.04 -1.62
CA ARG A 13 -22.13 -10.94 -2.55
C ARG A 13 -21.08 -9.93 -2.07
N ALA A 14 -21.08 -9.67 -0.76
CA ALA A 14 -20.06 -8.80 -0.13
C ALA A 14 -18.65 -9.30 -0.40
N ILE A 15 -18.51 -10.60 -0.60
CA ILE A 15 -17.22 -11.23 -0.78
C ILE A 15 -16.90 -11.50 -2.26
N HIS A 16 -17.91 -11.82 -3.06
CA HIS A 16 -17.68 -12.30 -4.44
C HIS A 16 -18.25 -11.44 -5.59
N HIS A 17 -19.30 -10.66 -5.30
CA HIS A 17 -20.03 -10.03 -6.39
C HIS A 17 -19.12 -9.30 -7.37
N GLY A 18 -19.32 -9.58 -8.65
CA GLY A 18 -18.61 -8.88 -9.73
C GLY A 18 -17.20 -9.36 -10.05
N TYR A 19 -16.69 -10.35 -9.33
CA TYR A 19 -15.30 -10.79 -9.55
C TYR A 19 -15.20 -12.29 -9.70
N ASP A 20 -14.54 -12.73 -10.78
CA ASP A 20 -14.27 -14.13 -10.99
C ASP A 20 -12.76 -14.24 -11.16
N PRO A 21 -12.08 -14.94 -10.22
CA PRO A 21 -10.63 -15.09 -10.31
C PRO A 21 -10.14 -15.47 -11.72
N GLN A 22 -10.91 -16.29 -12.43
CA GLN A 22 -10.47 -16.78 -13.76
C GLN A 22 -10.30 -15.71 -14.83
N ASP A 23 -10.87 -14.52 -14.62
CA ASP A 23 -10.68 -13.39 -15.55
C ASP A 23 -9.42 -12.58 -15.24
N HIS A 24 -8.70 -12.96 -14.19
CA HIS A 24 -7.48 -12.24 -13.82
C HIS A 24 -6.36 -13.19 -13.44
N GLY A 25 -6.13 -14.19 -14.29
CA GLY A 25 -5.02 -15.12 -14.11
C GLY A 25 -5.14 -15.98 -12.88
N GLY A 26 -6.38 -16.20 -12.43
CA GLY A 26 -6.62 -17.00 -11.22
C GLY A 26 -6.43 -16.27 -9.89
N ALA A 27 -6.06 -14.99 -9.91
CA ALA A 27 -5.88 -14.21 -8.68
C ALA A 27 -7.10 -14.26 -7.77
N LEU A 28 -6.94 -14.84 -6.58
CA LEU A 28 -8.06 -14.95 -5.65
C LEU A 28 -8.57 -13.57 -5.22
N VAL A 29 -7.64 -12.67 -4.89
CA VAL A 29 -7.95 -11.27 -4.58
C VAL A 29 -7.71 -10.49 -5.88
N PRO A 30 -8.63 -9.58 -6.26
CA PRO A 30 -8.47 -8.78 -7.49
C PRO A 30 -7.19 -7.95 -7.42
N PRO A 31 -6.42 -7.91 -8.53
CA PRO A 31 -5.21 -7.09 -8.49
C PRO A 31 -5.58 -5.60 -8.35
N VAL A 32 -4.71 -4.81 -7.76
CA VAL A 32 -5.01 -3.40 -7.51
C VAL A 32 -4.51 -2.56 -8.67
N TYR A 33 -5.43 -1.91 -9.38
CA TYR A 33 -5.08 -1.07 -10.52
C TYR A 33 -4.63 0.31 -10.07
N GLN A 34 -3.45 0.35 -9.47
CA GLN A 34 -2.90 1.60 -8.99
C GLN A 34 -2.19 2.29 -10.17
N THR A 35 -2.99 2.75 -11.12
CA THR A 35 -2.51 3.42 -12.32
C THR A 35 -3.36 4.67 -12.55
N ALA A 36 -2.74 5.77 -12.96
CA ALA A 36 -3.45 7.00 -13.26
C ALA A 36 -4.11 6.92 -14.64
N THR A 37 -3.42 6.28 -15.58
CA THR A 37 -3.92 6.27 -16.94
C THR A 37 -3.91 4.90 -17.61
N PHE A 38 -4.73 4.81 -18.66
CA PHE A 38 -4.90 3.63 -19.45
C PHE A 38 -4.58 3.99 -20.90
N THR A 39 -4.07 3.04 -21.66
CA THR A 39 -3.64 3.30 -23.02
C THR A 39 -4.57 2.62 -24.00
N PHE A 40 -4.46 2.98 -25.29
CA PHE A 40 -5.29 2.42 -26.36
C PHE A 40 -4.50 1.65 -27.41
N PRO A 41 -5.06 0.52 -27.92
CA PRO A 41 -4.41 -0.24 -29.00
C PRO A 41 -4.45 0.49 -30.34
N THR A 42 -5.37 1.45 -30.47
CA THR A 42 -5.68 2.13 -31.72
C THR A 42 -6.34 3.46 -31.36
N VAL A 43 -6.16 4.48 -32.21
CA VAL A 43 -6.87 5.76 -32.03
C VAL A 43 -8.39 5.63 -32.25
N GLU A 44 -8.80 4.61 -33.02
CA GLU A 44 -10.22 4.32 -33.26
C GLU A 44 -10.86 3.68 -32.03
N TYR A 45 -10.13 2.77 -31.38
CA TYR A 45 -10.53 2.23 -30.08
C TYR A 45 -10.60 3.36 -29.04
N GLY A 46 -9.60 4.25 -29.09
CA GLY A 46 -9.57 5.44 -28.25
C GLY A 46 -10.76 6.35 -28.48
N ALA A 47 -11.11 6.54 -29.76
CA ALA A 47 -12.28 7.32 -30.15
C ALA A 47 -13.57 6.74 -29.58
N ALA A 48 -13.65 5.40 -29.53
CA ALA A 48 -14.82 4.67 -29.01
C ALA A 48 -15.05 4.84 -27.50
N CYS A 49 -13.98 5.12 -26.75
CA CYS A 49 -14.09 5.38 -25.31
C CYS A 49 -14.34 6.84 -24.96
N PHE A 50 -14.46 7.67 -25.99
CA PHE A 50 -14.88 9.06 -25.85
C PHE A 50 -16.20 9.31 -26.58
N ALA A 51 -16.69 8.27 -27.26
CA ALA A 51 -17.95 8.33 -28.02
C ALA A 51 -19.00 7.31 -27.55
N GLY A 52 -18.67 6.54 -26.51
CA GLY A 52 -19.62 5.63 -25.87
C GLY A 52 -20.06 4.43 -26.70
N GLU A 53 -19.19 3.97 -27.60
CA GLU A 53 -19.44 2.75 -28.40
C GLU A 53 -18.93 1.51 -27.66
N GLN A 54 -17.87 1.69 -26.87
CA GLN A 54 -17.09 0.60 -26.30
C GLN A 54 -17.01 0.71 -24.76
N ALA A 55 -17.03 -0.43 -24.08
CA ALA A 55 -16.70 -0.49 -22.65
C ALA A 55 -15.18 -0.52 -22.52
N GLY A 56 -14.65 0.25 -21.57
CA GLY A 56 -13.20 0.37 -21.41
C GLY A 56 -12.78 1.48 -20.46
N HIS A 57 -11.49 1.83 -20.51
CA HIS A 57 -10.92 2.80 -19.57
C HIS A 57 -9.93 3.76 -20.24
N PHE A 58 -9.75 4.94 -19.64
CA PHE A 58 -8.79 5.93 -20.14
C PHE A 58 -8.08 6.74 -19.04
N TYR A 59 -8.78 6.99 -17.93
CA TYR A 59 -8.26 7.87 -16.90
C TYR A 59 -8.99 7.68 -15.56
N SER A 60 -8.23 7.33 -14.53
CA SER A 60 -8.77 6.85 -13.26
C SER A 60 -9.68 7.84 -12.51
N ARG A 61 -9.53 9.14 -12.78
CA ARG A 61 -10.45 10.14 -12.21
C ARG A 61 -11.91 9.91 -12.64
N ILE A 62 -12.11 9.56 -13.92
CA ILE A 62 -13.43 9.23 -14.44
C ILE A 62 -13.86 7.79 -14.07
N SER A 63 -12.94 6.81 -14.24
CA SER A 63 -13.23 5.35 -14.05
C SER A 63 -11.97 4.46 -14.03
N ASN A 64 -12.01 3.37 -13.23
CA ASN A 64 -10.88 2.46 -12.88
C ASN A 64 -11.40 1.05 -12.48
N PRO A 65 -10.82 -0.04 -13.03
CA PRO A 65 -11.35 -1.39 -12.75
C PRO A 65 -11.44 -1.79 -11.26
N THR A 66 -10.51 -1.31 -10.42
CA THR A 66 -10.59 -1.61 -8.97
C THR A 66 -11.80 -0.87 -8.37
N LEU A 67 -11.91 0.42 -8.73
CA LEU A 67 -13.05 1.24 -8.34
C LEU A 67 -14.35 0.69 -8.89
N ASN A 68 -14.35 0.27 -10.16
CA ASN A 68 -15.57 -0.34 -10.74
C ASN A 68 -16.08 -1.56 -9.98
N LEU A 69 -15.16 -2.44 -9.57
CA LEU A 69 -15.57 -3.60 -8.76
C LEU A 69 -16.21 -3.15 -7.45
N LEU A 70 -15.54 -2.21 -6.78
CA LEU A 70 -16.04 -1.68 -5.51
C LEU A 70 -17.45 -1.13 -5.71
N GLU A 71 -17.61 -0.43 -6.83
CA GLU A 71 -18.86 0.25 -7.17
C GLU A 71 -19.98 -0.74 -7.46
N ALA A 72 -19.70 -1.77 -8.27
CA ALA A 72 -20.71 -2.78 -8.61
C ALA A 72 -21.10 -3.59 -7.36
N ARG A 73 -20.14 -3.82 -6.50
CA ARG A 73 -20.38 -4.54 -5.27
C ARG A 73 -21.29 -3.74 -4.30
N MET A 74 -21.01 -2.45 -4.12
CA MET A 74 -21.85 -1.58 -3.27
C MET A 74 -23.25 -1.42 -3.85
N ALA A 75 -23.33 -1.34 -5.16
CA ALA A 75 -24.63 -1.35 -5.87
C ALA A 75 -25.43 -2.62 -5.58
N SER A 76 -24.80 -3.78 -5.74
CA SER A 76 -25.46 -5.02 -5.38
C SER A 76 -25.96 -5.02 -3.92
N LEU A 77 -25.11 -4.60 -2.99
CA LEU A 77 -25.48 -4.64 -1.55
C LEU A 77 -26.62 -3.69 -1.24
N GLU A 78 -26.68 -2.54 -1.93
CA GLU A 78 -27.80 -1.58 -1.73
C GLU A 78 -29.06 -1.85 -2.55
N GLY A 79 -28.96 -2.77 -3.52
CA GLY A 79 -30.04 -3.00 -4.46
C GLY A 79 -30.23 -1.86 -5.44
N GLY A 80 -29.13 -1.21 -5.82
CA GLY A 80 -29.20 -0.16 -6.85
C GLY A 80 -28.56 -0.61 -8.16
N GLU A 81 -28.74 0.17 -9.21
CA GLU A 81 -28.22 -0.20 -10.52
C GLU A 81 -26.72 0.08 -10.63
N ALA A 82 -26.24 1.15 -9.99
CA ALA A 82 -24.89 1.63 -10.27
C ALA A 82 -24.29 2.27 -9.05
N GLY A 83 -22.98 2.16 -8.93
CA GLY A 83 -22.25 2.75 -7.81
C GLY A 83 -21.19 3.72 -8.30
N LEU A 84 -20.72 4.58 -7.41
CA LEU A 84 -19.62 5.52 -7.70
C LEU A 84 -18.80 5.61 -6.41
N ALA A 85 -17.47 5.56 -6.54
CA ALA A 85 -16.57 5.63 -5.39
C ALA A 85 -15.82 6.94 -5.46
N LEU A 86 -15.68 7.58 -4.30
CA LEU A 86 -15.14 8.94 -4.19
C LEU A 86 -14.18 9.01 -3.01
N ALA A 87 -13.45 10.14 -2.92
CA ALA A 87 -12.35 10.30 -1.96
C ALA A 87 -12.81 10.39 -0.50
N SER A 88 -14.09 10.72 -0.27
CA SER A 88 -14.65 10.82 1.09
C SER A 88 -16.15 10.87 1.02
N GLY A 89 -16.81 10.69 2.16
CA GLY A 89 -18.26 10.95 2.26
C GLY A 89 -18.64 12.33 1.75
N MET A 90 -17.87 13.36 2.11
CA MET A 90 -18.16 14.73 1.67
C MET A 90 -18.01 14.81 0.15
N GLY A 91 -16.99 14.15 -0.38
CA GLY A 91 -16.89 13.94 -1.83
C GLY A 91 -18.15 13.37 -2.46
N ALA A 92 -18.75 12.35 -1.83
CA ALA A 92 -19.98 11.75 -2.34
C ALA A 92 -21.13 12.74 -2.26
N ILE A 93 -21.25 13.42 -1.13
CA ILE A 93 -22.36 14.36 -0.91
C ILE A 93 -22.29 15.57 -1.85
N THR A 94 -21.12 16.21 -1.94
CA THR A 94 -20.94 17.41 -2.74
C THR A 94 -20.99 17.09 -4.26
N SER A 95 -20.33 16.02 -4.68
CA SER A 95 -20.42 15.60 -6.09
C SER A 95 -21.89 15.38 -6.51
N THR A 96 -22.67 14.76 -5.65
CA THR A 96 -24.10 14.51 -5.89
C THR A 96 -24.90 15.82 -5.97
N LEU A 97 -24.80 16.67 -4.95
CA LEU A 97 -25.62 17.89 -4.92
C LEU A 97 -25.22 18.95 -5.95
N TRP A 98 -23.92 19.11 -6.21
CA TRP A 98 -23.43 19.99 -7.28
C TRP A 98 -23.98 19.61 -8.64
N THR A 99 -24.17 18.30 -8.85
CA THR A 99 -24.73 17.75 -10.08
C THR A 99 -26.24 17.99 -10.21
N LEU A 100 -26.97 17.84 -9.12
CA LEU A 100 -28.44 17.85 -9.16
C LEU A 100 -29.11 19.23 -8.98
N LEU A 101 -28.33 20.22 -8.62
CA LEU A 101 -28.92 21.51 -8.23
C LEU A 101 -28.30 22.63 -9.02
N ARG A 102 -29.13 23.60 -9.41
CA ARG A 102 -28.74 24.84 -10.08
C ARG A 102 -29.46 26.00 -9.38
N PRO A 103 -28.98 27.24 -9.56
CA PRO A 103 -29.62 28.42 -8.94
C PRO A 103 -31.12 28.44 -9.19
N GLY A 104 -31.89 28.76 -8.18
CA GLY A 104 -33.35 28.77 -8.34
C GLY A 104 -33.99 27.49 -7.83
N ASP A 105 -33.25 26.37 -7.89
CA ASP A 105 -33.74 25.10 -7.33
C ASP A 105 -33.79 25.20 -5.83
N GLU A 106 -34.68 24.40 -5.23
CA GLU A 106 -34.78 24.28 -3.79
C GLU A 106 -34.40 22.85 -3.36
N VAL A 107 -33.66 22.76 -2.25
CA VAL A 107 -33.42 21.49 -1.58
C VAL A 107 -34.12 21.50 -0.25
N LEU A 108 -34.96 20.50 -0.01
CA LEU A 108 -35.54 20.27 1.32
C LEU A 108 -34.65 19.33 2.12
N LEU A 109 -34.31 19.74 3.33
CA LEU A 109 -33.32 19.07 4.19
C LEU A 109 -33.92 18.59 5.49
N GLY A 110 -33.45 17.43 5.95
CA GLY A 110 -33.72 16.99 7.32
C GLY A 110 -33.31 18.06 8.31
N ASN A 111 -33.99 18.06 9.46
CA ASN A 111 -33.85 19.13 10.44
C ASN A 111 -32.46 19.28 11.02
N THR A 112 -31.74 18.17 11.16
CA THR A 112 -30.35 18.20 11.58
C THR A 112 -29.54 17.36 10.62
N LEU A 113 -28.25 17.69 10.49
CA LEU A 113 -27.38 17.07 9.51
C LEU A 113 -26.00 16.99 10.11
N TYR A 114 -25.20 16.06 9.59
CA TYR A 114 -23.77 16.06 9.81
C TYR A 114 -23.22 17.47 9.57
N GLY A 115 -22.27 17.87 10.42
CA GLY A 115 -21.76 19.24 10.48
C GLY A 115 -21.23 19.81 9.18
N HIS A 116 -20.33 19.09 8.50
CA HIS A 116 -19.81 19.56 7.21
C HIS A 116 -20.84 19.54 6.11
N THR A 117 -21.85 18.67 6.21
CA THR A 117 -22.97 18.69 5.27
C THR A 117 -23.76 19.99 5.47
N PHE A 118 -24.06 20.30 6.72
CA PHE A 118 -24.79 21.53 7.03
C PHE A 118 -23.99 22.73 6.48
N ALA A 119 -22.67 22.74 6.70
CA ALA A 119 -21.83 23.85 6.25
C ALA A 119 -21.70 23.94 4.72
N PHE A 120 -21.59 22.81 4.04
CA PHE A 120 -21.65 22.80 2.58
C PHE A 120 -22.92 23.47 2.08
N LEU A 121 -24.05 23.05 2.64
CA LEU A 121 -25.33 23.59 2.22
C LEU A 121 -25.46 25.09 2.50
N HIS A 122 -25.20 25.52 3.73
CA HIS A 122 -25.45 26.93 4.11
C HIS A 122 -24.34 27.88 3.69
N HIS A 123 -23.10 27.43 3.76
CA HIS A 123 -21.99 28.30 3.38
C HIS A 123 -21.41 27.97 2.02
N GLY A 124 -21.84 26.86 1.42
CA GLY A 124 -21.35 26.48 0.10
C GLY A 124 -22.37 26.68 -0.99
N ILE A 125 -23.05 25.61 -1.36
CA ILE A 125 -23.95 25.62 -2.50
C ILE A 125 -25.12 26.57 -2.24
N GLY A 126 -25.53 26.73 -0.97
CA GLY A 126 -26.53 27.74 -0.58
C GLY A 126 -26.14 29.15 -0.98
N GLU A 127 -24.84 29.45 -0.99
CA GLU A 127 -24.37 30.79 -1.37
C GLU A 127 -24.32 30.96 -2.89
N PHE A 128 -24.65 29.93 -3.64
CA PHE A 128 -24.59 30.03 -5.10
C PHE A 128 -25.99 30.04 -5.70
N GLY A 129 -26.97 30.49 -4.92
CA GLY A 129 -28.33 30.71 -5.44
C GLY A 129 -29.29 29.54 -5.34
N VAL A 130 -28.88 28.49 -4.63
CA VAL A 130 -29.73 27.33 -4.36
C VAL A 130 -30.45 27.56 -3.03
N LYS A 131 -31.77 27.38 -3.03
CA LYS A 131 -32.57 27.68 -1.84
C LYS A 131 -32.62 26.44 -0.97
N LEU A 132 -32.57 26.67 0.34
CA LEU A 132 -32.54 25.63 1.34
C LEU A 132 -33.76 25.77 2.22
N ARG A 133 -34.41 24.65 2.55
CA ARG A 133 -35.40 24.68 3.62
C ARG A 133 -35.28 23.42 4.47
N HIS A 134 -35.27 23.60 5.78
CA HIS A 134 -35.23 22.47 6.70
C HIS A 134 -36.64 22.05 7.08
N VAL A 135 -36.88 20.74 7.06
CA VAL A 135 -38.19 20.21 7.44
C VAL A 135 -37.98 18.96 8.28
N ASP A 136 -38.92 18.69 9.20
CA ASP A 136 -38.92 17.47 9.98
C ASP A 136 -39.40 16.33 9.07
N MET A 137 -38.46 15.49 8.63
CA MET A 137 -38.77 14.42 7.68
C MET A 137 -39.55 13.29 8.35
N ALA A 138 -39.66 13.36 9.67
CA ALA A 138 -40.50 12.42 10.41
C ALA A 138 -41.97 12.83 10.34
N ASP A 139 -42.23 14.08 9.98
CA ASP A 139 -43.58 14.58 9.86
C ASP A 139 -43.94 14.67 8.37
N LEU A 140 -44.59 13.62 7.85
CA LEU A 140 -44.89 13.51 6.41
C LEU A 140 -45.85 14.59 5.93
N GLN A 141 -46.81 14.93 6.80
CA GLN A 141 -47.73 16.04 6.57
C GLN A 141 -46.97 17.36 6.41
N ALA A 142 -46.02 17.65 7.30
CA ALA A 142 -45.14 18.82 7.13
C ALA A 142 -44.31 18.77 5.85
N LEU A 143 -43.71 17.62 5.54
CA LEU A 143 -42.95 17.48 4.29
C LEU A 143 -43.83 17.79 3.09
N GLU A 144 -44.98 17.15 3.04
CA GLU A 144 -45.94 17.41 1.97
C GLU A 144 -46.20 18.91 1.83
N ALA A 145 -46.49 19.58 2.95
CA ALA A 145 -46.77 21.02 2.93
C ALA A 145 -45.59 21.88 2.46
N ALA A 146 -44.36 21.43 2.68
CA ALA A 146 -43.18 22.21 2.26
C ALA A 146 -42.82 22.11 0.76
N MET A 147 -43.37 21.12 0.06
CA MET A 147 -43.03 20.92 -1.35
C MET A 147 -43.50 22.11 -2.18
N THR A 148 -42.66 22.58 -3.10
CA THR A 148 -43.01 23.64 -4.03
C THR A 148 -42.58 23.16 -5.43
N PRO A 149 -43.06 23.84 -6.50
CA PRO A 149 -42.59 23.44 -7.83
C PRO A 149 -41.08 23.65 -8.04
N ALA A 150 -40.43 24.43 -7.19
CA ALA A 150 -38.98 24.56 -7.28
C ALA A 150 -38.18 23.47 -6.52
N THR A 151 -38.88 22.68 -5.69
CA THR A 151 -38.23 21.62 -4.92
C THR A 151 -37.65 20.53 -5.84
N ARG A 152 -36.33 20.41 -5.85
CA ARG A 152 -35.64 19.51 -6.77
C ARG A 152 -35.10 18.28 -6.09
N VAL A 153 -34.66 18.46 -4.86
CA VAL A 153 -33.98 17.41 -4.12
C VAL A 153 -34.52 17.42 -2.70
N ILE A 154 -34.77 16.24 -2.19
CA ILE A 154 -34.99 16.02 -0.77
C ILE A 154 -33.79 15.23 -0.27
N TYR A 155 -33.10 15.81 0.71
CA TYR A 155 -31.87 15.24 1.22
C TYR A 155 -31.94 15.08 2.73
N PHE A 156 -31.64 13.87 3.23
CA PHE A 156 -31.58 13.66 4.69
C PHE A 156 -30.75 12.42 5.07
N GLU A 157 -30.35 12.36 6.34
CA GLU A 157 -29.74 11.19 6.95
C GLU A 157 -30.84 10.47 7.73
N SER A 158 -30.78 9.14 7.78
CA SER A 158 -31.63 8.40 8.70
C SER A 158 -30.95 7.10 9.12
N PRO A 159 -30.62 6.96 10.41
CA PRO A 159 -30.76 7.93 11.50
C PRO A 159 -29.85 9.12 11.28
N ALA A 160 -30.26 10.28 11.79
CA ALA A 160 -29.55 11.53 11.53
C ALA A 160 -28.64 11.88 12.67
N ASN A 161 -27.47 12.43 12.32
CA ASN A 161 -26.64 13.11 13.30
C ASN A 161 -27.41 14.28 13.91
N PRO A 162 -27.23 14.53 15.22
CA PRO A 162 -26.48 13.71 16.16
C PRO A 162 -27.42 12.98 17.12
N ASN A 163 -28.71 13.19 16.92
CA ASN A 163 -29.78 12.72 17.80
C ASN A 163 -30.36 11.36 17.39
N MET A 164 -29.92 10.85 16.24
CA MET A 164 -30.47 9.62 15.64
C MET A 164 -31.97 9.72 15.29
N HIS A 165 -32.41 10.96 15.10
CA HIS A 165 -33.73 11.21 14.54
C HIS A 165 -33.88 10.46 13.22
N MET A 166 -35.03 9.83 13.04
CA MET A 166 -35.30 9.06 11.83
C MET A 166 -36.42 9.59 10.97
N ALA A 167 -36.32 9.30 9.68
CA ALA A 167 -37.37 9.63 8.71
C ALA A 167 -37.94 8.36 8.06
N ASP A 168 -39.23 8.38 7.69
CA ASP A 168 -39.85 7.24 6.98
C ASP A 168 -39.52 7.36 5.50
N ILE A 169 -38.55 6.58 5.06
CA ILE A 169 -38.01 6.70 3.71
C ILE A 169 -39.07 6.44 2.63
N ALA A 170 -39.88 5.39 2.82
CA ALA A 170 -40.90 5.03 1.84
C ALA A 170 -41.97 6.12 1.74
N GLY A 171 -42.29 6.71 2.90
CA GLY A 171 -43.24 7.82 2.96
C GLY A 171 -42.73 9.06 2.25
N VAL A 172 -41.44 9.35 2.40
CA VAL A 172 -40.82 10.51 1.74
C VAL A 172 -40.77 10.28 0.23
N ALA A 173 -40.41 9.06 -0.17
CA ALA A 173 -40.35 8.65 -1.58
C ALA A 173 -41.71 8.80 -2.26
N LYS A 174 -42.76 8.39 -1.55
CA LYS A 174 -44.12 8.53 -2.06
C LYS A 174 -44.47 10.01 -2.32
N ILE A 175 -44.21 10.90 -1.37
CA ILE A 175 -44.42 12.36 -1.58
C ILE A 175 -43.61 12.88 -2.78
N ALA A 176 -42.33 12.50 -2.83
CA ALA A 176 -41.47 12.87 -3.95
C ALA A 176 -41.91 12.33 -5.33
N ARG A 177 -42.50 11.14 -5.34
CA ARG A 177 -43.01 10.56 -6.58
C ARG A 177 -44.14 11.46 -7.13
N LYS A 178 -45.02 11.84 -6.22
CA LYS A 178 -46.18 12.67 -6.49
C LYS A 178 -45.80 14.06 -6.98
N HIS A 179 -44.76 14.67 -6.40
CA HIS A 179 -44.36 16.04 -6.75
C HIS A 179 -43.21 16.17 -7.76
N GLY A 180 -42.37 15.15 -7.82
CA GLY A 180 -41.32 15.09 -8.84
C GLY A 180 -39.91 15.40 -8.35
N ALA A 181 -39.60 15.14 -7.08
CA ALA A 181 -38.29 15.49 -6.51
C ALA A 181 -37.37 14.26 -6.40
N THR A 182 -36.06 14.50 -6.48
CA THR A 182 -35.08 13.40 -6.34
C THR A 182 -34.74 13.24 -4.87
N VAL A 183 -34.92 12.04 -4.34
CA VAL A 183 -34.65 11.75 -2.93
C VAL A 183 -33.23 11.17 -2.72
N VAL A 184 -32.41 11.83 -1.90
CA VAL A 184 -31.11 11.28 -1.54
C VAL A 184 -30.97 11.05 -0.05
N VAL A 185 -30.59 9.82 0.29
CA VAL A 185 -30.48 9.46 1.70
C VAL A 185 -29.01 9.19 2.01
N ASP A 186 -28.50 9.83 3.06
CA ASP A 186 -27.18 9.50 3.59
C ASP A 186 -27.38 8.29 4.48
N ASN A 187 -26.85 7.14 4.06
CA ASN A 187 -27.15 5.85 4.69
C ASN A 187 -25.93 5.34 5.48
N THR A 188 -25.05 6.27 5.86
CA THR A 188 -23.79 5.96 6.55
C THR A 188 -23.95 5.13 7.84
N TYR A 189 -24.84 5.60 8.71
CA TYR A 189 -25.06 4.98 10.01
C TYR A 189 -25.50 3.52 9.92
N CYS A 190 -26.40 3.20 8.98
CA CYS A 190 -26.89 1.80 8.89
C CYS A 190 -26.03 0.85 8.06
N THR A 191 -25.48 1.37 6.94
CA THR A 191 -24.90 0.52 5.86
C THR A 191 -26.03 -0.24 5.16
N PRO A 192 -25.78 -0.78 3.96
CA PRO A 192 -26.82 -1.57 3.29
C PRO A 192 -27.15 -2.86 4.03
N TYR A 193 -26.31 -3.27 4.97
CA TYR A 193 -26.64 -4.47 5.76
C TYR A 193 -27.83 -4.25 6.69
N LEU A 194 -28.05 -3.02 7.15
CA LEU A 194 -29.15 -2.76 8.09
C LEU A 194 -30.35 -2.05 7.47
N GLN A 195 -30.12 -1.31 6.40
CA GLN A 195 -31.17 -0.50 5.81
C GLN A 195 -30.83 -0.21 4.35
N ARG A 196 -31.84 -0.33 3.48
CA ARG A 196 -31.64 -0.14 2.05
C ARG A 196 -32.61 0.87 1.48
N PRO A 197 -32.27 2.16 1.62
CA PRO A 197 -33.21 3.23 1.18
C PRO A 197 -33.69 3.14 -0.28
N LEU A 198 -32.86 2.64 -1.18
CA LEU A 198 -33.24 2.50 -2.58
C LEU A 198 -34.35 1.48 -2.75
N GLU A 199 -34.35 0.46 -1.90
CA GLU A 199 -35.42 -0.51 -1.89
C GLU A 199 -36.71 0.04 -1.26
N LEU A 200 -36.59 1.13 -0.51
CA LEU A 200 -37.75 1.83 0.05
C LEU A 200 -38.23 3.00 -0.84
N GLY A 201 -37.56 3.18 -1.96
CA GLY A 201 -38.00 4.12 -2.98
C GLY A 201 -37.16 5.37 -3.12
N ALA A 202 -36.08 5.49 -2.35
CA ALA A 202 -35.11 6.56 -2.56
C ALA A 202 -34.46 6.44 -3.94
N ASP A 203 -34.04 7.56 -4.51
CA ASP A 203 -33.36 7.56 -5.81
C ASP A 203 -31.85 7.35 -5.69
N LEU A 204 -31.24 7.90 -4.64
CA LEU A 204 -29.79 7.81 -4.44
C LEU A 204 -29.47 7.64 -2.97
N VAL A 205 -28.40 6.92 -2.67
CA VAL A 205 -27.88 6.85 -1.32
C VAL A 205 -26.43 7.27 -1.34
N VAL A 206 -25.99 7.96 -0.29
CA VAL A 206 -24.59 8.34 -0.18
C VAL A 206 -24.08 7.71 1.10
N HIS A 207 -22.77 7.45 1.15
CA HIS A 207 -22.12 6.92 2.34
C HIS A 207 -20.80 7.60 2.57
N SER A 208 -20.52 7.87 3.84
CA SER A 208 -19.14 7.96 4.30
C SER A 208 -18.65 6.53 4.53
N ALA A 209 -17.98 5.96 3.54
CA ALA A 209 -17.40 4.62 3.67
C ALA A 209 -16.23 4.63 4.64
N THR A 210 -15.75 5.83 4.97
CA THR A 210 -14.76 6.07 6.03
C THR A 210 -15.19 5.41 7.35
N1 LLP A 211 -22.17 11.82 6.64
C2 LLP A 211 -22.18 11.17 7.80
C2' LLP A 211 -23.39 10.71 8.35
C3 LLP A 211 -20.96 10.97 8.44
O3 LLP A 211 -21.01 10.30 9.63
C4 LLP A 211 -19.72 11.42 7.91
C4' LLP A 211 -18.49 11.20 8.56
C5 LLP A 211 -19.75 12.11 6.69
C6 LLP A 211 -20.98 12.30 6.06
C5' LLP A 211 -18.60 12.64 6.07
OP4 LLP A 211 -17.74 11.64 5.54
P LLP A 211 -16.16 11.88 5.35
OP1 LLP A 211 -15.74 10.55 4.83
OP2 LLP A 211 -15.71 12.21 6.72
OP3 LLP A 211 -16.12 12.98 4.42
N LLP A 211 -16.49 5.23 7.53
CA LLP A 211 -17.04 4.70 8.81
CB LLP A 211 -18.33 5.43 9.23
CG LLP A 211 -18.29 6.95 8.90
CD LLP A 211 -17.53 7.77 9.93
CE LLP A 211 -17.27 9.24 9.44
NZ LLP A 211 -18.51 10.05 9.50
C LLP A 211 -17.22 3.16 8.77
O LLP A 211 -16.22 2.45 8.60
N TYR A 212 -18.44 2.64 8.94
CA TYR A 212 -18.65 1.20 9.03
C TYR A 212 -18.21 0.39 7.82
N LEU A 213 -18.40 0.91 6.60
CA LEU A 213 -18.06 0.12 5.40
C LEU A 213 -16.58 -0.32 5.44
N SER A 214 -15.67 0.63 5.65
CA SER A 214 -14.25 0.31 5.88
C SER A 214 -14.11 -0.47 7.18
N GLY A 215 -14.72 0.07 8.25
CA GLY A 215 -14.75 -0.56 9.56
C GLY A 215 -13.46 -0.55 10.37
N HIS A 216 -12.37 -0.04 9.79
CA HIS A 216 -11.07 -0.17 10.42
C HIS A 216 -10.36 1.15 10.62
N GLY A 217 -11.02 2.25 10.28
CA GLY A 217 -10.49 3.59 10.53
C GLY A 217 -9.20 3.96 9.80
N ASP A 218 -8.87 3.26 8.73
CA ASP A 218 -7.60 3.52 8.03
C ASP A 218 -7.76 4.21 6.67
N ILE A 219 -8.99 4.45 6.23
CA ILE A 219 -9.18 5.11 4.96
C ILE A 219 -10.28 6.15 5.06
N THR A 220 -10.25 7.09 4.12
CA THR A 220 -11.33 8.04 3.92
C THR A 220 -11.91 7.71 2.55
N ALA A 221 -13.24 7.58 2.46
CA ALA A 221 -13.88 7.17 1.20
C ALA A 221 -15.38 7.47 1.23
N GLY A 222 -15.94 7.69 0.05
CA GLY A 222 -17.38 7.91 -0.08
C GLY A 222 -17.95 7.02 -1.16
N ILE A 223 -19.25 6.80 -1.11
CA ILE A 223 -19.93 5.98 -2.12
C ILE A 223 -21.25 6.65 -2.49
N VAL A 224 -21.58 6.63 -3.78
CA VAL A 224 -22.94 6.96 -4.23
C VAL A 224 -23.52 5.74 -4.95
N VAL A 225 -24.78 5.41 -4.63
CA VAL A 225 -25.47 4.33 -5.34
C VAL A 225 -26.86 4.83 -5.76
N GLY A 226 -27.26 4.51 -6.98
CA GLY A 226 -28.60 4.81 -7.45
C GLY A 226 -28.76 4.30 -8.86
N SER A 227 -29.63 4.96 -9.62
CA SER A 227 -29.90 4.58 -11.01
C SER A 227 -28.68 4.87 -11.88
N GLN A 228 -28.53 4.06 -12.94
CA GLN A 228 -27.46 4.23 -13.91
C GLN A 228 -27.42 5.69 -14.42
N ALA A 229 -28.59 6.25 -14.69
CA ALA A 229 -28.67 7.58 -15.29
C ALA A 229 -28.14 8.62 -14.30
N LEU A 230 -28.59 8.54 -13.05
CA LEU A 230 -28.15 9.54 -12.06
C LEU A 230 -26.69 9.38 -11.67
N VAL A 231 -26.28 8.13 -11.47
CA VAL A 231 -24.89 7.85 -11.11
C VAL A 231 -23.93 8.25 -12.23
N ASP A 232 -24.29 7.99 -13.49
CA ASP A 232 -23.45 8.40 -14.63
C ASP A 232 -23.27 9.92 -14.65
N ARG A 233 -24.37 10.64 -14.46
CA ARG A 233 -24.34 12.10 -14.44
C ARG A 233 -23.42 12.65 -13.34
N ILE A 234 -23.51 12.05 -12.16
CA ILE A 234 -22.70 12.45 -10.99
C ILE A 234 -21.22 12.16 -11.26
N ARG A 235 -20.96 10.99 -11.85
CA ARG A 235 -19.61 10.62 -12.27
C ARG A 235 -19.05 11.67 -13.24
N LEU A 236 -19.81 11.97 -14.30
CA LEU A 236 -19.31 12.81 -15.39
C LEU A 236 -19.38 14.33 -15.16
N GLN A 237 -20.12 14.77 -14.15
CA GLN A 237 -20.24 16.18 -13.84
C GLN A 237 -19.71 16.45 -12.42
N GLY A 238 -20.42 15.97 -11.41
CA GLY A 238 -19.99 16.15 -10.02
C GLY A 238 -18.52 15.77 -9.77
N LEU A 239 -18.18 14.49 -10.00
CA LEU A 239 -16.84 13.99 -9.75
C LEU A 239 -15.82 14.56 -10.75
N LYS A 240 -16.06 14.34 -12.04
CA LYS A 240 -15.03 14.63 -13.05
C LYS A 240 -14.67 16.13 -13.10
N ASP A 241 -15.68 16.99 -12.98
CA ASP A 241 -15.49 18.42 -13.19
C ASP A 241 -15.59 19.31 -11.96
N MET A 242 -16.49 18.97 -11.03
CA MET A 242 -16.84 19.91 -9.97
C MET A 242 -16.19 19.68 -8.62
N THR A 243 -15.71 18.45 -8.37
CA THR A 243 -15.01 18.17 -7.11
C THR A 243 -13.62 17.57 -7.25
N GLY A 244 -13.41 16.74 -8.26
CA GLY A 244 -12.15 15.98 -8.40
C GLY A 244 -11.85 15.09 -7.20
N ALA A 245 -12.89 14.62 -6.53
CA ALA A 245 -12.77 13.76 -5.32
C ALA A 245 -12.49 12.28 -5.65
N VAL A 246 -11.32 12.04 -6.24
CA VAL A 246 -10.93 10.73 -6.75
C VAL A 246 -10.49 9.79 -5.63
N LEU A 247 -11.09 8.60 -5.55
CA LEU A 247 -10.67 7.60 -4.55
C LEU A 247 -9.43 6.89 -5.06
N SER A 248 -8.39 6.81 -4.23
CA SER A 248 -7.20 5.98 -4.50
C SER A 248 -7.55 4.48 -4.70
N PRO A 249 -6.99 3.84 -5.75
CA PRO A 249 -7.30 2.42 -5.90
C PRO A 249 -6.81 1.59 -4.71
N HIS A 250 -5.72 2.03 -4.09
CA HIS A 250 -5.22 1.36 -2.91
C HIS A 250 -6.29 1.39 -1.81
N ASP A 251 -6.91 2.54 -1.64
CA ASP A 251 -7.93 2.70 -0.57
C ASP A 251 -9.24 1.98 -0.92
N ALA A 252 -9.57 1.96 -2.21
CA ALA A 252 -10.74 1.21 -2.66
C ALA A 252 -10.54 -0.27 -2.38
N ALA A 253 -9.31 -0.75 -2.53
CA ALA A 253 -9.03 -2.16 -2.25
C ALA A 253 -9.19 -2.45 -0.76
N LEU A 254 -8.73 -1.53 0.09
CA LEU A 254 -8.92 -1.67 1.53
C LEU A 254 -10.40 -1.62 1.89
N LEU A 255 -11.15 -0.74 1.21
CA LEU A 255 -12.60 -0.64 1.45
C LEU A 255 -13.26 -2.00 1.15
N MET A 256 -12.92 -2.59 -0.02
CA MET A 256 -13.46 -3.90 -0.40
C MET A 256 -13.09 -4.99 0.60
N ARG A 257 -11.87 -4.91 1.14
CA ARG A 257 -11.44 -5.80 2.18
C ARG A 257 -12.34 -5.69 3.42
N GLY A 258 -12.58 -4.47 3.89
CA GLY A 258 -13.51 -4.19 4.99
C GLY A 258 -14.92 -4.70 4.76
N ILE A 259 -15.42 -4.55 3.54
CA ILE A 259 -16.78 -4.95 3.18
C ILE A 259 -16.97 -6.46 3.30
N LYS A 260 -15.89 -7.24 3.14
CA LYS A 260 -15.96 -8.72 3.27
C LYS A 260 -16.37 -9.20 4.67
N THR A 261 -16.17 -8.36 5.69
CA THR A 261 -16.62 -8.69 7.04
C THR A 261 -17.76 -7.81 7.53
N LEU A 262 -18.36 -7.01 6.63
CA LEU A 262 -19.40 -6.04 7.06
C LEU A 262 -20.51 -6.67 7.91
N ASN A 263 -21.03 -7.82 7.47
CA ASN A 263 -22.16 -8.46 8.16
C ASN A 263 -21.76 -8.88 9.58
N LEU A 264 -20.55 -9.40 9.72
CA LEU A 264 -20.04 -9.90 11.01
C LEU A 264 -19.73 -8.76 11.97
N ARG A 265 -19.13 -7.67 11.45
CA ARG A 265 -18.82 -6.50 12.28
C ARG A 265 -20.09 -5.78 12.75
N MET A 266 -20.99 -5.49 11.81
CA MET A 266 -22.29 -4.93 12.15
C MET A 266 -23.07 -5.74 13.18
N ASP A 267 -23.10 -7.08 13.02
CA ASP A 267 -23.73 -7.94 14.04
C ASP A 267 -23.17 -7.68 15.44
N ARG A 268 -21.84 -7.60 15.51
CA ARG A 268 -21.16 -7.38 16.78
C ARG A 268 -21.31 -5.93 17.27
N HIS A 269 -21.17 -4.94 16.39
CA HIS A 269 -21.44 -3.56 16.78
C HIS A 269 -22.82 -3.44 17.45
N CYS A 270 -23.83 -4.03 16.79
CA CYS A 270 -25.22 -3.97 17.27
C CYS A 270 -25.45 -4.76 18.59
N ALA A 271 -24.86 -5.94 18.70
CA ALA A 271 -25.03 -6.76 19.90
C ALA A 271 -24.37 -6.07 21.09
N ASN A 272 -23.16 -5.52 20.89
CA ASN A 272 -22.46 -4.77 21.93
C ASN A 272 -23.25 -3.54 22.40
N ALA A 273 -23.74 -2.74 21.44
CA ALA A 273 -24.46 -1.50 21.75
C ALA A 273 -25.79 -1.77 22.47
N GLN A 274 -26.49 -2.83 22.04
CA GLN A 274 -27.68 -3.31 22.74
C GLN A 274 -27.36 -3.62 24.21
N VAL A 275 -26.29 -4.38 24.47
CA VAL A 275 -25.88 -4.64 25.85
C VAL A 275 -25.53 -3.34 26.61
N LEU A 276 -24.73 -2.44 26.01
CA LEU A 276 -24.36 -1.19 26.69
C LEU A 276 -25.56 -0.30 26.98
N ALA A 277 -26.48 -0.23 26.02
CA ALA A 277 -27.65 0.63 26.14
C ALA A 277 -28.58 0.17 27.28
N GLU A 278 -28.76 -1.13 27.39
CA GLU A 278 -29.57 -1.71 28.47
C GLU A 278 -28.90 -1.51 29.81
N PHE A 279 -27.58 -1.64 29.86
CA PHE A 279 -26.82 -1.37 31.08
C PHE A 279 -26.93 0.11 31.47
N LEU A 280 -26.74 1.00 30.49
CA LEU A 280 -26.78 2.45 30.73
C LEU A 280 -28.16 2.95 31.14
N ALA A 281 -29.21 2.33 30.62
CA ALA A 281 -30.58 2.71 30.96
C ALA A 281 -30.88 2.49 32.44
N ARG A 282 -30.07 1.66 33.09
CA ARG A 282 -30.32 1.30 34.48
C ARG A 282 -29.32 1.93 35.46
N GLN A 283 -28.44 2.79 34.97
CA GLN A 283 -27.43 3.40 35.85
C GLN A 283 -27.93 4.73 36.40
N PRO A 284 -27.74 4.97 37.72
CA PRO A 284 -28.19 6.18 38.42
C PRO A 284 -27.73 7.50 37.79
N GLN A 285 -26.49 7.56 37.31
CA GLN A 285 -25.94 8.82 36.75
C GLN A 285 -26.57 9.21 35.41
N VAL A 286 -27.19 8.25 34.74
CA VAL A 286 -27.79 8.49 33.43
C VAL A 286 -29.22 8.99 33.58
N GLU A 287 -29.48 10.19 33.07
CA GLU A 287 -30.82 10.76 33.11
C GLU A 287 -31.66 10.31 31.92
N LEU A 288 -31.00 10.19 30.77
CA LEU A 288 -31.69 9.91 29.52
C LEU A 288 -30.76 9.12 28.60
N ILE A 289 -31.30 8.11 27.92
CA ILE A 289 -30.56 7.39 26.87
C ILE A 289 -31.39 7.28 25.58
N HIS A 290 -30.75 7.56 24.45
CA HIS A 290 -31.35 7.32 23.15
C HIS A 290 -30.64 6.18 22.43
N TYR A 291 -31.29 5.04 22.33
CA TYR A 291 -30.79 3.97 21.51
C TYR A 291 -31.97 3.35 20.78
N PRO A 292 -31.88 3.19 19.44
CA PRO A 292 -33.01 2.72 18.64
C PRO A 292 -33.49 1.32 19.04
N GLY A 293 -32.67 0.56 19.76
CA GLY A 293 -33.09 -0.76 20.25
C GLY A 293 -33.87 -0.78 21.56
N LEU A 294 -34.06 0.38 22.20
CA LEU A 294 -34.87 0.48 23.43
C LEU A 294 -36.26 1.05 23.15
N ALA A 295 -37.26 0.54 23.87
CA ALA A 295 -38.64 0.98 23.68
C ALA A 295 -38.83 2.44 24.07
N SER A 296 -37.95 2.93 24.93
CA SER A 296 -37.91 4.34 25.27
C SER A 296 -37.51 5.24 24.10
N PHE A 297 -36.97 4.65 23.02
CA PHE A 297 -36.53 5.47 21.88
C PHE A 297 -37.75 6.13 21.26
N PRO A 298 -37.70 7.46 21.06
CA PRO A 298 -38.89 8.19 20.56
C PRO A 298 -39.49 7.65 19.27
N GLN A 299 -38.64 7.15 18.36
CA GLN A 299 -39.12 6.59 17.09
C GLN A 299 -38.83 5.09 17.04
N TYR A 300 -39.11 4.43 18.17
CA TYR A 300 -38.90 2.98 18.31
C TYR A 300 -39.52 2.17 17.17
N THR A 301 -40.78 2.44 16.83
CA THR A 301 -41.44 1.62 15.78
C THR A 301 -40.95 1.89 14.35
N LEU A 302 -40.58 3.12 14.05
CA LEU A 302 -40.03 3.43 12.72
C LEU A 302 -38.66 2.74 12.57
N ALA A 303 -37.86 2.76 13.64
CA ALA A 303 -36.57 2.06 13.71
C ALA A 303 -36.71 0.57 13.43
N ARG A 304 -37.63 -0.08 14.13
CA ARG A 304 -37.91 -1.51 13.95
C ARG A 304 -38.41 -1.79 12.55
N GLN A 305 -39.17 -0.85 12.01
CA GLN A 305 -39.74 -1.01 10.68
C GLN A 305 -38.69 -0.93 9.58
N GLN A 306 -37.74 0.00 9.65
CA GLN A 306 -36.82 0.14 8.51
C GLN A 306 -35.38 -0.29 8.71
N MET A 307 -34.97 -0.52 9.95
CA MET A 307 -33.63 -1.02 10.23
C MET A 307 -33.71 -2.47 10.69
N SER A 308 -32.94 -3.36 10.08
CA SER A 308 -32.98 -4.77 10.51
C SER A 308 -32.37 -4.99 11.90
N GLN A 309 -31.49 -4.08 12.33
CA GLN A 309 -30.90 -4.11 13.68
C GLN A 309 -30.72 -2.66 14.10
N PRO A 310 -30.62 -2.39 15.43
CA PRO A 310 -30.65 -0.99 15.86
C PRO A 310 -29.37 -0.16 15.81
N GLY A 311 -28.27 -0.69 15.26
CA GLY A 311 -27.07 0.14 15.09
C GLY A 311 -26.05 0.05 16.21
N GLY A 312 -24.92 0.74 16.03
CA GLY A 312 -23.86 0.72 17.04
C GLY A 312 -23.62 2.09 17.70
N MET A 313 -24.57 3.00 17.53
CA MET A 313 -24.43 4.34 18.08
C MET A 313 -25.37 4.47 19.29
N ILE A 314 -24.86 5.03 20.37
CA ILE A 314 -25.69 5.35 21.52
C ILE A 314 -25.48 6.82 21.86
N ALA A 315 -26.57 7.53 22.17
CA ALA A 315 -26.46 8.86 22.77
C ALA A 315 -27.20 8.86 24.10
N PHE A 316 -26.59 9.46 25.12
CA PHE A 316 -27.18 9.54 26.45
C PHE A 316 -26.78 10.81 27.20
N GLU A 317 -27.57 11.16 28.21
CA GLU A 317 -27.36 12.37 29.02
C GLU A 317 -26.98 12.01 30.45
N LEU A 318 -25.88 12.61 30.92
CA LEU A 318 -25.42 12.39 32.28
C LEU A 318 -26.04 13.41 33.23
N LYS A 319 -26.27 12.98 34.48
CA LYS A 319 -26.68 13.90 35.54
C LYS A 319 -25.45 14.70 36.01
N GLY A 320 -25.53 16.02 35.86
CA GLY A 320 -24.44 16.92 36.26
C GLY A 320 -24.04 17.92 35.19
N GLY A 321 -24.69 17.83 34.02
CA GLY A 321 -24.42 18.73 32.90
C GLY A 321 -22.97 18.78 32.43
N ILE A 322 -22.65 19.80 31.63
CA ILE A 322 -21.31 19.97 31.02
C ILE A 322 -20.15 19.47 31.88
N GLY A 323 -20.23 19.70 33.19
CA GLY A 323 -19.23 19.23 34.12
C GLY A 323 -19.09 17.72 34.05
N ALA A 324 -20.13 17.00 34.46
CA ALA A 324 -20.10 15.54 34.56
C ALA A 324 -19.60 14.83 33.28
N GLY A 325 -19.92 15.41 32.12
CA GLY A 325 -19.41 14.93 30.84
C GLY A 325 -17.89 14.88 30.80
N ARG A 326 -17.26 16.05 30.98
CA ARG A 326 -15.80 16.16 31.05
C ARG A 326 -15.17 15.09 31.94
N ARG A 327 -15.81 14.87 33.09
CA ARG A 327 -15.30 13.94 34.08
C ARG A 327 -15.45 12.47 33.65
N PHE A 328 -16.58 12.17 33.00
CA PHE A 328 -16.84 10.84 32.44
C PHE A 328 -15.81 10.56 31.35
N MET A 329 -15.69 11.51 30.42
CA MET A 329 -14.82 11.39 29.25
C MET A 329 -13.37 11.19 29.63
N ASN A 330 -12.84 12.07 30.47
CA ASN A 330 -11.44 11.99 30.90
C ASN A 330 -11.13 10.71 31.63
N ALA A 331 -12.16 10.12 32.24
CA ALA A 331 -11.99 8.86 32.96
C ALA A 331 -11.90 7.60 32.07
N LEU A 332 -12.40 7.66 30.84
CA LEU A 332 -12.43 6.48 29.96
C LEU A 332 -11.03 5.94 29.67
N GLN A 333 -10.84 4.64 29.85
CA GLN A 333 -9.55 3.98 29.64
C GLN A 333 -9.52 3.12 28.37
N LEU A 334 -10.69 2.68 27.90
CA LEU A 334 -10.78 1.77 26.74
C LEU A 334 -11.44 2.44 25.54
N PHE A 335 -12.61 3.07 25.76
CA PHE A 335 -13.16 4.01 24.80
C PHE A 335 -12.13 5.14 24.57
N SER A 336 -12.03 5.61 23.32
CA SER A 336 -11.15 6.73 22.99
C SER A 336 -11.98 7.98 22.79
N ARG A 337 -11.38 9.12 23.13
CA ARG A 337 -11.97 10.43 22.91
C ARG A 337 -11.62 10.84 21.49
N ALA A 338 -12.63 10.80 20.63
CA ALA A 338 -12.45 11.02 19.21
C ALA A 338 -13.82 11.27 18.62
N VAL A 339 -13.85 11.99 17.52
CA VAL A 339 -15.09 12.24 16.80
C VAL A 339 -15.07 11.48 15.48
N SER A 340 -15.65 10.29 15.47
CA SER A 340 -15.85 9.50 14.26
C SER A 340 -16.72 8.38 14.73
N LEU A 341 -16.92 7.38 13.88
CA LEU A 341 -17.76 6.25 14.22
C LEU A 341 -17.48 5.06 13.32
N GLY A 342 -17.97 3.90 13.73
CA GLY A 342 -17.86 2.70 12.91
C GLY A 342 -16.48 2.11 12.81
N ASP A 343 -15.59 2.42 13.76
CA ASP A 343 -14.27 1.75 13.81
C ASP A 343 -14.35 0.49 14.67
N ALA A 344 -13.37 -0.40 14.55
CA ALA A 344 -13.28 -1.54 15.48
C ALA A 344 -13.10 -1.06 16.91
N GLU A 345 -12.43 0.09 17.08
CA GLU A 345 -12.21 0.73 18.37
C GLU A 345 -13.43 1.52 18.78
N SER A 346 -13.84 1.39 20.03
CA SER A 346 -14.94 2.15 20.61
C SER A 346 -14.57 3.62 20.81
N LEU A 347 -15.45 4.51 20.38
CA LEU A 347 -15.19 5.95 20.46
C LEU A 347 -16.27 6.64 21.27
N ALA A 348 -15.89 7.73 21.94
CA ALA A 348 -16.83 8.55 22.70
C ALA A 348 -16.53 10.03 22.47
N GLN A 349 -17.59 10.81 22.31
CA GLN A 349 -17.48 12.27 22.25
C GLN A 349 -18.51 12.95 23.16
N HIS A 350 -18.12 14.08 23.73
CA HIS A 350 -18.97 14.91 24.58
C HIS A 350 -18.95 16.31 23.97
N PRO A 351 -19.87 16.58 23.03
CA PRO A 351 -19.80 17.77 22.19
C PRO A 351 -19.70 19.08 22.96
N ALA A 352 -20.33 19.14 24.13
CA ALA A 352 -20.30 20.32 24.98
C ALA A 352 -18.88 20.76 25.35
N SER A 353 -18.01 19.79 25.61
CA SER A 353 -16.63 20.09 26.02
C SER A 353 -15.60 19.67 24.97
N MET A 354 -16.07 19.43 23.75
CA MET A 354 -15.20 19.02 22.65
C MET A 354 -15.53 19.80 21.38
N THR A 355 -16.39 19.24 20.53
CA THR A 355 -16.72 19.86 19.24
C THR A 355 -17.38 21.23 19.38
N HIS A 356 -18.31 21.36 20.33
CA HIS A 356 -19.09 22.58 20.49
C HIS A 356 -18.69 23.35 21.77
N SER A 357 -17.43 23.21 22.14
CA SER A 357 -16.91 23.80 23.39
C SER A 357 -16.65 25.31 23.31
N SER A 358 -16.59 25.85 22.10
CA SER A 358 -16.39 27.30 21.92
C SER A 358 -17.66 28.09 22.25
N TYR A 359 -18.81 27.44 22.11
CA TYR A 359 -20.09 28.03 22.47
C TYR A 359 -20.27 28.06 24.00
N THR A 360 -21.22 28.86 24.47
CA THR A 360 -21.56 28.92 25.91
C THR A 360 -22.77 28.01 26.22
N PRO A 361 -23.00 27.71 27.52
CA PRO A 361 -24.12 26.86 27.95
C PRO A 361 -25.45 27.13 27.24
N GLU A 362 -25.73 28.40 26.96
CA GLU A 362 -26.97 28.85 26.33
C GLU A 362 -27.13 28.39 24.88
N GLU A 363 -26.01 28.37 24.15
CA GLU A 363 -26.02 28.37 22.69
C GLU A 363 -26.23 27.02 22.01
N ARG A 364 -25.95 25.93 22.73
CA ARG A 364 -26.01 24.59 22.17
C ARG A 364 -27.46 24.14 21.92
N ALA A 365 -28.38 24.68 22.72
CA ALA A 365 -29.82 24.50 22.52
C ALA A 365 -30.25 25.05 21.16
N HIS A 366 -31.45 24.64 20.73
CA HIS A 366 -31.98 24.90 19.38
C HIS A 366 -31.07 24.53 18.19
N TYR A 367 -30.11 23.64 18.47
CA TYR A 367 -29.37 22.88 17.45
C TYR A 367 -29.41 21.39 17.79
N GLY A 368 -30.02 21.07 18.94
CA GLY A 368 -30.23 19.69 19.38
C GLY A 368 -29.07 19.09 20.13
N ILE A 369 -28.47 19.88 21.02
CA ILE A 369 -27.27 19.47 21.76
C ILE A 369 -27.40 19.82 23.25
N SER A 370 -27.54 18.79 24.07
CA SER A 370 -27.61 18.95 25.52
C SER A 370 -26.25 19.29 26.11
N GLU A 371 -26.25 19.60 27.41
CA GLU A 371 -25.02 19.89 28.15
C GLU A 371 -24.30 18.64 28.61
N GLY A 372 -25.07 17.58 28.85
CA GLY A 372 -24.51 16.29 29.28
C GLY A 372 -24.61 15.22 28.21
N LEU A 373 -24.90 15.63 26.98
CA LEU A 373 -25.02 14.73 25.83
C LEU A 373 -23.67 14.12 25.48
N VAL A 374 -23.52 12.82 25.75
CA VAL A 374 -22.38 12.07 25.23
C VAL A 374 -22.83 11.07 24.15
N ARG A 375 -22.04 10.99 23.08
CA ARG A 375 -22.31 10.08 21.96
C ARG A 375 -21.28 8.95 21.96
N LEU A 376 -21.76 7.73 21.79
CA LEU A 376 -20.88 6.57 21.76
C LEU A 376 -20.94 5.88 20.41
N SER A 377 -19.76 5.61 19.87
CA SER A 377 -19.64 4.67 18.77
C SER A 377 -19.11 3.38 19.36
N VAL A 378 -20.00 2.40 19.53
CA VAL A 378 -19.64 1.19 20.23
C VAL A 378 -18.87 0.29 19.25
N GLY A 379 -17.65 -0.08 19.65
CA GLY A 379 -16.77 -0.86 18.81
C GLY A 379 -16.93 -2.36 18.97
N LEU A 380 -15.84 -3.07 18.74
CA LEU A 380 -15.88 -4.53 18.55
C LEU A 380 -15.21 -5.27 19.70
N GLU A 381 -14.73 -4.52 20.69
CA GLU A 381 -14.12 -5.07 21.89
C GLU A 381 -15.06 -5.98 22.69
N ASP A 382 -14.48 -6.84 23.51
CA ASP A 382 -15.23 -7.63 24.49
C ASP A 382 -16.22 -6.74 25.28
N ILE A 383 -17.49 -7.12 25.24
CA ILE A 383 -18.53 -6.33 25.92
C ILE A 383 -18.23 -6.11 27.42
N ASP A 384 -17.69 -7.11 28.09
CA ASP A 384 -17.36 -7.00 29.52
C ASP A 384 -16.32 -5.95 29.82
N ASP A 385 -15.37 -5.73 28.91
CA ASP A 385 -14.38 -4.67 29.09
C ASP A 385 -15.01 -3.29 28.88
N LEU A 386 -15.88 -3.20 27.89
CA LEU A 386 -16.62 -1.98 27.58
C LEU A 386 -17.56 -1.63 28.74
N LEU A 387 -18.28 -2.63 29.24
CA LEU A 387 -19.15 -2.43 30.42
C LEU A 387 -18.33 -1.87 31.59
N ALA A 388 -17.24 -2.56 31.93
CA ALA A 388 -16.33 -2.14 33.01
C ALA A 388 -15.81 -0.70 32.83
N ASP A 389 -15.36 -0.38 31.62
CA ASP A 389 -14.86 0.96 31.35
C ASP A 389 -15.93 2.04 31.56
N VAL A 390 -17.14 1.81 31.05
CA VAL A 390 -18.22 2.76 31.22
C VAL A 390 -18.62 2.87 32.71
N GLN A 391 -18.73 1.73 33.38
CA GLN A 391 -19.10 1.65 34.80
C GLN A 391 -18.19 2.48 35.69
N GLN A 392 -16.88 2.26 35.50
CA GLN A 392 -15.82 2.99 36.20
C GLN A 392 -15.84 4.49 35.87
N ALA A 393 -16.10 4.83 34.61
CA ALA A 393 -16.18 6.24 34.20
C ALA A 393 -17.43 6.98 34.71
N LEU A 394 -18.53 6.25 34.86
CA LEU A 394 -19.77 6.79 35.44
C LEU A 394 -19.53 7.18 36.90
N LYS A 395 -18.85 6.29 37.62
CA LYS A 395 -18.45 6.50 39.02
C LYS A 395 -17.64 7.79 39.20
N ALA A 396 -16.65 7.99 38.33
CA ALA A 396 -15.81 9.18 38.36
C ALA A 396 -16.56 10.46 37.97
N SER A 397 -17.67 10.30 37.25
CA SER A 397 -18.47 11.44 36.79
C SER A 397 -19.43 11.95 37.86
N ALA A 398 -19.65 11.13 38.89
CA ALA A 398 -20.65 11.41 39.92
C ALA A 398 -20.21 12.54 40.84
N LEU B 7 20.48 28.42 3.25
CA LEU B 7 19.26 27.97 2.52
C LEU B 7 19.58 26.82 1.55
N PRO B 8 19.21 25.58 1.93
CA PRO B 8 19.57 24.40 1.13
C PRO B 8 19.05 24.45 -0.31
N GLY B 9 19.73 23.74 -1.20
CA GLY B 9 19.37 23.70 -2.62
C GLY B 9 18.07 22.94 -2.86
N PHE B 10 17.55 23.07 -4.08
CA PHE B 10 16.29 22.47 -4.44
C PHE B 10 16.25 20.95 -4.17
N ALA B 11 17.28 20.24 -4.59
CA ALA B 11 17.34 18.78 -4.46
C ALA B 11 17.40 18.35 -2.99
N THR B 12 18.17 19.09 -2.20
CA THR B 12 18.24 18.86 -0.75
C THR B 12 16.85 19.01 -0.11
N ARG B 13 16.14 20.06 -0.48
CA ARG B 13 14.82 20.34 0.10
C ARG B 13 13.77 19.31 -0.36
N ALA B 14 13.85 18.91 -1.62
CA ALA B 14 12.94 17.90 -2.18
C ALA B 14 13.05 16.55 -1.47
N ILE B 15 14.20 16.31 -0.85
CA ILE B 15 14.44 15.06 -0.12
C ILE B 15 14.18 15.19 1.40
N HIS B 16 14.57 16.32 1.98
CA HIS B 16 14.61 16.46 3.44
C HIS B 16 13.63 17.45 4.06
N HIS B 17 13.19 18.46 3.32
CA HIS B 17 12.53 19.58 3.98
C HIS B 17 11.33 19.15 4.83
N GLY B 18 11.30 19.61 6.08
CA GLY B 18 10.18 19.40 7.02
C GLY B 18 10.30 18.16 7.88
N TYR B 19 11.30 17.33 7.62
CA TYR B 19 11.41 16.04 8.33
C TYR B 19 12.77 15.80 8.98
N ASP B 20 12.74 15.53 10.29
CA ASP B 20 13.92 15.07 11.03
C ASP B 20 13.65 13.67 11.59
N PRO B 21 14.37 12.65 11.11
CA PRO B 21 14.16 11.29 11.58
C PRO B 21 14.13 11.17 13.11
N GLN B 22 14.92 12.01 13.78
CA GLN B 22 15.02 11.97 15.24
C GLN B 22 13.70 12.25 15.96
N ASP B 23 12.75 12.84 15.24
CA ASP B 23 11.43 13.15 15.80
C ASP B 23 10.47 11.99 15.63
N HIS B 24 10.88 10.96 14.88
CA HIS B 24 10.01 9.81 14.63
C HIS B 24 10.76 8.50 14.82
N GLY B 25 11.40 8.36 15.98
CA GLY B 25 12.08 7.13 16.36
C GLY B 25 13.24 6.74 15.46
N GLY B 26 13.82 7.73 14.80
CA GLY B 26 14.92 7.51 13.87
C GLY B 26 14.55 7.06 12.46
N ALA B 27 13.25 6.96 12.15
CA ALA B 27 12.83 6.43 10.86
C ALA B 27 13.37 7.30 9.72
N LEU B 28 14.16 6.71 8.82
CA LEU B 28 14.72 7.49 7.71
C LEU B 28 13.60 8.03 6.82
N VAL B 29 12.68 7.14 6.45
CA VAL B 29 11.51 7.49 5.67
C VAL B 29 10.39 7.69 6.70
N PRO B 30 9.64 8.81 6.58
CA PRO B 30 8.57 9.11 7.52
C PRO B 30 7.47 8.03 7.52
N PRO B 31 7.03 7.59 8.70
CA PRO B 31 5.93 6.62 8.73
C PRO B 31 4.66 7.15 8.09
N VAL B 32 3.87 6.26 7.51
CA VAL B 32 2.66 6.63 6.80
C VAL B 32 1.45 6.61 7.75
N TYR B 33 0.84 7.78 7.93
CA TYR B 33 -0.32 7.94 8.80
C TYR B 33 -1.62 7.59 8.06
N GLN B 34 -1.77 6.32 7.73
CA GLN B 34 -2.97 5.79 7.12
C GLN B 34 -4.03 5.58 8.25
N THR B 35 -4.57 6.70 8.73
CA THR B 35 -5.56 6.71 9.79
C THR B 35 -6.58 7.78 9.41
N ALA B 36 -7.85 7.46 9.60
CA ALA B 36 -8.91 8.43 9.34
C ALA B 36 -9.12 9.38 10.52
N THR B 37 -8.97 8.87 11.74
CA THR B 37 -9.23 9.70 12.91
C THR B 37 -8.07 9.77 13.89
N PHE B 38 -8.07 10.84 14.67
CA PHE B 38 -7.09 11.09 15.72
C PHE B 38 -7.83 11.25 17.04
N THR B 39 -7.26 10.70 18.11
CA THR B 39 -7.86 10.76 19.46
C THR B 39 -7.20 11.82 20.32
N PHE B 40 -7.87 12.19 21.42
CA PHE B 40 -7.37 13.22 22.35
C PHE B 40 -7.11 12.69 23.76
N PRO B 41 -6.01 13.15 24.41
CA PRO B 41 -5.71 12.68 25.78
C PRO B 41 -6.73 13.21 26.80
N THR B 42 -7.31 14.38 26.53
CA THR B 42 -8.38 14.95 27.36
C THR B 42 -9.41 15.63 26.47
N VAL B 43 -10.60 15.88 27.03
CA VAL B 43 -11.60 16.72 26.37
C VAL B 43 -11.06 18.14 26.18
N GLU B 44 -10.20 18.57 27.11
CA GLU B 44 -9.55 19.88 27.05
C GLU B 44 -8.65 20.00 25.82
N TYR B 45 -7.78 19.01 25.62
CA TYR B 45 -6.98 18.92 24.41
C TYR B 45 -7.89 18.87 23.19
N GLY B 46 -8.99 18.12 23.31
CA GLY B 46 -10.02 18.07 22.27
C GLY B 46 -10.57 19.45 21.95
N ALA B 47 -10.97 20.18 23.00
CA ALA B 47 -11.55 21.52 22.88
C ALA B 47 -10.71 22.49 22.05
N ALA B 48 -9.40 22.48 22.31
CA ALA B 48 -8.45 23.39 21.66
C ALA B 48 -7.99 22.91 20.27
N CYS B 49 -8.80 22.06 19.65
CA CYS B 49 -8.58 21.61 18.27
C CYS B 49 -9.75 21.99 17.37
N PHE B 50 -10.97 21.99 17.92
CA PHE B 50 -12.17 22.40 17.20
C PHE B 50 -12.40 23.92 17.29
N ALA B 51 -11.46 24.59 17.95
CA ALA B 51 -11.33 26.05 17.91
C ALA B 51 -10.11 26.41 17.07
N GLY B 52 -8.99 25.73 17.31
CA GLY B 52 -7.83 25.75 16.41
C GLY B 52 -6.65 26.66 16.76
N GLU B 53 -6.27 26.71 18.03
CA GLU B 53 -5.12 27.52 18.46
C GLU B 53 -4.04 26.72 19.22
N GLN B 54 -4.30 25.42 19.40
CA GLN B 54 -3.30 24.45 19.84
C GLN B 54 -3.01 23.49 18.66
N ALA B 55 -1.75 23.48 18.20
CA ALA B 55 -1.37 22.71 17.02
C ALA B 55 -1.38 21.19 17.27
N GLY B 56 -2.21 20.49 16.50
CA GLY B 56 -2.38 19.04 16.59
C GLY B 56 -3.15 18.49 15.40
N HIS B 57 -3.96 17.46 15.65
CA HIS B 57 -4.78 16.81 14.61
C HIS B 57 -6.13 16.36 15.16
N PHE B 58 -7.14 16.35 14.28
CA PHE B 58 -8.45 15.77 14.64
C PHE B 58 -9.04 14.76 13.64
N TYR B 59 -8.87 15.04 12.34
CA TYR B 59 -9.50 14.25 11.29
C TYR B 59 -8.79 14.44 9.94
N SER B 60 -8.32 13.33 9.35
CA SER B 60 -7.51 13.33 8.12
C SER B 60 -8.09 14.09 6.91
N ARG B 61 -9.37 14.44 7.00
CA ARG B 61 -10.02 15.29 5.98
C ARG B 61 -9.59 16.75 6.07
N ILE B 62 -9.41 17.25 7.29
CA ILE B 62 -8.84 18.60 7.51
C ILE B 62 -7.30 18.62 7.51
N SER B 63 -6.67 17.82 8.40
CA SER B 63 -5.19 17.72 8.59
C SER B 63 -4.71 16.27 8.98
N ASN B 64 -3.44 15.94 8.69
CA ASN B 64 -2.83 14.57 8.80
C ASN B 64 -1.30 14.76 8.60
N PRO B 65 -0.44 14.19 9.47
CA PRO B 65 1.02 14.47 9.40
C PRO B 65 1.74 14.06 8.11
N THR B 66 1.29 13.01 7.45
CA THR B 66 1.86 12.64 6.15
C THR B 66 1.49 13.71 5.13
N LEU B 67 0.23 14.14 5.15
CA LEU B 67 -0.19 15.20 4.23
C LEU B 67 0.48 16.52 4.58
N ASN B 68 0.61 16.81 5.87
CA ASN B 68 1.26 18.04 6.31
C ASN B 68 2.69 18.13 5.82
N LEU B 69 3.40 17.02 5.87
CA LEU B 69 4.80 17.00 5.43
C LEU B 69 4.88 17.24 3.94
N LEU B 70 4.01 16.56 3.19
CA LEU B 70 3.90 16.77 1.74
C LEU B 70 3.65 18.25 1.41
N GLU B 71 2.75 18.87 2.16
CA GLU B 71 2.34 20.26 1.92
C GLU B 71 3.47 21.25 2.21
N ALA B 72 4.18 21.04 3.31
CA ALA B 72 5.37 21.88 3.65
C ALA B 72 6.47 21.75 2.60
N ARG B 73 6.71 20.52 2.19
CA ARG B 73 7.71 20.27 1.17
C ARG B 73 7.33 20.99 -0.12
N MET B 74 6.09 20.85 -0.58
CA MET B 74 5.68 21.54 -1.81
C MET B 74 5.74 23.06 -1.70
N ALA B 75 5.33 23.60 -0.54
CA ALA B 75 5.44 25.03 -0.26
C ALA B 75 6.88 25.52 -0.35
N SER B 76 7.80 24.81 0.29
CA SER B 76 9.22 25.14 0.17
C SER B 76 9.71 25.14 -1.28
N LEU B 77 9.32 24.14 -2.06
CA LEU B 77 9.80 24.04 -3.45
C LEU B 77 9.26 25.16 -4.34
N GLU B 78 7.98 25.51 -4.17
CA GLU B 78 7.42 26.65 -4.89
C GLU B 78 7.77 28.02 -4.26
N GLY B 79 8.41 28.02 -3.10
CA GLY B 79 8.70 29.27 -2.36
C GLY B 79 7.46 29.97 -1.82
N GLY B 80 6.49 29.20 -1.35
CA GLY B 80 5.23 29.79 -0.84
C GLY B 80 5.11 29.61 0.66
N GLU B 81 4.13 30.26 1.28
CA GLU B 81 3.92 30.12 2.73
C GLU B 81 3.34 28.76 3.16
N ALA B 82 2.38 28.25 2.38
CA ALA B 82 1.63 27.08 2.81
C ALA B 82 1.20 26.23 1.64
N GLY B 83 1.02 24.94 1.89
CA GLY B 83 0.55 24.01 0.88
C GLY B 83 -0.71 23.27 1.34
N LEU B 84 -1.45 22.75 0.36
CA LEU B 84 -2.60 21.87 0.56
C LEU B 84 -2.55 20.70 -0.42
N ALA B 85 -2.75 19.48 0.10
CA ALA B 85 -2.73 18.26 -0.69
C ALA B 85 -4.17 17.78 -0.93
N LEU B 86 -4.49 17.48 -2.18
CA LEU B 86 -5.85 17.07 -2.56
C LEU B 86 -5.85 15.82 -3.44
N ALA B 87 -7.04 15.25 -3.65
CA ALA B 87 -7.17 13.93 -4.28
C ALA B 87 -6.87 13.94 -5.77
N SER B 88 -6.79 15.13 -6.37
CA SER B 88 -6.51 15.27 -7.81
C SER B 88 -6.21 16.73 -8.13
N GLY B 89 -5.57 16.96 -9.27
CA GLY B 89 -5.46 18.28 -9.88
C GLY B 89 -6.82 18.97 -9.96
N MET B 90 -7.84 18.26 -10.43
CA MET B 90 -9.19 18.85 -10.47
C MET B 90 -9.67 19.25 -9.07
N GLY B 91 -9.33 18.43 -8.06
CA GLY B 91 -9.61 18.76 -6.66
C GLY B 91 -8.99 20.07 -6.19
N ALA B 92 -7.73 20.30 -6.55
CA ALA B 92 -7.02 21.53 -6.23
C ALA B 92 -7.67 22.74 -6.91
N ILE B 93 -8.06 22.56 -8.16
CA ILE B 93 -8.58 23.65 -8.99
C ILE B 93 -9.98 24.04 -8.51
N THR B 94 -10.83 23.04 -8.28
CA THR B 94 -12.21 23.28 -7.84
C THR B 94 -12.26 23.76 -6.39
N SER B 95 -11.45 23.18 -5.52
CA SER B 95 -11.38 23.65 -4.13
C SER B 95 -10.98 25.12 -4.04
N THR B 96 -10.01 25.51 -4.87
CA THR B 96 -9.53 26.89 -4.98
C THR B 96 -10.63 27.85 -5.45
N LEU B 97 -11.20 27.54 -6.61
CA LEU B 97 -12.14 28.44 -7.25
C LEU B 97 -13.50 28.49 -6.55
N TRP B 98 -13.93 27.38 -5.94
CA TRP B 98 -15.17 27.38 -5.16
C TRP B 98 -15.00 28.27 -3.93
N THR B 99 -13.78 28.34 -3.40
CA THR B 99 -13.51 29.16 -2.22
C THR B 99 -13.50 30.65 -2.60
N LEU B 100 -12.96 30.97 -3.77
CA LEU B 100 -12.62 32.36 -4.11
C LEU B 100 -13.73 33.11 -4.82
N LEU B 101 -14.68 32.38 -5.39
CA LEU B 101 -15.67 32.99 -6.23
C LEU B 101 -17.11 32.80 -5.71
N ARG B 102 -17.94 33.80 -5.95
CA ARG B 102 -19.38 33.76 -5.65
C ARG B 102 -20.18 34.33 -6.84
N PRO B 103 -21.52 34.14 -6.88
CA PRO B 103 -22.26 34.69 -8.03
C PRO B 103 -22.03 36.19 -8.20
N GLY B 104 -21.87 36.62 -9.46
CA GLY B 104 -21.57 38.01 -9.74
C GLY B 104 -20.09 38.31 -9.87
N ASP B 105 -19.24 37.50 -9.23
CA ASP B 105 -17.80 37.56 -9.46
C ASP B 105 -17.47 37.15 -10.90
N GLU B 106 -16.37 37.68 -11.42
CA GLU B 106 -15.89 37.31 -12.73
C GLU B 106 -14.51 36.68 -12.59
N VAL B 107 -14.26 35.66 -13.41
CA VAL B 107 -12.93 35.07 -13.48
C VAL B 107 -12.42 35.28 -14.91
N LEU B 108 -11.24 35.88 -15.02
CA LEU B 108 -10.56 36.03 -16.29
C LEU B 108 -9.67 34.82 -16.59
N LEU B 109 -9.84 34.26 -17.79
CA LEU B 109 -9.25 32.98 -18.15
C LEU B 109 -8.29 33.07 -19.32
N GLY B 110 -7.23 32.27 -19.26
CA GLY B 110 -6.37 32.08 -20.41
C GLY B 110 -7.20 31.51 -21.55
N ASN B 111 -6.80 31.84 -22.78
CA ASN B 111 -7.55 31.52 -23.98
C ASN B 111 -7.83 30.03 -24.17
N THR B 112 -6.91 29.18 -23.74
CA THR B 112 -7.14 27.74 -23.75
C THR B 112 -6.80 27.18 -22.39
N LEU B 113 -7.47 26.10 -22.03
CA LEU B 113 -7.30 25.45 -20.73
C LEU B 113 -7.41 23.96 -20.93
N TYR B 114 -6.74 23.22 -20.05
CA TYR B 114 -7.00 21.81 -19.85
C TYR B 114 -8.51 21.57 -19.95
N GLY B 115 -8.91 20.53 -20.69
CA GLY B 115 -10.32 20.27 -20.99
C GLY B 115 -11.25 20.20 -19.80
N HIS B 116 -10.87 19.47 -18.75
CA HIS B 116 -11.83 19.35 -17.63
C HIS B 116 -11.91 20.65 -16.82
N THR B 117 -10.85 21.47 -16.89
CA THR B 117 -10.90 22.79 -16.28
C THR B 117 -11.91 23.67 -17.03
N PHE B 118 -11.84 23.63 -18.36
CA PHE B 118 -12.83 24.30 -19.22
C PHE B 118 -14.25 23.85 -18.90
N ALA B 119 -14.47 22.54 -18.86
CA ALA B 119 -15.76 21.98 -18.47
C ALA B 119 -16.26 22.46 -17.08
N PHE B 120 -15.37 22.47 -16.09
CA PHE B 120 -15.72 22.96 -14.76
C PHE B 120 -16.18 24.41 -14.83
N LEU B 121 -15.34 25.26 -15.43
CA LEU B 121 -15.69 26.67 -15.54
C LEU B 121 -16.97 26.90 -16.34
N HIS B 122 -17.09 26.33 -17.52
CA HIS B 122 -18.24 26.60 -18.36
C HIS B 122 -19.53 25.87 -17.96
N HIS B 123 -19.43 24.62 -17.52
CA HIS B 123 -20.62 23.83 -17.24
C HIS B 123 -20.85 23.56 -15.76
N GLY B 124 -19.91 23.99 -14.93
CA GLY B 124 -19.99 23.82 -13.47
C GLY B 124 -20.20 25.18 -12.80
N ILE B 125 -19.13 25.74 -12.23
CA ILE B 125 -19.24 27.02 -11.49
C ILE B 125 -19.87 28.17 -12.32
N GLY B 126 -19.58 28.20 -13.62
CA GLY B 126 -20.21 29.17 -14.56
C GLY B 126 -21.73 29.13 -14.65
N GLU B 127 -22.31 27.98 -14.35
CA GLU B 127 -23.77 27.84 -14.34
C GLU B 127 -24.36 28.22 -12.99
N PHE B 128 -23.49 28.57 -12.05
CA PHE B 128 -23.96 29.07 -10.76
C PHE B 128 -23.81 30.60 -10.64
N GLY B 129 -23.87 31.31 -11.77
CA GLY B 129 -23.83 32.78 -11.77
C GLY B 129 -22.45 33.44 -11.69
N VAL B 130 -21.39 32.66 -11.77
CA VAL B 130 -20.05 33.24 -11.83
C VAL B 130 -19.77 33.58 -13.29
N LYS B 131 -19.20 34.76 -13.56
CA LYS B 131 -18.94 35.15 -14.95
C LYS B 131 -17.55 34.75 -15.44
N LEU B 132 -17.48 34.42 -16.73
CA LEU B 132 -16.27 33.94 -17.37
C LEU B 132 -15.94 34.84 -18.54
N ARG B 133 -14.66 35.20 -18.65
CA ARG B 133 -14.15 35.78 -19.88
C ARG B 133 -12.75 35.22 -20.18
N HIS B 134 -12.59 34.77 -21.41
CA HIS B 134 -11.28 34.32 -21.89
C HIS B 134 -10.55 35.50 -22.48
N VAL B 135 -9.26 35.62 -22.17
CA VAL B 135 -8.39 36.60 -22.81
C VAL B 135 -6.98 36.01 -22.96
N ASP B 136 -6.21 36.57 -23.88
CA ASP B 136 -4.83 36.16 -24.10
C ASP B 136 -3.93 36.75 -23.01
N MET B 137 -3.44 35.90 -22.11
CA MET B 137 -2.67 36.34 -20.95
C MET B 137 -1.23 36.80 -21.27
N ALA B 138 -0.88 36.83 -22.55
CA ALA B 138 0.40 37.39 -22.98
C ALA B 138 0.20 38.81 -23.52
N ASP B 139 -1.06 39.13 -23.84
CA ASP B 139 -1.45 40.46 -24.34
C ASP B 139 -1.89 41.34 -23.16
N LEU B 140 -0.92 42.00 -22.54
CA LEU B 140 -1.13 42.81 -21.36
C LEU B 140 -2.17 43.93 -21.51
N GLN B 141 -2.31 44.49 -22.72
CA GLN B 141 -3.31 45.54 -22.93
C GLN B 141 -4.72 44.99 -23.14
N ALA B 142 -4.83 43.84 -23.79
CA ALA B 142 -6.11 43.14 -23.85
C ALA B 142 -6.56 42.76 -22.44
N LEU B 143 -5.61 42.39 -21.58
CA LEU B 143 -5.92 41.98 -20.20
C LEU B 143 -6.46 43.14 -19.39
N GLU B 144 -5.72 44.26 -19.40
CA GLU B 144 -6.13 45.49 -18.71
C GLU B 144 -7.51 45.94 -19.16
N ALA B 145 -7.73 45.97 -20.47
CA ALA B 145 -9.04 46.32 -21.02
C ALA B 145 -10.13 45.34 -20.61
N ALA B 146 -9.77 44.09 -20.32
CA ALA B 146 -10.75 43.07 -19.92
C ALA B 146 -11.15 43.14 -18.43
N MET B 147 -10.34 43.81 -17.63
CA MET B 147 -10.61 43.95 -16.20
C MET B 147 -11.88 44.74 -15.91
N THR B 148 -12.68 44.22 -14.98
CA THR B 148 -13.90 44.89 -14.53
C THR B 148 -13.92 44.85 -12.98
N PRO B 149 -14.73 45.71 -12.35
CA PRO B 149 -14.94 45.62 -10.90
C PRO B 149 -15.32 44.23 -10.42
N ALA B 150 -16.01 43.47 -11.27
CA ALA B 150 -16.37 42.12 -10.90
C ALA B 150 -15.19 41.14 -10.93
N THR B 151 -14.07 41.51 -11.56
CA THR B 151 -12.93 40.59 -11.73
C THR B 151 -12.30 40.29 -10.37
N ARG B 152 -12.41 39.04 -9.95
CA ARG B 152 -11.87 38.67 -8.65
C ARG B 152 -10.74 37.67 -8.76
N VAL B 153 -10.70 36.91 -9.86
CA VAL B 153 -9.68 35.87 -10.05
C VAL B 153 -9.14 35.93 -11.47
N ILE B 154 -7.83 35.78 -11.62
CA ILE B 154 -7.22 35.56 -12.94
C ILE B 154 -6.60 34.17 -12.88
N TYR B 155 -6.95 33.34 -13.86
CA TYR B 155 -6.61 31.94 -13.83
C TYR B 155 -6.11 31.51 -15.19
N PHE B 156 -4.97 30.84 -15.21
CA PHE B 156 -4.44 30.32 -16.46
C PHE B 156 -3.32 29.31 -16.20
N GLU B 157 -2.94 28.61 -17.26
CA GLU B 157 -1.81 27.72 -17.26
C GLU B 157 -0.70 28.39 -18.05
N SER B 158 0.54 28.08 -17.72
CA SER B 158 1.69 28.57 -18.48
C SER B 158 2.88 27.63 -18.32
N PRO B 159 3.31 26.98 -19.42
CA PRO B 159 2.70 27.04 -20.75
C PRO B 159 1.33 26.36 -20.79
N ALA B 160 0.51 26.76 -21.76
CA ALA B 160 -0.85 26.23 -21.91
C ALA B 160 -1.00 25.34 -23.14
N ASN B 161 -1.72 24.22 -22.97
CA ASN B 161 -2.21 23.44 -24.11
C ASN B 161 -3.08 24.30 -25.02
N PRO B 162 -3.05 24.04 -26.34
CA PRO B 162 -2.33 22.97 -27.05
C PRO B 162 -1.09 23.43 -27.82
N ASN B 163 -0.80 24.72 -27.83
CA ASN B 163 0.35 25.25 -28.56
C ASN B 163 1.47 25.72 -27.64
N MET B 164 1.35 25.39 -26.36
CA MET B 164 2.32 25.80 -25.32
C MET B 164 2.43 27.33 -25.18
N HIS B 165 1.33 28.02 -25.45
CA HIS B 165 1.27 29.47 -25.27
C HIS B 165 1.64 29.88 -23.82
N MET B 166 2.47 30.90 -23.70
CA MET B 166 2.91 31.39 -22.39
C MET B 166 2.14 32.63 -22.00
N ALA B 167 2.10 32.85 -20.69
CA ALA B 167 1.56 34.06 -20.11
C ALA B 167 2.70 34.91 -19.57
N ASP B 168 2.51 36.21 -19.52
CA ASP B 168 3.44 37.08 -18.82
C ASP B 168 3.03 37.14 -17.35
N ILE B 169 3.54 36.24 -16.54
CA ILE B 169 3.07 36.10 -15.16
C ILE B 169 3.25 37.41 -14.40
N ALA B 170 4.47 37.98 -14.46
CA ALA B 170 4.79 39.23 -13.75
C ALA B 170 3.90 40.40 -14.20
N GLY B 171 3.65 40.49 -15.50
CA GLY B 171 2.81 41.54 -16.06
C GLY B 171 1.35 41.37 -15.64
N VAL B 172 0.88 40.13 -15.64
CA VAL B 172 -0.47 39.84 -15.16
C VAL B 172 -0.60 40.27 -13.69
N ALA B 173 0.35 39.87 -12.85
CA ALA B 173 0.33 40.20 -11.44
C ALA B 173 0.33 41.69 -11.16
N LYS B 174 1.12 42.45 -11.92
CA LYS B 174 1.09 43.92 -11.83
C LYS B 174 -0.32 44.47 -12.12
N ILE B 175 -0.96 43.97 -13.17
CA ILE B 175 -2.33 44.36 -13.50
C ILE B 175 -3.31 43.95 -12.40
N ALA B 176 -3.18 42.73 -11.90
CA ALA B 176 -4.08 42.21 -10.88
C ALA B 176 -4.05 43.03 -9.60
N ARG B 177 -2.86 43.50 -9.20
CA ARG B 177 -2.80 44.23 -7.93
C ARG B 177 -3.39 45.65 -7.97
N LYS B 178 -3.49 46.24 -9.16
CA LYS B 178 -4.25 47.49 -9.37
C LYS B 178 -5.72 47.29 -9.06
N HIS B 179 -6.17 46.05 -9.13
CA HIS B 179 -7.59 45.77 -8.97
C HIS B 179 -7.84 44.82 -7.81
N GLY B 180 -6.80 44.53 -7.04
CA GLY B 180 -6.92 43.62 -5.90
C GLY B 180 -7.20 42.16 -6.23
N ALA B 181 -7.16 41.80 -7.52
CA ALA B 181 -7.53 40.45 -7.99
C ALA B 181 -6.49 39.38 -7.63
N THR B 182 -6.96 38.15 -7.47
CA THR B 182 -6.13 37.00 -7.10
C THR B 182 -5.69 36.26 -8.34
N VAL B 183 -4.37 36.10 -8.49
CA VAL B 183 -3.82 35.40 -9.65
C VAL B 183 -3.49 33.95 -9.33
N VAL B 184 -4.15 33.04 -10.02
CA VAL B 184 -3.96 31.60 -9.85
C VAL B 184 -3.34 31.01 -11.12
N VAL B 185 -2.19 30.36 -10.94
CA VAL B 185 -1.47 29.75 -12.07
C VAL B 185 -1.40 28.24 -11.90
N ASP B 186 -1.85 27.52 -12.92
CA ASP B 186 -1.69 26.07 -12.97
C ASP B 186 -0.29 25.78 -13.51
N ASN B 187 0.58 25.32 -12.60
CA ASN B 187 2.00 25.13 -12.85
C ASN B 187 2.39 23.66 -13.08
N THR B 188 1.40 22.85 -13.46
CA THR B 188 1.58 21.42 -13.69
C THR B 188 2.73 21.07 -14.66
N TYR B 189 2.75 21.71 -15.83
CA TYR B 189 3.69 21.39 -16.88
C TYR B 189 5.15 21.65 -16.51
N CYS B 190 5.42 22.74 -15.80
CA CYS B 190 6.79 23.12 -15.44
C CYS B 190 7.30 22.46 -14.16
N THR B 191 6.41 22.32 -13.18
CA THR B 191 6.78 21.98 -11.80
C THR B 191 7.55 23.15 -11.16
N PRO B 192 7.68 23.14 -9.83
CA PRO B 192 8.45 24.18 -9.15
C PRO B 192 9.92 24.12 -9.52
N TYR B 193 10.35 22.99 -10.08
CA TYR B 193 11.74 22.85 -10.51
C TYR B 193 12.07 23.77 -11.69
N LEU B 194 11.11 24.00 -12.57
CA LEU B 194 11.35 24.75 -13.80
C LEU B 194 10.81 26.17 -13.78
N GLN B 195 9.74 26.39 -13.03
CA GLN B 195 9.11 27.70 -12.99
C GLN B 195 8.49 27.86 -11.61
N ARG B 196 8.60 29.05 -11.05
CA ARG B 196 8.01 29.34 -9.74
C ARG B 196 7.14 30.60 -9.76
N PRO B 197 5.85 30.46 -10.13
CA PRO B 197 4.96 31.61 -10.36
C PRO B 197 4.77 32.55 -9.17
N LEU B 198 4.85 32.03 -7.94
CA LEU B 198 4.72 32.87 -6.77
C LEU B 198 5.87 33.88 -6.68
N GLU B 199 7.04 33.47 -7.15
CA GLU B 199 8.22 34.34 -7.19
C GLU B 199 8.13 35.34 -8.33
N LEU B 200 7.22 35.11 -9.26
CA LEU B 200 6.94 36.11 -10.29
C LEU B 200 5.70 36.94 -9.95
N GLY B 201 5.12 36.73 -8.78
CA GLY B 201 4.01 37.58 -8.35
C GLY B 201 2.62 36.97 -8.29
N ALA B 202 2.49 35.70 -8.71
CA ALA B 202 1.19 35.00 -8.56
C ALA B 202 0.85 34.89 -7.07
N ASP B 203 -0.44 34.81 -6.76
CA ASP B 203 -0.88 34.59 -5.37
C ASP B 203 -0.97 33.11 -4.98
N LEU B 204 -1.34 32.28 -5.95
CA LEU B 204 -1.57 30.85 -5.71
C LEU B 204 -1.14 30.05 -6.92
N VAL B 205 -0.60 28.86 -6.69
CA VAL B 205 -0.33 27.89 -7.74
C VAL B 205 -1.05 26.58 -7.44
N VAL B 206 -1.56 25.96 -8.49
CA VAL B 206 -2.18 24.65 -8.42
C VAL B 206 -1.39 23.66 -9.29
N HIS B 207 -1.42 22.39 -8.91
CA HIS B 207 -0.74 21.32 -9.63
C HIS B 207 -1.62 20.12 -9.73
N SER B 208 -1.69 19.53 -10.92
CA SER B 208 -1.98 18.10 -11.00
C SER B 208 -0.69 17.36 -10.66
N ALA B 209 -0.52 16.96 -9.40
CA ALA B 209 0.62 16.15 -8.97
C ALA B 209 0.56 14.75 -9.57
N THR B 210 -0.59 14.36 -10.13
CA THR B 210 -0.73 13.14 -10.94
C THR B 210 0.32 13.04 -12.06
N1 LLP B 211 -4.21 20.80 -15.29
C2 LLP B 211 -3.30 20.27 -16.13
C2' LLP B 211 -2.45 21.15 -16.83
C3 LLP B 211 -3.24 18.87 -16.24
O3 LLP B 211 -2.29 18.38 -17.09
C4 LLP B 211 -4.08 17.98 -15.54
C4' LLP B 211 -3.99 16.55 -15.70
C5 LLP B 211 -5.06 18.55 -14.68
C6 LLP B 211 -5.10 19.95 -14.58
C5' LLP B 211 -6.03 17.81 -13.89
OP4 LLP B 211 -5.43 16.95 -12.91
P LLP B 211 -6.05 15.56 -12.35
OP1 LLP B 211 -5.01 15.27 -11.37
OP2 LLP B 211 -6.08 14.72 -13.54
OP3 LLP B 211 -7.41 15.92 -11.87
N LLP B 211 0.79 14.20 -12.52
CA LLP B 211 1.71 14.27 -13.68
CB LLP B 211 1.43 15.51 -14.55
CG LLP B 211 -0.08 15.77 -14.76
CD LLP B 211 -0.76 14.63 -15.52
CE LLP B 211 -2.29 14.83 -15.59
NZ LLP B 211 -2.76 16.01 -16.37
C LLP B 211 3.17 14.21 -13.17
O LLP B 211 3.55 13.27 -12.51
N TYR B 212 3.97 15.23 -13.49
CA TYR B 212 5.41 15.19 -13.22
C TYR B 212 5.81 15.01 -11.75
N LEU B 213 5.07 15.63 -10.83
CA LEU B 213 5.45 15.57 -9.41
C LEU B 213 5.54 14.12 -8.92
N SER B 214 4.50 13.33 -9.20
CA SER B 214 4.51 11.89 -8.95
C SER B 214 5.54 11.23 -9.88
N GLY B 215 5.46 11.55 -11.17
CA GLY B 215 6.45 11.09 -12.16
C GLY B 215 6.31 9.66 -12.69
N HIS B 216 5.48 8.86 -12.02
CA HIS B 216 5.47 7.42 -12.26
C HIS B 216 4.07 6.88 -12.59
N GLY B 217 3.10 7.75 -12.81
CA GLY B 217 1.83 7.33 -13.37
C GLY B 217 0.97 6.46 -12.47
N ASP B 218 1.28 6.40 -11.17
CA ASP B 218 0.56 5.50 -10.29
C ASP B 218 -0.38 6.14 -9.27
N ILE B 219 -0.43 7.46 -9.18
CA ILE B 219 -1.36 8.10 -8.22
C ILE B 219 -2.08 9.23 -8.88
N THR B 220 -3.25 9.57 -8.34
CA THR B 220 -3.93 10.80 -8.72
C THR B 220 -3.80 11.74 -7.53
N ALA B 221 -3.42 12.98 -7.76
CA ALA B 221 -3.18 13.93 -6.66
C ALA B 221 -3.14 15.36 -7.13
N GLY B 222 -3.50 16.29 -6.24
CA GLY B 222 -3.43 17.73 -6.50
C GLY B 222 -2.72 18.49 -5.40
N ILE B 223 -2.15 19.64 -5.76
CA ILE B 223 -1.49 20.51 -4.80
C ILE B 223 -1.91 21.98 -5.03
N VAL B 224 -2.13 22.69 -3.92
CA VAL B 224 -2.22 24.16 -3.92
C VAL B 224 -1.13 24.70 -3.02
N VAL B 225 -0.44 25.73 -3.48
CA VAL B 225 0.54 26.45 -2.68
C VAL B 225 0.29 27.96 -2.81
N GLY B 226 0.40 28.66 -1.68
CA GLY B 226 0.24 30.11 -1.62
C GLY B 226 0.35 30.65 -0.22
N SER B 227 -0.23 31.82 -0.01
CA SER B 227 -0.19 32.50 1.27
C SER B 227 -1.01 31.73 2.28
N GLN B 228 -0.63 31.86 3.55
CA GLN B 228 -1.27 31.11 4.62
C GLN B 228 -2.76 31.37 4.66
N ALA B 229 -3.14 32.64 4.58
CA ALA B 229 -4.54 33.03 4.71
C ALA B 229 -5.42 32.46 3.59
N LEU B 230 -4.95 32.50 2.34
CA LEU B 230 -5.74 31.93 1.23
C LEU B 230 -5.79 30.40 1.33
N VAL B 231 -4.64 29.77 1.53
CA VAL B 231 -4.57 28.32 1.66
C VAL B 231 -5.46 27.81 2.81
N ASP B 232 -5.44 28.51 3.95
CA ASP B 232 -6.27 28.14 5.10
C ASP B 232 -7.74 28.07 4.71
N ARG B 233 -8.21 29.09 3.99
CA ARG B 233 -9.60 29.14 3.57
C ARG B 233 -9.93 28.07 2.56
N ILE B 234 -8.98 27.73 1.68
CA ILE B 234 -9.22 26.69 0.68
C ILE B 234 -9.32 25.33 1.36
N ARG B 235 -8.50 25.12 2.39
CA ARG B 235 -8.54 23.93 3.24
C ARG B 235 -9.89 23.82 3.96
N LEU B 236 -10.28 24.90 4.61
CA LEU B 236 -11.43 24.85 5.52
C LEU B 236 -12.76 25.04 4.82
N GLN B 237 -12.73 25.56 3.60
CA GLN B 237 -13.97 25.75 2.87
C GLN B 237 -14.00 24.86 1.62
N GLY B 238 -13.13 25.14 0.65
CA GLY B 238 -13.08 24.39 -0.61
C GLY B 238 -12.99 22.90 -0.41
N LEU B 239 -11.99 22.48 0.36
CA LEU B 239 -11.70 21.07 0.60
C LEU B 239 -12.72 20.42 1.53
N LYS B 240 -12.78 20.95 2.76
CA LYS B 240 -13.56 20.38 3.86
C LYS B 240 -15.07 20.30 3.55
N ASP B 241 -15.59 21.37 2.95
CA ASP B 241 -17.02 21.54 2.72
C ASP B 241 -17.48 21.35 1.27
N MET B 242 -16.71 21.85 0.29
CA MET B 242 -17.26 21.94 -1.06
C MET B 242 -16.84 20.85 -2.05
N THR B 243 -15.73 20.16 -1.77
CA THR B 243 -15.32 19.09 -2.66
C THR B 243 -15.11 17.75 -2.00
N GLY B 244 -14.62 17.74 -0.76
CA GLY B 244 -14.27 16.48 -0.13
C GLY B 244 -13.16 15.71 -0.85
N ALA B 245 -12.34 16.41 -1.64
CA ALA B 245 -11.24 15.79 -2.41
C ALA B 245 -10.04 15.47 -1.53
N VAL B 246 -10.22 14.48 -0.64
CA VAL B 246 -9.23 14.10 0.35
C VAL B 246 -8.17 13.17 -0.27
N LEU B 247 -6.89 13.53 -0.14
CA LEU B 247 -5.78 12.69 -0.63
C LEU B 247 -5.46 11.57 0.36
N SER B 248 -5.37 10.34 -0.15
CA SER B 248 -4.96 9.21 0.68
C SER B 248 -3.55 9.44 1.23
N PRO B 249 -3.30 9.12 2.50
CA PRO B 249 -1.91 9.22 2.99
C PRO B 249 -0.91 8.27 2.26
N HIS B 250 -1.39 7.12 1.81
CA HIS B 250 -0.62 6.21 0.96
C HIS B 250 -0.19 6.90 -0.35
N ASP B 251 -1.12 7.59 -1.01
CA ASP B 251 -0.78 8.27 -2.25
C ASP B 251 0.12 9.48 -2.00
N ALA B 252 -0.13 10.20 -0.90
CA ALA B 252 0.75 11.30 -0.47
C ALA B 252 2.21 10.85 -0.28
N ALA B 253 2.41 9.68 0.31
CA ALA B 253 3.74 9.13 0.56
C ALA B 253 4.39 8.72 -0.74
N LEU B 254 3.61 8.09 -1.64
CA LEU B 254 4.10 7.81 -3.00
C LEU B 254 4.53 9.10 -3.71
N LEU B 255 3.74 10.16 -3.55
CA LEU B 255 4.04 11.45 -4.17
C LEU B 255 5.35 12.06 -3.66
N MET B 256 5.55 12.02 -2.34
CA MET B 256 6.82 12.44 -1.74
C MET B 256 7.98 11.61 -2.24
N ARG B 257 7.78 10.29 -2.39
CA ARG B 257 8.79 9.41 -3.02
C ARG B 257 9.16 9.89 -4.43
N GLY B 258 8.15 10.17 -5.25
CA GLY B 258 8.36 10.73 -6.59
C GLY B 258 9.10 12.07 -6.59
N ILE B 259 8.73 12.95 -5.67
CA ILE B 259 9.37 14.28 -5.57
C ILE B 259 10.88 14.17 -5.26
N LYS B 260 11.31 13.10 -4.59
CA LYS B 260 12.75 12.93 -4.32
C LYS B 260 13.62 12.87 -5.59
N THR B 261 13.02 12.55 -6.73
CA THR B 261 13.75 12.51 -8.01
C THR B 261 13.30 13.55 -9.03
N LEU B 262 12.47 14.51 -8.61
CA LEU B 262 11.88 15.52 -9.51
C LEU B 262 12.97 16.17 -10.36
N ASN B 263 14.00 16.72 -9.69
CA ASN B 263 15.09 17.38 -10.43
C ASN B 263 15.72 16.49 -11.51
N LEU B 264 16.03 15.25 -11.14
CA LEU B 264 16.70 14.30 -12.03
C LEU B 264 15.83 13.91 -13.21
N ARG B 265 14.54 13.67 -12.93
CA ARG B 265 13.56 13.30 -13.96
C ARG B 265 13.29 14.46 -14.90
N MET B 266 13.06 15.65 -14.35
CA MET B 266 12.83 16.82 -15.18
C MET B 266 14.05 17.10 -16.08
N ASP B 267 15.26 16.87 -15.58
CA ASP B 267 16.44 17.09 -16.40
C ASP B 267 16.42 16.16 -17.62
N ARG B 268 16.04 14.90 -17.42
CA ARG B 268 16.01 13.92 -18.49
C ARG B 268 14.80 14.16 -19.41
N HIS B 269 13.64 14.51 -18.84
CA HIS B 269 12.46 14.83 -19.67
C HIS B 269 12.81 15.96 -20.67
N CYS B 270 13.37 17.06 -20.15
CA CYS B 270 13.78 18.18 -21.00
C CYS B 270 14.87 17.78 -22.03
N ALA B 271 15.90 17.08 -21.59
CA ALA B 271 17.01 16.71 -22.49
C ALA B 271 16.49 15.82 -23.61
N ASN B 272 15.63 14.86 -23.25
CA ASN B 272 14.98 14.03 -24.27
C ASN B 272 14.09 14.85 -25.22
N ALA B 273 13.30 15.77 -24.65
CA ALA B 273 12.37 16.57 -25.47
C ALA B 273 13.12 17.52 -26.43
N GLN B 274 14.22 18.09 -25.97
CA GLN B 274 15.05 18.99 -26.79
C GLN B 274 15.56 18.28 -28.05
N VAL B 275 16.01 17.03 -27.87
CA VAL B 275 16.49 16.23 -28.98
C VAL B 275 15.34 15.94 -29.96
N LEU B 276 14.20 15.49 -29.43
CA LEU B 276 13.04 15.16 -30.24
C LEU B 276 12.49 16.35 -31.01
N ALA B 277 12.46 17.52 -30.36
CA ALA B 277 12.00 18.77 -30.98
C ALA B 277 12.92 19.19 -32.14
N GLU B 278 14.24 19.16 -31.91
CA GLU B 278 15.24 19.43 -32.96
C GLU B 278 15.00 18.54 -34.18
N PHE B 279 14.77 17.25 -33.93
CA PHE B 279 14.49 16.28 -34.98
C PHE B 279 13.20 16.59 -35.76
N LEU B 280 12.10 16.68 -35.02
CA LEU B 280 10.78 16.99 -35.56
C LEU B 280 10.74 18.28 -36.40
N ALA B 281 11.39 19.32 -35.87
CA ALA B 281 11.44 20.63 -36.51
C ALA B 281 12.01 20.63 -37.94
N ARG B 282 12.79 19.62 -38.28
CA ARG B 282 13.36 19.54 -39.63
C ARG B 282 12.78 18.39 -40.47
N GLN B 283 11.68 17.79 -40.01
CA GLN B 283 11.02 16.72 -40.75
C GLN B 283 9.97 17.28 -41.71
N PRO B 284 9.92 16.75 -42.95
CA PRO B 284 9.06 17.35 -43.98
C PRO B 284 7.57 17.10 -43.76
N GLN B 285 7.23 16.01 -43.09
CA GLN B 285 5.85 15.67 -42.71
C GLN B 285 5.26 16.67 -41.70
N VAL B 286 6.14 17.43 -41.04
CA VAL B 286 5.75 18.29 -39.93
C VAL B 286 5.59 19.72 -40.44
N GLU B 287 4.36 20.20 -40.37
CA GLU B 287 4.03 21.54 -40.82
C GLU B 287 4.57 22.59 -39.85
N LEU B 288 4.40 22.33 -38.56
CA LEU B 288 4.60 23.35 -37.55
C LEU B 288 4.90 22.65 -36.24
N ILE B 289 5.76 23.24 -35.42
CA ILE B 289 6.10 22.68 -34.13
C ILE B 289 6.05 23.71 -33.00
N HIS B 290 5.58 23.28 -31.83
CA HIS B 290 5.55 24.13 -30.64
C HIS B 290 6.40 23.52 -29.52
N TYR B 291 7.62 24.03 -29.37
CA TYR B 291 8.48 23.62 -28.28
C TYR B 291 9.26 24.84 -27.83
N PRO B 292 9.10 25.24 -26.56
CA PRO B 292 9.73 26.45 -26.02
C PRO B 292 11.25 26.53 -26.22
N GLY B 293 11.87 25.40 -26.52
CA GLY B 293 13.32 25.32 -26.63
C GLY B 293 13.85 25.63 -28.02
N LEU B 294 12.95 25.71 -28.99
CA LEU B 294 13.35 26.05 -30.36
C LEU B 294 13.39 27.57 -30.54
N ALA B 295 14.41 28.01 -31.28
CA ALA B 295 14.55 29.39 -31.71
C ALA B 295 13.29 29.91 -32.42
N SER B 296 12.60 29.04 -33.14
CA SER B 296 11.37 29.36 -33.85
C SER B 296 10.15 29.64 -32.92
N PHE B 297 10.24 29.27 -31.63
CA PHE B 297 9.12 29.45 -30.68
C PHE B 297 8.81 30.93 -30.52
N PRO B 298 7.57 31.33 -30.83
CA PRO B 298 7.19 32.76 -30.86
C PRO B 298 7.50 33.51 -29.58
N GLN B 299 7.31 32.85 -28.43
CA GLN B 299 7.59 33.47 -27.13
C GLN B 299 8.87 32.95 -26.51
N TYR B 300 9.81 32.59 -27.38
CA TYR B 300 11.13 32.14 -26.96
C TYR B 300 11.69 32.94 -25.80
N THR B 301 11.68 34.27 -25.93
CA THR B 301 12.30 35.13 -24.91
C THR B 301 11.57 35.06 -23.55
N LEU B 302 10.25 35.20 -23.59
CA LEU B 302 9.41 35.12 -22.38
C LEU B 302 9.58 33.75 -21.71
N ALA B 303 9.60 32.69 -22.52
CA ALA B 303 9.87 31.34 -22.03
C ALA B 303 11.10 31.31 -21.15
N ARG B 304 12.21 31.79 -21.70
CA ARG B 304 13.49 31.77 -20.98
C ARG B 304 13.60 32.70 -19.76
N GLN B 305 12.71 33.70 -19.66
CA GLN B 305 12.62 34.51 -18.44
C GLN B 305 11.90 33.77 -17.32
N GLN B 306 10.94 32.91 -17.69
CA GLN B 306 10.09 32.24 -16.68
C GLN B 306 10.49 30.81 -16.34
N MET B 307 10.99 30.09 -17.35
CA MET B 307 11.31 28.66 -17.24
C MET B 307 12.83 28.44 -17.32
N SER B 308 13.38 27.71 -16.36
CA SER B 308 14.81 27.41 -16.36
C SER B 308 15.20 26.38 -17.41
N GLN B 309 14.23 25.59 -17.86
CA GLN B 309 14.39 24.63 -18.95
C GLN B 309 13.10 24.58 -19.79
N PRO B 310 13.17 24.15 -21.07
CA PRO B 310 11.98 24.24 -21.92
C PRO B 310 10.91 23.14 -21.75
N GLY B 311 11.10 22.23 -20.79
CA GLY B 311 10.02 21.26 -20.48
C GLY B 311 10.10 19.96 -21.27
N GLY B 312 9.26 18.99 -20.91
CA GLY B 312 9.25 17.69 -21.58
C GLY B 312 8.08 17.47 -22.52
N MET B 313 7.31 18.52 -22.81
CA MET B 313 6.14 18.46 -23.69
C MET B 313 6.43 19.06 -25.08
N ILE B 314 5.98 18.39 -26.14
CA ILE B 314 6.08 18.89 -27.52
C ILE B 314 4.70 18.80 -28.18
N ALA B 315 4.29 19.85 -28.86
CA ALA B 315 3.14 19.73 -29.76
C ALA B 315 3.62 20.04 -31.17
N PHE B 316 3.15 19.28 -32.13
CA PHE B 316 3.46 19.55 -33.53
C PHE B 316 2.28 19.21 -34.41
N GLU B 317 2.33 19.67 -35.65
CA GLU B 317 1.21 19.48 -36.56
C GLU B 317 1.71 18.83 -37.83
N LEU B 318 1.12 17.68 -38.14
CA LEU B 318 1.47 16.94 -39.34
C LEU B 318 0.78 17.52 -40.55
N LYS B 319 1.50 17.62 -41.66
CA LYS B 319 0.94 18.18 -42.90
C LYS B 319 -0.32 17.48 -43.41
N GLY B 320 -0.34 16.15 -43.38
CA GLY B 320 -1.47 15.39 -43.92
C GLY B 320 -2.79 15.41 -43.15
N GLY B 321 -2.92 16.32 -42.19
CA GLY B 321 -4.16 16.51 -41.45
C GLY B 321 -4.54 15.35 -40.54
N ILE B 322 -5.83 15.08 -40.45
CA ILE B 322 -6.38 14.07 -39.55
C ILE B 322 -5.89 12.64 -39.90
N GLY B 323 -5.78 12.36 -41.19
CA GLY B 323 -5.37 11.04 -41.66
C GLY B 323 -3.94 10.73 -41.26
N ALA B 324 -3.05 11.73 -41.41
CA ALA B 324 -1.65 11.57 -41.02
C ALA B 324 -1.55 11.33 -39.51
N GLY B 325 -2.27 12.13 -38.74
CA GLY B 325 -2.37 11.94 -37.29
C GLY B 325 -2.73 10.52 -36.89
N ARG B 326 -3.77 9.96 -37.48
CA ARG B 326 -4.20 8.59 -37.18
C ARG B 326 -3.09 7.58 -37.48
N ARG B 327 -2.47 7.70 -38.64
CA ARG B 327 -1.45 6.75 -39.07
C ARG B 327 -0.18 6.88 -38.22
N PHE B 328 0.16 8.12 -37.86
CA PHE B 328 1.28 8.35 -36.97
C PHE B 328 1.03 7.62 -35.65
N MET B 329 -0.13 7.90 -35.05
CA MET B 329 -0.50 7.36 -33.74
C MET B 329 -0.53 5.84 -33.70
N ASN B 330 -1.15 5.25 -34.72
CA ASN B 330 -1.27 3.80 -34.78
C ASN B 330 0.05 3.06 -34.98
N ALA B 331 1.03 3.71 -35.61
CA ALA B 331 2.34 3.10 -35.84
C ALA B 331 3.25 3.08 -34.61
N LEU B 332 3.04 4.00 -33.67
CA LEU B 332 3.87 4.10 -32.47
C LEU B 332 3.95 2.76 -31.75
N GLN B 333 5.16 2.35 -31.38
CA GLN B 333 5.37 1.06 -30.71
C GLN B 333 5.99 1.23 -29.32
N LEU B 334 6.62 2.37 -29.08
CA LEU B 334 7.23 2.61 -27.78
C LEU B 334 6.45 3.67 -26.99
N PHE B 335 6.24 4.82 -27.60
CA PHE B 335 5.20 5.75 -27.15
C PHE B 335 3.88 5.00 -26.99
N SER B 336 3.14 5.27 -25.93
CA SER B 336 1.80 4.71 -25.78
C SER B 336 0.77 5.75 -26.17
N ARG B 337 -0.30 5.32 -26.84
CA ARG B 337 -1.47 6.16 -27.11
C ARG B 337 -2.25 6.30 -25.80
N ALA B 338 -2.20 7.49 -25.21
CA ALA B 338 -2.84 7.72 -23.93
C ALA B 338 -2.98 9.21 -23.67
N VAL B 339 -3.97 9.58 -22.88
CA VAL B 339 -4.01 10.95 -22.37
C VAL B 339 -3.12 10.94 -21.12
N SER B 340 -2.79 12.13 -20.61
CA SER B 340 -1.90 12.30 -19.46
C SER B 340 -0.49 12.59 -19.91
N LEU B 341 0.37 12.85 -18.93
CA LEU B 341 1.71 13.32 -19.20
C LEU B 341 2.54 13.23 -17.92
N GLY B 342 3.84 13.43 -18.07
CA GLY B 342 4.71 13.53 -16.92
C GLY B 342 5.07 12.20 -16.29
N ASP B 343 4.90 11.11 -17.03
CA ASP B 343 5.26 9.76 -16.58
C ASP B 343 6.64 9.36 -17.12
N ALA B 344 7.23 8.33 -16.52
CA ALA B 344 8.48 7.73 -17.03
C ALA B 344 8.30 7.26 -18.47
N GLU B 345 7.11 6.74 -18.74
CA GLU B 345 6.72 6.22 -20.03
C GLU B 345 6.31 7.37 -20.96
N SER B 346 6.84 7.37 -22.18
CA SER B 346 6.48 8.38 -23.17
C SER B 346 5.05 8.19 -23.66
N LEU B 347 4.32 9.30 -23.77
CA LEU B 347 2.92 9.24 -24.16
C LEU B 347 2.69 10.13 -25.36
N ALA B 348 1.70 9.79 -26.17
CA ALA B 348 1.30 10.63 -27.29
C ALA B 348 -0.22 10.66 -27.43
N GLN B 349 -0.74 11.79 -27.91
CA GLN B 349 -2.15 11.89 -28.25
C GLN B 349 -2.39 12.76 -29.47
N HIS B 350 -3.45 12.45 -30.19
CA HIS B 350 -3.85 13.19 -31.36
C HIS B 350 -5.32 13.55 -31.15
N PRO B 351 -5.59 14.75 -30.61
CA PRO B 351 -6.96 15.10 -30.21
C PRO B 351 -8.01 14.90 -31.30
N ALA B 352 -7.71 15.37 -32.52
CA ALA B 352 -8.67 15.24 -33.64
C ALA B 352 -9.19 13.82 -33.88
N SER B 353 -8.42 12.81 -33.48
CA SER B 353 -8.87 11.42 -33.65
C SER B 353 -9.10 10.67 -32.34
N MET B 354 -8.86 11.35 -31.21
CA MET B 354 -9.00 10.71 -29.91
C MET B 354 -10.02 11.47 -29.05
N THR B 355 -9.54 12.42 -28.24
CA THR B 355 -10.37 13.14 -27.28
C THR B 355 -11.45 14.00 -27.92
N HIS B 356 -11.12 14.64 -29.04
CA HIS B 356 -12.04 15.58 -29.68
C HIS B 356 -12.58 15.07 -31.02
N SER B 357 -12.57 13.75 -31.19
CA SER B 357 -12.99 13.09 -32.44
C SER B 357 -14.47 13.30 -32.79
N SER B 358 -15.35 13.21 -31.79
CA SER B 358 -16.80 13.38 -32.00
C SER B 358 -17.18 14.78 -32.49
N TYR B 359 -16.32 15.77 -32.22
CA TYR B 359 -16.49 17.13 -32.71
C TYR B 359 -16.33 17.21 -34.23
N THR B 360 -16.42 18.43 -34.77
CA THR B 360 -16.23 18.67 -36.21
C THR B 360 -14.92 19.42 -36.47
N PRO B 361 -14.47 19.46 -37.75
CA PRO B 361 -13.32 20.27 -38.13
C PRO B 361 -13.34 21.72 -37.60
N GLU B 362 -14.44 22.45 -37.79
CA GLU B 362 -14.49 23.85 -37.32
C GLU B 362 -14.71 24.02 -35.82
N GLU B 363 -15.39 23.06 -35.18
CA GLU B 363 -15.51 23.05 -33.72
C GLU B 363 -14.13 22.86 -33.06
N ARG B 364 -13.31 21.99 -33.66
CA ARG B 364 -11.94 21.76 -33.22
C ARG B 364 -11.03 22.96 -33.48
N ALA B 365 -11.18 23.56 -34.66
CA ALA B 365 -10.41 24.77 -35.01
C ALA B 365 -10.74 25.93 -34.06
N HIS B 366 -12.01 26.00 -33.65
CA HIS B 366 -12.51 27.01 -32.72
C HIS B 366 -11.78 26.98 -31.37
N TYR B 367 -11.40 25.78 -30.92
CA TYR B 367 -10.62 25.62 -29.67
C TYR B 367 -9.11 25.59 -29.91
N GLY B 368 -8.69 25.87 -31.15
CA GLY B 368 -7.29 25.84 -31.52
C GLY B 368 -6.74 24.42 -31.67
N ILE B 369 -7.63 23.45 -31.88
CA ILE B 369 -7.23 22.07 -32.13
C ILE B 369 -7.12 21.83 -33.64
N SER B 370 -5.88 21.81 -34.14
CA SER B 370 -5.59 21.55 -35.53
C SER B 370 -5.85 20.07 -35.87
N GLU B 371 -6.23 19.78 -37.11
CA GLU B 371 -6.57 18.41 -37.51
C GLU B 371 -5.38 17.46 -37.46
N GLY B 372 -4.17 18.01 -37.60
CA GLY B 372 -2.95 17.21 -37.57
C GLY B 372 -2.14 17.41 -36.30
N LEU B 373 -2.73 18.05 -35.30
CA LEU B 373 -2.03 18.33 -34.04
C LEU B 373 -1.82 17.06 -33.23
N VAL B 374 -0.55 16.75 -32.95
CA VAL B 374 -0.22 15.71 -31.99
C VAL B 374 0.63 16.26 -30.84
N ARG B 375 0.36 15.76 -29.65
CA ARG B 375 1.08 16.19 -28.46
C ARG B 375 1.84 15.00 -27.91
N LEU B 376 3.11 15.24 -27.64
CA LEU B 376 4.02 14.25 -27.06
C LEU B 376 4.32 14.62 -25.61
N SER B 377 4.15 13.66 -24.72
CA SER B 377 4.75 13.76 -23.39
C SER B 377 6.01 12.92 -23.39
N VAL B 378 7.15 13.56 -23.47
CA VAL B 378 8.40 12.83 -23.69
C VAL B 378 8.88 12.27 -22.37
N GLY B 379 9.11 10.97 -22.34
CA GLY B 379 9.49 10.30 -21.10
C GLY B 379 10.98 10.11 -20.91
N LEU B 380 11.30 9.08 -20.17
CA LEU B 380 12.61 8.88 -19.59
C LEU B 380 13.39 7.78 -20.30
N GLU B 381 12.80 7.17 -21.34
CA GLU B 381 13.43 6.08 -22.09
C GLU B 381 14.69 6.57 -22.82
N ASP B 382 15.53 5.64 -23.26
CA ASP B 382 16.73 6.01 -24.01
C ASP B 382 16.30 6.78 -25.26
N ILE B 383 16.88 7.94 -25.46
CA ILE B 383 16.54 8.81 -26.60
C ILE B 383 16.66 8.13 -27.98
N ASP B 384 17.65 7.26 -28.16
CA ASP B 384 17.79 6.56 -29.45
C ASP B 384 16.58 5.70 -29.78
N ASP B 385 16.01 5.06 -28.75
CA ASP B 385 14.77 4.28 -28.91
C ASP B 385 13.57 5.17 -29.23
N LEU B 386 13.45 6.31 -28.53
CA LEU B 386 12.35 7.26 -28.79
C LEU B 386 12.44 7.84 -30.20
N LEU B 387 13.65 8.23 -30.60
CA LEU B 387 13.91 8.68 -31.97
C LEU B 387 13.47 7.67 -33.05
N ALA B 388 13.88 6.42 -32.89
CA ALA B 388 13.51 5.36 -33.84
C ALA B 388 12.00 5.17 -33.94
N ASP B 389 11.31 5.24 -32.81
CA ASP B 389 9.86 5.06 -32.78
C ASP B 389 9.18 6.18 -33.55
N VAL B 390 9.62 7.42 -33.28
CA VAL B 390 9.05 8.61 -33.91
C VAL B 390 9.35 8.58 -35.43
N GLN B 391 10.58 8.24 -35.80
CA GLN B 391 11.00 8.10 -37.20
C GLN B 391 10.09 7.16 -37.99
N GLN B 392 9.92 5.92 -37.54
CA GLN B 392 9.08 4.97 -38.30
C GLN B 392 7.60 5.36 -38.29
N ALA B 393 7.17 6.06 -37.23
CA ALA B 393 5.79 6.52 -37.18
C ALA B 393 5.57 7.61 -38.23
N LEU B 394 6.53 8.51 -38.34
CA LEU B 394 6.51 9.56 -39.37
C LEU B 394 6.43 8.93 -40.76
N LYS B 395 7.26 7.91 -41.01
CA LYS B 395 7.22 7.14 -42.25
C LYS B 395 5.85 6.54 -42.52
N ALA B 396 5.24 5.95 -41.49
CA ALA B 396 3.90 5.38 -41.60
C ALA B 396 2.84 6.44 -41.87
N SER B 397 3.07 7.65 -41.37
CA SER B 397 2.08 8.74 -41.49
C SER B 397 1.80 9.18 -42.93
N ALA B 398 2.74 8.93 -43.83
CA ALA B 398 2.58 9.25 -45.26
C ALA B 398 1.39 8.51 -45.89
N LEU C 7 18.62 -5.07 -26.52
CA LEU C 7 18.49 -4.32 -27.82
C LEU C 7 18.01 -2.87 -27.56
N PRO C 8 16.79 -2.69 -26.99
CA PRO C 8 16.50 -1.33 -26.49
C PRO C 8 17.53 -0.89 -25.42
N GLY C 9 17.66 0.43 -25.25
CA GLY C 9 18.55 0.99 -24.23
C GLY C 9 18.23 0.55 -22.82
N PHE C 10 19.22 0.65 -21.93
CA PHE C 10 19.08 0.27 -20.52
C PHE C 10 17.90 0.98 -19.81
N ALA C 11 17.77 2.30 -20.01
CA ALA C 11 16.69 3.09 -19.40
C ALA C 11 15.33 2.69 -19.96
N THR C 12 15.28 2.37 -21.25
CA THR C 12 14.04 1.94 -21.87
C THR C 12 13.55 0.63 -21.24
N ARG C 13 14.49 -0.29 -21.03
CA ARG C 13 14.19 -1.62 -20.49
C ARG C 13 13.83 -1.56 -19.00
N ALA C 14 14.51 -0.69 -18.26
CA ALA C 14 14.22 -0.47 -16.84
C ALA C 14 12.77 0.01 -16.64
N ILE C 15 12.24 0.63 -17.68
CA ILE C 15 10.91 1.21 -17.68
C ILE C 15 9.84 0.30 -18.28
N HIS C 16 10.16 -0.39 -19.39
CA HIS C 16 9.15 -1.15 -20.15
C HIS C 16 9.29 -2.67 -20.18
N HIS C 17 10.48 -3.22 -19.96
CA HIS C 17 10.73 -4.63 -20.33
C HIS C 17 9.74 -5.59 -19.70
N GLY C 18 9.13 -6.43 -20.52
CA GLY C 18 8.27 -7.51 -20.04
C GLY C 18 6.81 -7.13 -19.87
N TYR C 19 6.46 -5.88 -20.13
CA TYR C 19 5.10 -5.41 -19.90
C TYR C 19 4.51 -4.68 -21.11
N ASP C 20 3.34 -5.13 -21.53
CA ASP C 20 2.57 -4.42 -22.56
C ASP C 20 1.23 -4.05 -21.93
N PRO C 21 0.94 -2.73 -21.83
CA PRO C 21 -0.35 -2.29 -21.23
C PRO C 21 -1.56 -3.03 -21.81
N GLN C 22 -1.49 -3.35 -23.10
CA GLN C 22 -2.62 -3.99 -23.80
C GLN C 22 -2.98 -5.39 -23.31
N ASP C 23 -2.09 -6.01 -22.54
CA ASP C 23 -2.38 -7.33 -21.97
C ASP C 23 -3.10 -7.23 -20.63
N HIS C 24 -3.19 -6.02 -20.09
CA HIS C 24 -3.80 -5.80 -18.77
C HIS C 24 -4.80 -4.63 -18.81
N GLY C 25 -5.67 -4.66 -19.80
CA GLY C 25 -6.78 -3.71 -19.87
C GLY C 25 -6.32 -2.30 -20.15
N GLY C 26 -5.13 -2.17 -20.73
CA GLY C 26 -4.56 -0.86 -21.05
C GLY C 26 -3.87 -0.15 -19.89
N ALA C 27 -3.79 -0.78 -18.73
CA ALA C 27 -3.18 -0.14 -17.54
C ALA C 27 -1.72 0.26 -17.83
N LEU C 28 -1.42 1.55 -17.72
CA LEU C 28 -0.05 2.02 -18.02
C LEU C 28 0.93 1.43 -17.03
N VAL C 29 0.51 1.37 -15.77
CA VAL C 29 1.30 0.82 -14.70
C VAL C 29 0.69 -0.54 -14.42
N PRO C 30 1.52 -1.59 -14.34
CA PRO C 30 1.04 -2.96 -14.12
C PRO C 30 0.25 -3.01 -12.82
N PRO C 31 -0.93 -3.66 -12.82
CA PRO C 31 -1.69 -3.85 -11.57
C PRO C 31 -0.88 -4.64 -10.54
N VAL C 32 -1.09 -4.34 -9.25
CA VAL C 32 -0.36 -5.01 -8.19
C VAL C 32 -1.17 -6.25 -7.75
N TYR C 33 -0.58 -7.42 -7.95
CA TYR C 33 -1.19 -8.68 -7.58
C TYR C 33 -0.90 -9.03 -6.13
N GLN C 34 -1.55 -8.30 -5.23
CA GLN C 34 -1.50 -8.49 -3.79
C GLN C 34 -2.52 -9.59 -3.48
N THR C 35 -2.13 -10.81 -3.80
CA THR C 35 -2.94 -11.98 -3.53
C THR C 35 -1.98 -13.06 -3.08
N ALA C 36 -2.40 -13.84 -2.10
CA ALA C 36 -1.55 -14.91 -1.58
C ALA C 36 -1.72 -16.15 -2.43
N THR C 37 -2.88 -16.30 -3.07
CA THR C 37 -3.10 -17.53 -3.78
C THR C 37 -3.84 -17.31 -5.09
N PHE C 38 -3.66 -18.28 -5.98
CA PHE C 38 -4.26 -18.29 -7.30
C PHE C 38 -5.11 -19.55 -7.44
N THR C 39 -6.20 -19.46 -8.18
CA THR C 39 -7.11 -20.58 -8.33
C THR C 39 -6.93 -21.26 -9.68
N PHE C 40 -7.51 -22.44 -9.82
CA PHE C 40 -7.44 -23.22 -11.07
C PHE C 40 -8.81 -23.37 -11.72
N PRO C 41 -8.86 -23.33 -13.07
CA PRO C 41 -10.11 -23.55 -13.77
C PRO C 41 -10.60 -24.99 -13.68
N THR C 42 -9.65 -25.92 -13.63
CA THR C 42 -9.94 -27.35 -13.49
C THR C 42 -8.82 -27.94 -12.65
N VAL C 43 -9.05 -29.15 -12.13
CA VAL C 43 -8.03 -29.86 -11.38
C VAL C 43 -6.84 -30.24 -12.27
N GLU C 44 -7.12 -30.64 -13.51
CA GLU C 44 -6.10 -31.03 -14.48
C GLU C 44 -5.13 -29.88 -14.69
N TYR C 45 -5.66 -28.67 -14.83
CA TYR C 45 -4.83 -27.46 -14.86
C TYR C 45 -3.91 -27.34 -13.65
N GLY C 46 -4.48 -27.50 -12.45
CA GLY C 46 -3.71 -27.42 -11.21
C GLY C 46 -2.68 -28.53 -11.07
N ALA C 47 -3.05 -29.73 -11.50
CA ALA C 47 -2.16 -30.89 -11.51
C ALA C 47 -0.93 -30.62 -12.36
N ALA C 48 -1.17 -30.09 -13.57
CA ALA C 48 -0.11 -29.72 -14.50
C ALA C 48 0.92 -28.80 -13.87
N CYS C 49 0.48 -27.93 -12.95
CA CYS C 49 1.37 -26.99 -12.27
C CYS C 49 2.27 -27.67 -11.24
N PHE C 50 1.70 -28.59 -10.46
CA PHE C 50 2.47 -29.34 -9.46
C PHE C 50 3.26 -30.54 -10.03
N ALA C 51 3.05 -30.84 -11.30
CA ALA C 51 3.87 -31.84 -11.99
C ALA C 51 5.12 -31.17 -12.54
N GLY C 52 4.92 -30.16 -13.40
CA GLY C 52 6.01 -29.41 -14.05
C GLY C 52 5.66 -27.95 -14.30
N GLU C 53 5.13 -27.64 -15.48
CA GLU C 53 4.80 -26.24 -15.87
C GLU C 53 3.73 -26.14 -16.98
N GLN C 54 2.96 -25.05 -16.94
CA GLN C 54 1.85 -24.81 -17.87
C GLN C 54 1.82 -23.34 -18.37
N ALA C 55 1.33 -22.43 -17.52
CA ALA C 55 1.25 -20.98 -17.79
C ALA C 55 0.66 -20.28 -16.54
N GLY C 56 0.97 -18.98 -16.38
CA GLY C 56 0.50 -18.21 -15.22
C GLY C 56 1.15 -18.69 -13.94
N HIS C 57 0.34 -18.93 -12.90
CA HIS C 57 0.83 -19.61 -11.68
C HIS C 57 -0.19 -20.22 -10.70
N PHE C 58 0.32 -20.71 -9.57
CA PHE C 58 -0.47 -21.41 -8.52
C PHE C 58 -0.50 -20.77 -7.11
N TYR C 59 0.65 -20.28 -6.63
CA TYR C 59 0.76 -19.80 -5.26
C TYR C 59 1.87 -18.74 -5.12
N SER C 60 1.54 -17.62 -4.47
CA SER C 60 2.45 -16.45 -4.40
C SER C 60 3.81 -16.69 -3.75
N ARG C 61 3.90 -17.69 -2.87
CA ARG C 61 5.17 -18.16 -2.32
C ARG C 61 6.15 -18.62 -3.42
N ILE C 62 5.60 -19.23 -4.48
CA ILE C 62 6.43 -19.68 -5.60
C ILE C 62 6.52 -18.66 -6.75
N SER C 63 5.36 -18.17 -7.24
CA SER C 63 5.26 -17.16 -8.35
C SER C 63 3.89 -16.41 -8.45
N ASN C 64 3.92 -15.23 -9.07
CA ASN C 64 2.95 -14.13 -8.94
C ASN C 64 3.32 -13.14 -10.05
N PRO C 65 2.36 -12.66 -10.86
CA PRO C 65 2.72 -11.83 -12.03
C PRO C 65 3.48 -10.53 -11.68
N THR C 66 3.22 -9.94 -10.52
CA THR C 66 3.96 -8.75 -10.10
C THR C 66 5.45 -9.12 -9.86
N LEU C 67 5.68 -10.22 -9.14
CA LEU C 67 7.04 -10.69 -8.88
C LEU C 67 7.69 -11.20 -10.19
N ASN C 68 6.90 -11.84 -11.04
CA ASN C 68 7.44 -12.33 -12.32
C ASN C 68 7.91 -11.20 -13.22
N LEU C 69 7.18 -10.09 -13.25
CA LEU C 69 7.60 -8.92 -14.03
C LEU C 69 8.90 -8.32 -13.48
N LEU C 70 8.95 -8.08 -12.18
CA LEU C 70 10.18 -7.59 -11.53
C LEU C 70 11.39 -8.50 -11.85
N GLU C 71 11.16 -9.80 -11.83
CA GLU C 71 12.21 -10.78 -12.08
C GLU C 71 12.72 -10.69 -13.52
N ALA C 72 11.80 -10.65 -14.49
CA ALA C 72 12.14 -10.55 -15.92
C ALA C 72 12.86 -9.24 -16.23
N ARG C 73 12.45 -8.15 -15.58
CA ARG C 73 13.10 -6.87 -15.77
C ARG C 73 14.53 -6.88 -15.19
N MET C 74 14.70 -7.43 -13.98
CA MET C 74 16.04 -7.53 -13.39
C MET C 74 16.95 -8.45 -14.22
N ALA C 75 16.41 -9.54 -14.75
CA ALA C 75 17.14 -10.43 -15.67
C ALA C 75 17.67 -9.69 -16.90
N SER C 76 16.78 -8.95 -17.58
CA SER C 76 17.15 -8.12 -18.72
C SER C 76 18.28 -7.15 -18.33
N LEU C 77 18.13 -6.41 -17.24
CA LEU C 77 19.13 -5.40 -16.89
C LEU C 77 20.51 -6.00 -16.60
N GLU C 78 20.54 -7.14 -15.94
CA GLU C 78 21.78 -7.84 -15.64
C GLU C 78 22.28 -8.69 -16.83
N GLY C 79 21.46 -8.82 -17.87
CA GLY C 79 21.78 -9.66 -19.03
C GLY C 79 21.71 -11.16 -18.72
N GLY C 80 20.84 -11.54 -17.78
CA GLY C 80 20.70 -12.94 -17.37
C GLY C 80 19.49 -13.60 -17.99
N GLU C 81 19.42 -14.92 -17.91
CA GLU C 81 18.27 -15.66 -18.43
C GLU C 81 17.04 -15.57 -17.51
N ALA C 82 17.27 -15.55 -16.20
CA ALA C 82 16.17 -15.61 -15.23
C ALA C 82 16.49 -14.86 -13.96
N GLY C 83 15.42 -14.37 -13.31
CA GLY C 83 15.50 -13.68 -12.05
C GLY C 83 14.56 -14.26 -11.01
N LEU C 84 14.81 -13.90 -9.76
CA LEU C 84 14.04 -14.38 -8.61
C LEU C 84 14.03 -13.23 -7.63
N ALA C 85 12.84 -12.88 -7.11
CA ALA C 85 12.70 -11.81 -6.11
C ALA C 85 12.50 -12.39 -4.73
N LEU C 86 13.15 -11.82 -3.72
CA LEU C 86 13.05 -12.33 -2.35
C LEU C 86 12.85 -11.21 -1.34
N ALA C 87 12.47 -11.59 -0.13
CA ALA C 87 12.14 -10.65 0.95
C ALA C 87 13.28 -9.71 1.38
N SER C 88 14.51 -10.07 1.05
CA SER C 88 15.69 -9.28 1.44
C SER C 88 16.92 -9.78 0.72
N GLY C 89 17.95 -8.94 0.71
CA GLY C 89 19.26 -9.36 0.24
C GLY C 89 19.76 -10.63 0.91
N MET C 90 19.61 -10.74 2.24
CA MET C 90 20.01 -11.97 2.92
C MET C 90 19.18 -13.16 2.45
N GLY C 91 17.93 -12.91 2.12
CA GLY C 91 17.09 -13.96 1.54
C GLY C 91 17.63 -14.42 0.20
N ALA C 92 18.07 -13.49 -0.64
CA ALA C 92 18.73 -13.83 -1.90
C ALA C 92 19.96 -14.69 -1.64
N ILE C 93 20.82 -14.25 -0.72
CA ILE C 93 22.09 -14.96 -0.54
C ILE C 93 21.89 -16.32 0.16
N THR C 94 21.02 -16.41 1.17
CA THR C 94 20.82 -17.67 1.87
C THR C 94 20.11 -18.68 0.99
N SER C 95 19.09 -18.23 0.24
CA SER C 95 18.34 -19.13 -0.62
C SER C 95 19.28 -19.71 -1.67
N THR C 96 20.18 -18.88 -2.17
CA THR C 96 21.14 -19.31 -3.18
C THR C 96 22.11 -20.34 -2.60
N LEU C 97 22.71 -20.00 -1.46
CA LEU C 97 23.77 -20.82 -0.88
C LEU C 97 23.28 -22.15 -0.29
N TRP C 98 22.12 -22.11 0.37
CA TRP C 98 21.42 -23.31 0.82
C TRP C 98 21.10 -24.32 -0.27
N THR C 99 20.78 -23.85 -1.47
CA THR C 99 20.45 -24.81 -2.52
C THR C 99 21.68 -25.41 -3.22
N LEU C 100 22.74 -24.62 -3.34
CA LEU C 100 23.95 -25.04 -4.08
C LEU C 100 24.93 -25.87 -3.24
N LEU C 101 24.82 -25.79 -1.91
CA LEU C 101 25.78 -26.43 -1.02
C LEU C 101 25.17 -27.50 -0.13
N ARG C 102 25.94 -28.58 0.05
CA ARG C 102 25.62 -29.70 0.95
C ARG C 102 26.86 -30.04 1.81
N PRO C 103 26.70 -30.83 2.90
CA PRO C 103 27.86 -31.14 3.76
C PRO C 103 29.02 -31.74 2.96
N GLY C 104 30.22 -31.26 3.20
CA GLY C 104 31.39 -31.73 2.46
C GLY C 104 31.76 -30.88 1.26
N ASP C 105 30.83 -30.05 0.79
CA ASP C 105 31.17 -29.09 -0.26
C ASP C 105 32.05 -28.03 0.35
N GLU C 106 32.86 -27.40 -0.50
CA GLU C 106 33.63 -26.25 -0.09
C GLU C 106 33.14 -24.99 -0.78
N VAL C 107 33.10 -23.90 -0.03
CA VAL C 107 32.85 -22.61 -0.63
C VAL C 107 34.05 -21.69 -0.43
N LEU C 108 34.51 -21.10 -1.53
CA LEU C 108 35.57 -20.11 -1.43
C LEU C 108 35.01 -18.70 -1.41
N LEU C 109 35.47 -17.91 -0.44
CA LEU C 109 34.93 -16.59 -0.17
C LEU C 109 35.95 -15.47 -0.34
N GLY C 110 35.46 -14.29 -0.73
CA GLY C 110 36.25 -13.07 -0.69
C GLY C 110 36.76 -12.84 0.72
N ASN C 111 37.88 -12.14 0.83
CA ASN C 111 38.54 -11.92 2.10
C ASN C 111 37.67 -11.19 3.11
N THR C 112 36.94 -10.19 2.63
CA THR C 112 35.96 -9.53 3.49
C THR C 112 34.57 -9.69 2.90
N LEU C 113 33.57 -9.69 3.79
CA LEU C 113 32.17 -9.84 3.41
C LEU C 113 31.29 -8.99 4.28
N TYR C 114 30.12 -8.64 3.74
CA TYR C 114 29.04 -8.06 4.53
C TYR C 114 28.85 -8.88 5.81
N GLY C 115 28.75 -8.18 6.93
CA GLY C 115 28.61 -8.80 8.26
C GLY C 115 27.66 -9.97 8.39
N HIS C 116 26.41 -9.79 7.96
CA HIS C 116 25.43 -10.86 8.08
C HIS C 116 25.72 -12.00 7.12
N THR C 117 26.29 -11.70 5.97
CA THR C 117 26.77 -12.75 5.07
C THR C 117 27.90 -13.55 5.76
N PHE C 118 28.84 -12.83 6.37
CA PHE C 118 29.92 -13.44 7.13
C PHE C 118 29.35 -14.33 8.24
N ALA C 119 28.34 -13.83 8.94
CA ALA C 119 27.71 -14.54 10.05
C ALA C 119 26.97 -15.78 9.55
N PHE C 120 26.22 -15.60 8.47
CA PHE C 120 25.57 -16.73 7.84
C PHE C 120 26.59 -17.82 7.51
N LEU C 121 27.68 -17.45 6.86
CA LEU C 121 28.65 -18.45 6.43
C LEU C 121 29.24 -19.16 7.65
N HIS C 122 29.75 -18.40 8.61
CA HIS C 122 30.53 -18.96 9.71
C HIS C 122 29.73 -19.54 10.86
N HIS C 123 28.61 -18.88 11.20
CA HIS C 123 27.76 -19.37 12.28
C HIS C 123 26.49 -20.11 11.80
N GLY C 124 26.23 -20.09 10.50
CA GLY C 124 25.04 -20.76 9.95
C GLY C 124 25.37 -22.01 9.15
N ILE C 125 25.48 -21.85 7.84
CA ILE C 125 25.67 -22.99 6.95
C ILE C 125 27.01 -23.75 7.22
N GLY C 126 28.00 -23.00 7.70
CA GLY C 126 29.29 -23.58 8.04
C GLY C 126 29.25 -24.52 9.21
N GLU C 127 28.26 -24.33 10.09
CA GLU C 127 28.04 -25.21 11.23
C GLU C 127 27.22 -26.44 10.84
N PHE C 128 26.91 -26.55 9.55
CA PHE C 128 26.18 -27.71 9.03
C PHE C 128 27.06 -28.54 8.08
N GLY C 129 28.37 -28.47 8.27
CA GLY C 129 29.31 -29.36 7.57
C GLY C 129 29.78 -28.86 6.22
N VAL C 130 29.60 -27.57 5.98
CA VAL C 130 30.04 -26.97 4.73
C VAL C 130 31.37 -26.30 5.04
N LYS C 131 32.40 -26.59 4.23
CA LYS C 131 33.74 -26.03 4.45
C LYS C 131 33.86 -24.63 3.85
N LEU C 132 34.44 -23.72 4.62
CA LEU C 132 34.68 -22.35 4.18
C LEU C 132 36.18 -22.12 4.05
N ARG C 133 36.55 -21.19 3.19
CA ARG C 133 37.93 -20.69 3.10
C ARG C 133 37.92 -19.33 2.41
N HIS C 134 38.58 -18.36 3.03
CA HIS C 134 38.69 -17.01 2.49
C HIS C 134 39.95 -16.85 1.64
N VAL C 135 39.79 -16.37 0.41
CA VAL C 135 40.94 -16.04 -0.44
C VAL C 135 40.77 -14.66 -1.08
N ASP C 136 41.89 -14.05 -1.47
CA ASP C 136 41.87 -12.76 -2.14
C ASP C 136 41.45 -12.94 -3.59
N MET C 137 40.31 -12.36 -3.94
CA MET C 137 39.70 -12.59 -5.26
C MET C 137 40.30 -11.75 -6.39
N ALA C 138 41.25 -10.89 -6.05
CA ALA C 138 42.05 -10.20 -7.06
C ALA C 138 43.34 -10.99 -7.33
N ASP C 139 43.59 -12.03 -6.53
CA ASP C 139 44.81 -12.85 -6.62
C ASP C 139 44.53 -14.21 -7.25
N LEU C 140 44.65 -14.26 -8.57
CA LEU C 140 44.26 -15.44 -9.35
C LEU C 140 45.14 -16.66 -9.08
N GLN C 141 46.39 -16.42 -8.68
CA GLN C 141 47.31 -17.51 -8.31
C GLN C 141 46.87 -18.15 -6.99
N ALA C 142 46.69 -17.31 -5.96
CA ALA C 142 46.18 -17.78 -4.67
C ALA C 142 44.81 -18.50 -4.79
N LEU C 143 43.94 -17.98 -5.65
CA LEU C 143 42.65 -18.63 -5.91
C LEU C 143 42.81 -19.99 -6.59
N GLU C 144 43.63 -20.03 -7.64
CA GLU C 144 43.88 -21.29 -8.36
C GLU C 144 44.41 -22.39 -7.42
N ALA C 145 45.26 -21.97 -6.49
CA ALA C 145 45.90 -22.87 -5.53
C ALA C 145 44.96 -23.33 -4.41
N ALA C 146 43.89 -22.59 -4.17
CA ALA C 146 42.93 -22.96 -3.13
C ALA C 146 41.87 -23.94 -3.62
N MET C 147 41.72 -24.04 -4.94
CA MET C 147 40.77 -24.98 -5.56
C MET C 147 41.02 -26.44 -5.16
N THR C 148 40.04 -27.02 -4.47
CA THR C 148 40.04 -28.44 -4.15
C THR C 148 38.94 -29.10 -4.98
N PRO C 149 38.96 -30.45 -5.13
CA PRO C 149 37.87 -31.09 -5.87
C PRO C 149 36.49 -30.87 -5.22
N ALA C 150 36.49 -30.57 -3.92
CA ALA C 150 35.25 -30.25 -3.20
C ALA C 150 34.69 -28.84 -3.49
N THR C 151 35.50 -27.97 -4.11
CA THR C 151 35.10 -26.59 -4.37
C THR C 151 33.89 -26.56 -5.29
N ARG C 152 32.76 -26.15 -4.71
CA ARG C 152 31.48 -26.13 -5.41
C ARG C 152 31.08 -24.70 -5.74
N VAL C 153 31.31 -23.79 -4.81
CA VAL C 153 30.91 -22.38 -4.99
C VAL C 153 32.03 -21.40 -4.67
N ILE C 154 32.11 -20.35 -5.49
CA ILE C 154 32.94 -19.20 -5.23
C ILE C 154 32.02 -17.98 -5.04
N TYR C 155 32.09 -17.37 -3.86
CA TYR C 155 31.19 -16.27 -3.52
C TYR C 155 31.97 -15.06 -3.06
N PHE C 156 31.67 -13.90 -3.65
CA PHE C 156 32.29 -12.64 -3.24
C PHE C 156 31.52 -11.40 -3.68
N GLU C 157 31.85 -10.28 -3.05
CA GLU C 157 31.37 -8.96 -3.44
C GLU C 157 32.47 -8.19 -4.17
N SER C 158 32.09 -7.43 -5.20
CA SER C 158 33.02 -6.54 -5.90
C SER C 158 32.30 -5.27 -6.38
N PRO C 159 32.64 -4.10 -5.80
CA PRO C 159 33.64 -3.90 -4.75
C PRO C 159 33.16 -4.40 -3.40
N ALA C 160 34.13 -4.73 -2.53
CA ALA C 160 33.84 -5.23 -1.20
C ALA C 160 34.23 -4.23 -0.13
N ASN C 161 33.45 -4.18 0.94
CA ASN C 161 33.82 -3.42 2.14
C ASN C 161 35.00 -4.09 2.82
N PRO C 162 35.81 -3.31 3.56
CA PRO C 162 35.62 -1.88 3.81
C PRO C 162 36.38 -0.91 2.88
N ASN C 163 37.32 -1.41 2.10
CA ASN C 163 38.20 -0.54 1.30
C ASN C 163 37.88 -0.50 -0.20
N MET C 164 36.72 -1.06 -0.57
CA MET C 164 36.28 -1.15 -1.96
C MET C 164 37.19 -2.05 -2.82
N HIS C 165 37.66 -3.15 -2.25
CA HIS C 165 38.51 -4.10 -2.96
C HIS C 165 37.77 -4.74 -4.13
N MET C 166 38.39 -4.69 -5.31
CA MET C 166 37.82 -5.30 -6.52
C MET C 166 38.25 -6.75 -6.69
N ALA C 167 37.39 -7.52 -7.33
CA ALA C 167 37.74 -8.87 -7.75
C ALA C 167 37.92 -8.86 -9.26
N ASP C 168 38.81 -9.70 -9.75
CA ASP C 168 38.91 -9.90 -11.19
C ASP C 168 37.89 -10.96 -11.53
N ILE C 169 36.72 -10.52 -12.00
CA ILE C 169 35.58 -11.40 -12.21
C ILE C 169 35.82 -12.37 -13.37
N ALA C 170 36.27 -11.86 -14.52
CA ALA C 170 36.60 -12.72 -15.66
C ALA C 170 37.71 -13.72 -15.30
N GLY C 171 38.67 -13.27 -14.48
CA GLY C 171 39.74 -14.12 -13.98
C GLY C 171 39.26 -15.24 -13.07
N VAL C 172 38.42 -14.89 -12.09
CA VAL C 172 37.78 -15.86 -11.21
C VAL C 172 36.93 -16.86 -12.01
N ALA C 173 36.14 -16.35 -12.96
CA ALA C 173 35.23 -17.17 -13.77
C ALA C 173 35.96 -18.21 -14.63
N LYS C 174 37.06 -17.81 -15.25
CA LYS C 174 37.82 -18.73 -16.09
C LYS C 174 38.31 -19.89 -15.24
N ILE C 175 38.81 -19.59 -14.04
CA ILE C 175 39.28 -20.61 -13.11
C ILE C 175 38.17 -21.54 -12.64
N ALA C 176 37.01 -20.97 -12.30
CA ALA C 176 35.88 -21.76 -11.83
C ALA C 176 35.32 -22.65 -12.93
N ARG C 177 35.37 -22.17 -14.16
CA ARG C 177 34.91 -22.92 -15.33
C ARG C 177 35.74 -24.19 -15.54
N LYS C 178 37.03 -24.10 -15.27
CA LYS C 178 37.97 -25.21 -15.44
C LYS C 178 37.70 -26.30 -14.40
N HIS C 179 37.32 -25.88 -13.19
CA HIS C 179 37.05 -26.80 -12.09
C HIS C 179 35.57 -27.11 -11.90
N GLY C 180 34.70 -26.44 -12.65
CA GLY C 180 33.24 -26.66 -12.53
C GLY C 180 32.58 -26.13 -11.27
N ALA C 181 33.11 -25.04 -10.71
CA ALA C 181 32.49 -24.34 -9.59
C ALA C 181 31.54 -23.23 -10.06
N THR C 182 30.56 -22.90 -9.21
CA THR C 182 29.58 -21.84 -9.50
C THR C 182 30.02 -20.52 -8.88
N VAL C 183 30.05 -19.48 -9.70
CA VAL C 183 30.52 -18.17 -9.28
C VAL C 183 29.32 -17.26 -8.97
N VAL C 184 29.21 -16.84 -7.71
CA VAL C 184 28.13 -15.97 -7.26
C VAL C 184 28.70 -14.63 -6.82
N VAL C 185 28.27 -13.58 -7.51
CA VAL C 185 28.73 -12.23 -7.19
C VAL C 185 27.59 -11.39 -6.59
N ASP C 186 27.83 -10.87 -5.39
CA ASP C 186 26.96 -9.87 -4.78
C ASP C 186 27.24 -8.54 -5.48
N ASN C 187 26.27 -8.10 -6.29
CA ASN C 187 26.42 -6.90 -7.12
C ASN C 187 25.70 -5.66 -6.56
N THR C 188 25.45 -5.68 -5.25
CA THR C 188 24.66 -4.62 -4.58
C THR C 188 25.19 -3.21 -4.84
N TYR C 189 26.49 -3.03 -4.66
CA TYR C 189 27.09 -1.69 -4.73
C TYR C 189 27.00 -1.03 -6.08
N CYS C 190 27.16 -1.81 -7.14
CA CYS C 190 27.22 -1.26 -8.49
C CYS C 190 25.87 -1.13 -9.16
N THR C 191 25.04 -2.15 -8.98
CA THR C 191 23.80 -2.38 -9.73
C THR C 191 24.14 -2.76 -11.16
N PRO C 192 23.19 -3.37 -11.89
CA PRO C 192 23.44 -3.71 -13.28
C PRO C 192 23.73 -2.47 -14.12
N TYR C 193 23.35 -1.29 -13.63
CA TYR C 193 23.65 -0.07 -14.39
C TYR C 193 25.15 0.21 -14.52
N LEU C 194 25.91 -0.18 -13.51
CA LEU C 194 27.34 0.10 -13.46
C LEU C 194 28.21 -1.11 -13.77
N GLN C 195 27.73 -2.31 -13.41
CA GLN C 195 28.53 -3.52 -13.57
C GLN C 195 27.62 -4.72 -13.76
N ARG C 196 28.00 -5.58 -14.70
CA ARG C 196 27.22 -6.76 -15.02
C ARG C 196 28.10 -8.01 -14.98
N PRO C 197 28.26 -8.61 -13.77
CA PRO C 197 29.16 -9.73 -13.59
C PRO C 197 28.83 -10.96 -14.44
N LEU C 198 27.57 -11.11 -14.83
CA LEU C 198 27.19 -12.22 -15.73
C LEU C 198 27.83 -12.09 -17.12
N GLU C 199 28.07 -10.86 -17.57
CA GLU C 199 28.76 -10.63 -18.83
C GLU C 199 30.26 -10.87 -18.68
N LEU C 200 30.73 -10.87 -17.45
CA LEU C 200 32.13 -11.16 -17.15
C LEU C 200 32.36 -12.64 -16.81
N GLY C 201 31.31 -13.46 -16.91
CA GLY C 201 31.40 -14.90 -16.67
C GLY C 201 30.85 -15.47 -15.36
N ALA C 202 30.45 -14.62 -14.43
CA ALA C 202 29.76 -15.13 -13.22
C ALA C 202 28.51 -15.94 -13.60
N ASP C 203 28.12 -16.86 -12.74
CA ASP C 203 26.94 -17.69 -12.99
C ASP C 203 25.68 -17.08 -12.37
N LEU C 204 25.84 -16.47 -11.20
CA LEU C 204 24.73 -15.86 -10.47
C LEU C 204 25.16 -14.52 -9.91
N VAL C 205 24.24 -13.56 -9.91
CA VAL C 205 24.42 -12.30 -9.19
C VAL C 205 23.31 -12.18 -8.16
N VAL C 206 23.65 -11.64 -6.99
CA VAL C 206 22.67 -11.42 -5.93
C VAL C 206 22.71 -9.94 -5.61
N HIS C 207 21.58 -9.41 -5.15
CA HIS C 207 21.47 -8.01 -4.80
C HIS C 207 20.70 -7.88 -3.53
N SER C 208 21.13 -6.96 -2.69
CA SER C 208 20.23 -6.34 -1.74
C SER C 208 19.54 -5.20 -2.47
N ALA C 209 18.32 -5.47 -2.94
CA ALA C 209 17.53 -4.47 -3.63
C ALA C 209 17.04 -3.41 -2.65
N THR C 210 17.18 -3.71 -1.36
CA THR C 210 16.99 -2.74 -0.27
C THR C 210 17.77 -1.47 -0.55
N1 LLP C 211 25.11 -7.39 0.68
C2 LLP C 211 25.41 -6.08 0.64
C2' LLP C 211 26.54 -5.63 -0.07
C3 LLP C 211 24.60 -5.20 1.36
O3 LLP C 211 24.96 -3.89 1.30
C4 LLP C 211 23.47 -5.59 2.11
C4' LLP C 211 22.68 -4.63 2.80
C5 LLP C 211 23.16 -6.97 2.14
C6 LLP C 211 23.99 -7.85 1.44
C5' LLP C 211 22.07 -7.51 2.86
OP4 LLP C 211 20.79 -7.13 2.33
P LLP C 211 19.40 -7.03 3.16
OP1 LLP C 211 18.42 -6.58 2.14
OP2 LLP C 211 19.73 -5.97 4.14
OP3 LLP C 211 19.19 -8.35 3.74
N LLP C 211 18.90 -1.59 -1.26
CA LLP C 211 19.84 -0.45 -1.40
CB LLP C 211 21.33 -0.93 -1.36
CG LLP C 211 21.57 -1.99 -0.23
CD LLP C 211 21.44 -1.39 1.17
CE LLP C 211 21.52 -2.47 2.28
NZ LLP C 211 22.77 -3.25 2.25
C LLP C 211 19.51 0.39 -2.67
O LLP C 211 18.41 0.93 -2.78
N TYR C 212 20.46 0.50 -3.59
CA TYR C 212 20.33 1.32 -4.78
C TYR C 212 19.13 1.00 -5.70
N LEU C 213 18.79 -0.29 -5.84
CA LEU C 213 17.70 -0.69 -6.73
C LEU C 213 16.38 -0.02 -6.33
N SER C 214 16.04 -0.13 -5.04
CA SER C 214 14.89 0.60 -4.49
C SER C 214 15.21 2.08 -4.53
N GLY C 215 16.39 2.42 -4.01
CA GLY C 215 16.86 3.80 -4.03
C GLY C 215 16.17 4.77 -3.09
N HIS C 216 15.11 4.35 -2.39
CA HIS C 216 14.36 5.32 -1.54
C HIS C 216 14.16 4.86 -0.11
N GLY C 217 14.89 3.82 0.29
CA GLY C 217 14.96 3.37 1.68
C GLY C 217 13.67 2.91 2.32
N ASP C 218 12.67 2.55 1.53
CA ASP C 218 11.37 2.22 2.07
C ASP C 218 10.98 0.77 1.89
N ILE C 219 11.83 -0.03 1.27
CA ILE C 219 11.56 -1.46 1.21
C ILE C 219 12.79 -2.28 1.56
N THR C 220 12.52 -3.51 1.98
CA THR C 220 13.56 -4.52 2.06
C THR C 220 13.27 -5.54 0.98
N ALA C 221 14.31 -5.89 0.19
CA ALA C 221 14.14 -6.84 -0.91
C ALA C 221 15.48 -7.44 -1.39
N GLY C 222 15.41 -8.62 -1.99
CA GLY C 222 16.57 -9.28 -2.60
C GLY C 222 16.27 -9.77 -4.01
N ILE C 223 17.31 -9.90 -4.84
CA ILE C 223 17.15 -10.38 -6.22
C ILE C 223 18.25 -11.38 -6.53
N VAL C 224 17.90 -12.49 -7.16
CA VAL C 224 18.90 -13.36 -7.76
C VAL C 224 18.70 -13.33 -9.26
N VAL C 225 19.80 -13.26 -10.01
CA VAL C 225 19.75 -13.38 -11.48
C VAL C 225 20.86 -14.34 -11.97
N GLY C 226 20.52 -15.23 -12.89
CA GLY C 226 21.48 -16.13 -13.52
C GLY C 226 20.75 -17.01 -14.51
N SER C 227 21.35 -18.16 -14.83
CA SER C 227 20.78 -19.10 -15.80
C SER C 227 19.42 -19.62 -15.31
N GLN C 228 18.59 -20.08 -16.24
CA GLN C 228 17.29 -20.70 -15.93
C GLN C 228 17.44 -21.90 -15.00
N ALA C 229 18.44 -22.74 -15.26
CA ALA C 229 18.65 -23.96 -14.47
C ALA C 229 19.00 -23.68 -13.00
N LEU C 230 19.87 -22.70 -12.76
CA LEU C 230 20.27 -22.33 -11.42
C LEU C 230 19.13 -21.63 -10.68
N VAL C 231 18.46 -20.70 -11.35
CA VAL C 231 17.39 -19.91 -10.72
C VAL C 231 16.19 -20.80 -10.35
N ASP C 232 15.85 -21.74 -11.23
CA ASP C 232 14.75 -22.67 -11.01
C ASP C 232 14.96 -23.47 -9.73
N ARG C 233 16.21 -23.91 -9.53
CA ARG C 233 16.61 -24.67 -8.34
C ARG C 233 16.51 -23.84 -7.07
N ILE C 234 17.07 -22.64 -7.12
CA ILE C 234 17.03 -21.69 -6.00
C ILE C 234 15.57 -21.34 -5.67
N ARG C 235 14.75 -21.07 -6.70
CA ARG C 235 13.31 -20.85 -6.48
C ARG C 235 12.61 -22.03 -5.77
N LEU C 236 12.84 -23.24 -6.31
CA LEU C 236 12.06 -24.41 -5.90
C LEU C 236 12.58 -25.12 -4.64
N GLN C 237 13.84 -24.88 -4.28
CA GLN C 237 14.41 -25.48 -3.07
C GLN C 237 14.69 -24.39 -2.05
N GLY C 238 15.67 -23.54 -2.36
CA GLY C 238 16.12 -22.48 -1.47
C GLY C 238 15.00 -21.58 -0.96
N LEU C 239 14.23 -21.01 -1.89
CA LEU C 239 13.15 -20.10 -1.50
C LEU C 239 11.97 -20.89 -0.91
N LYS C 240 11.43 -21.81 -1.71
CA LYS C 240 10.18 -22.49 -1.35
C LYS C 240 10.29 -23.35 -0.06
N ASP C 241 11.43 -24.01 0.15
CA ASP C 241 11.58 -24.96 1.23
C ASP C 241 12.49 -24.52 2.36
N MET C 242 13.52 -23.73 2.07
CA MET C 242 14.59 -23.53 3.06
C MET C 242 14.70 -22.14 3.72
N THR C 243 14.04 -21.14 3.13
CA THR C 243 14.06 -19.81 3.71
C THR C 243 12.67 -19.20 3.84
N GLY C 244 11.75 -19.53 2.91
CA GLY C 244 10.44 -18.88 2.87
C GLY C 244 10.53 -17.36 2.84
N ALA C 245 11.62 -16.84 2.25
CA ALA C 245 11.83 -15.38 2.12
C ALA C 245 11.04 -14.77 0.93
N VAL C 246 9.71 -14.79 1.06
CA VAL C 246 8.77 -14.32 0.04
C VAL C 246 8.65 -12.79 0.01
N LEU C 247 8.91 -12.19 -1.15
CA LEU C 247 8.76 -10.75 -1.31
C LEU C 247 7.29 -10.34 -1.47
N SER C 248 6.87 -9.33 -0.72
CA SER C 248 5.54 -8.73 -0.89
C SER C 248 5.33 -8.17 -2.28
N PRO C 249 4.18 -8.47 -2.92
CA PRO C 249 3.85 -7.82 -4.20
C PRO C 249 3.84 -6.28 -4.09
N HIS C 250 3.41 -5.73 -2.95
CA HIS C 250 3.44 -4.28 -2.75
C HIS C 250 4.89 -3.76 -2.74
N ASP C 251 5.78 -4.46 -2.06
CA ASP C 251 7.20 -4.08 -2.06
C ASP C 251 7.86 -4.30 -3.44
N ALA C 252 7.47 -5.36 -4.13
CA ALA C 252 7.93 -5.61 -5.50
C ALA C 252 7.56 -4.48 -6.46
N ALA C 253 6.30 -4.02 -6.40
CA ALA C 253 5.85 -2.87 -7.19
C ALA C 253 6.63 -1.57 -6.93
N LEU C 254 6.87 -1.28 -5.63
CA LEU C 254 7.74 -0.15 -5.21
C LEU C 254 9.16 -0.31 -5.75
N LEU C 255 9.71 -1.52 -5.67
CA LEU C 255 11.04 -1.82 -6.24
C LEU C 255 11.07 -1.51 -7.75
N MET C 256 10.07 -1.98 -8.49
CA MET C 256 9.98 -1.62 -9.93
C MET C 256 9.83 -0.10 -10.14
N ARG C 257 9.12 0.57 -9.24
CA ARG C 257 9.00 2.02 -9.32
C ARG C 257 10.41 2.64 -9.18
N GLY C 258 11.18 2.17 -8.20
CA GLY C 258 12.55 2.66 -8.00
C GLY C 258 13.47 2.42 -9.20
N ILE C 259 13.34 1.26 -9.81
CA ILE C 259 14.17 0.86 -10.95
C ILE C 259 13.95 1.75 -12.15
N LYS C 260 12.76 2.35 -12.28
CA LYS C 260 12.49 3.29 -13.37
C LYS C 260 13.40 4.52 -13.39
N THR C 261 14.05 4.84 -12.26
CA THR C 261 14.94 5.99 -12.20
C THR C 261 16.38 5.61 -11.87
N LEU C 262 16.71 4.32 -11.98
CA LEU C 262 18.02 3.82 -11.55
C LEU C 262 19.17 4.53 -12.26
N ASN C 263 19.12 4.58 -13.59
CA ASN C 263 20.17 5.22 -14.39
C ASN C 263 20.41 6.67 -13.93
N LEU C 264 19.30 7.36 -13.69
CA LEU C 264 19.31 8.75 -13.31
C LEU C 264 19.91 8.95 -11.92
N ARG C 265 19.47 8.15 -10.97
CA ARG C 265 19.95 8.23 -9.61
C ARG C 265 21.43 7.84 -9.51
N MET C 266 21.81 6.73 -10.15
CA MET C 266 23.23 6.30 -10.11
C MET C 266 24.15 7.38 -10.69
N ASP C 267 23.77 7.94 -11.84
CA ASP C 267 24.50 9.10 -12.41
C ASP C 267 24.75 10.18 -11.37
N ARG C 268 23.71 10.52 -10.60
CA ARG C 268 23.83 11.58 -9.60
C ARG C 268 24.60 11.13 -8.37
N HIS C 269 24.37 9.89 -7.91
CA HIS C 269 25.15 9.32 -6.81
C HIS C 269 26.66 9.40 -7.14
N CYS C 270 27.01 8.99 -8.35
CA CYS C 270 28.40 8.96 -8.82
C CYS C 270 28.97 10.36 -8.97
N ALA C 271 28.20 11.28 -9.53
CA ALA C 271 28.70 12.65 -9.72
C ALA C 271 28.95 13.34 -8.37
N ASN C 272 28.00 13.17 -7.45
CA ASN C 272 28.15 13.71 -6.10
C ASN C 272 29.35 13.08 -5.37
N ALA C 273 29.45 11.75 -5.44
CA ALA C 273 30.49 11.03 -4.72
C ALA C 273 31.87 11.47 -5.22
N GLN C 274 31.97 11.72 -6.53
CA GLN C 274 33.22 12.10 -7.18
C GLN C 274 33.71 13.45 -6.64
N VAL C 275 32.84 14.45 -6.65
CA VAL C 275 33.16 15.76 -6.07
C VAL C 275 33.61 15.61 -4.60
N LEU C 276 32.85 14.87 -3.77
CA LEU C 276 33.19 14.68 -2.36
C LEU C 276 34.54 13.98 -2.18
N ALA C 277 34.80 12.95 -2.98
CA ALA C 277 36.05 12.22 -2.91
C ALA C 277 37.23 13.12 -3.29
N GLU C 278 37.09 13.86 -4.40
CA GLU C 278 38.10 14.83 -4.83
C GLU C 278 38.35 15.88 -3.75
N PHE C 279 37.28 16.34 -3.09
CA PHE C 279 37.39 17.27 -1.97
C PHE C 279 38.13 16.66 -0.78
N LEU C 280 37.72 15.46 -0.37
CA LEU C 280 38.36 14.73 0.72
C LEU C 280 39.83 14.43 0.46
N ALA C 281 40.21 14.31 -0.81
CA ALA C 281 41.59 14.03 -1.22
C ALA C 281 42.55 15.12 -0.74
N ARG C 282 42.10 16.37 -0.88
CA ARG C 282 42.88 17.56 -0.53
C ARG C 282 42.69 18.04 0.93
N GLN C 283 42.41 17.13 1.85
CA GLN C 283 42.11 17.55 3.24
C GLN C 283 43.04 17.00 4.33
N PRO C 284 43.69 17.92 5.09
CA PRO C 284 44.63 17.63 6.18
C PRO C 284 44.20 16.50 7.12
N GLN C 285 42.93 16.48 7.50
CA GLN C 285 42.40 15.52 8.48
C GLN C 285 42.35 14.06 7.98
N VAL C 286 42.40 13.89 6.66
CA VAL C 286 42.21 12.58 6.01
C VAL C 286 43.53 11.89 5.72
N GLU C 287 43.75 10.73 6.34
CA GLU C 287 44.95 9.95 6.08
C GLU C 287 44.91 9.34 4.67
N LEU C 288 43.92 8.48 4.41
CA LEU C 288 43.74 7.89 3.08
C LEU C 288 42.27 7.78 2.66
N ILE C 289 42.04 7.71 1.34
CA ILE C 289 40.69 7.60 0.77
C ILE C 289 40.61 6.40 -0.15
N HIS C 290 39.57 5.58 0.03
CA HIS C 290 39.28 4.53 -0.93
C HIS C 290 38.04 4.91 -1.76
N TYR C 291 38.27 5.57 -2.89
CA TYR C 291 37.22 5.78 -3.90
C TYR C 291 37.75 5.31 -5.25
N PRO C 292 37.00 4.44 -5.94
CA PRO C 292 37.47 3.82 -7.18
C PRO C 292 37.72 4.81 -8.31
N GLY C 293 37.22 6.04 -8.16
CA GLY C 293 37.35 7.07 -9.19
C GLY C 293 38.52 8.02 -9.02
N LEU C 294 39.31 7.83 -7.98
CA LEU C 294 40.56 8.58 -7.82
C LEU C 294 41.69 7.86 -8.57
N ALA C 295 42.45 8.58 -9.38
CA ALA C 295 43.59 7.99 -10.09
C ALA C 295 44.54 7.21 -9.16
N SER C 296 44.55 7.59 -7.87
CA SER C 296 45.37 6.94 -6.85
C SER C 296 44.81 5.64 -6.27
N PHE C 297 43.58 5.28 -6.67
CA PHE C 297 42.97 4.01 -6.26
C PHE C 297 43.82 2.85 -6.76
N PRO C 298 44.25 1.94 -5.84
CA PRO C 298 45.19 0.87 -6.16
C PRO C 298 44.78 0.03 -7.35
N GLN C 299 43.47 -0.14 -7.53
CA GLN C 299 42.92 -0.96 -8.62
C GLN C 299 42.13 -0.13 -9.63
N TYR C 300 42.60 1.08 -9.91
CA TYR C 300 41.90 2.00 -10.80
C TYR C 300 41.59 1.33 -12.14
N THR C 301 42.54 0.54 -12.61
CA THR C 301 42.51 -0.19 -13.87
C THR C 301 41.41 -1.25 -13.94
N LEU C 302 41.42 -2.17 -12.98
CA LEU C 302 40.42 -3.23 -12.94
C LEU C 302 39.01 -2.67 -12.73
N ALA C 303 38.92 -1.59 -11.96
CA ALA C 303 37.65 -0.91 -11.68
C ALA C 303 37.02 -0.30 -12.93
N ARG C 304 37.85 0.34 -13.76
CA ARG C 304 37.38 0.91 -15.02
C ARG C 304 36.99 -0.15 -16.04
N GLN C 305 37.61 -1.33 -15.94
CA GLN C 305 37.26 -2.45 -16.81
C GLN C 305 35.91 -3.09 -16.46
N GLN C 306 35.58 -3.14 -15.18
CA GLN C 306 34.37 -3.81 -14.69
C GLN C 306 33.16 -2.88 -14.46
N MET C 307 33.44 -1.63 -14.08
CA MET C 307 32.43 -0.62 -13.73
C MET C 307 32.45 0.55 -14.70
N SER C 308 31.27 0.94 -15.20
CA SER C 308 31.18 2.09 -16.11
C SER C 308 31.32 3.42 -15.37
N GLN C 309 31.04 3.39 -14.07
CA GLN C 309 31.21 4.55 -13.22
C GLN C 309 31.74 4.08 -11.88
N PRO C 310 32.39 4.98 -11.14
CA PRO C 310 33.06 4.59 -9.89
C PRO C 310 32.19 4.47 -8.62
N GLY C 311 30.87 4.56 -8.73
CA GLY C 311 29.99 4.32 -7.56
C GLY C 311 29.64 5.53 -6.70
N GLY C 312 28.67 5.33 -5.80
CA GLY C 312 28.24 6.37 -4.87
C GLY C 312 28.80 6.20 -3.47
N MET C 313 29.70 5.23 -3.30
CA MET C 313 30.26 4.93 -1.98
C MET C 313 31.70 5.44 -1.83
N ILE C 314 31.98 6.08 -0.69
CA ILE C 314 33.34 6.48 -0.30
C ILE C 314 33.68 5.90 1.07
N ALA C 315 34.88 5.33 1.18
CA ALA C 315 35.51 5.07 2.47
C ALA C 315 36.76 5.95 2.62
N PHE C 316 36.98 6.44 3.84
CA PHE C 316 38.18 7.21 4.14
C PHE C 316 38.56 7.03 5.60
N GLU C 317 39.82 7.29 5.91
CA GLU C 317 40.29 7.13 7.29
C GLU C 317 40.71 8.50 7.83
N LEU C 318 40.24 8.80 9.04
CA LEU C 318 40.57 10.07 9.68
C LEU C 318 41.85 9.93 10.50
N LYS C 319 42.65 11.00 10.51
CA LYS C 319 43.76 11.09 11.44
C LYS C 319 43.18 11.50 12.79
N GLY C 320 43.37 10.65 13.79
CA GLY C 320 42.77 10.85 15.10
C GLY C 320 42.10 9.58 15.59
N GLY C 321 42.09 8.55 14.74
CA GLY C 321 41.55 7.24 15.10
C GLY C 321 40.08 7.32 15.50
N ILE C 322 39.70 6.57 16.53
CA ILE C 322 38.31 6.51 16.98
C ILE C 322 37.75 7.88 17.40
N GLY C 323 38.57 8.65 18.11
CA GLY C 323 38.16 9.94 18.65
C GLY C 323 37.69 10.93 17.61
N ALA C 324 38.48 11.08 16.54
CA ALA C 324 38.14 11.97 15.43
C ALA C 324 36.87 11.51 14.70
N GLY C 325 36.80 10.21 14.41
CA GLY C 325 35.59 9.57 13.87
C GLY C 325 34.32 9.94 14.63
N ARG C 326 34.33 9.80 15.95
CA ARG C 326 33.19 10.14 16.81
C ARG C 326 32.76 11.58 16.64
N ARG C 327 33.73 12.49 16.66
CA ARG C 327 33.47 13.91 16.56
C ARG C 327 32.99 14.29 15.17
N PHE C 328 33.51 13.61 14.14
CA PHE C 328 33.06 13.83 12.77
C PHE C 328 31.60 13.42 12.64
N MET C 329 31.28 12.21 13.10
CA MET C 329 29.95 11.63 12.98
C MET C 329 28.88 12.44 13.68
N ASN C 330 29.17 12.86 14.92
CA ASN C 330 28.21 13.59 15.73
C ASN C 330 28.00 15.02 15.27
N ALA C 331 28.97 15.56 14.53
CA ALA C 331 28.87 16.91 13.96
C ALA C 331 28.04 16.98 12.66
N LEU C 332 27.85 15.84 12.00
CA LEU C 332 27.09 15.78 10.74
C LEU C 332 25.64 16.22 10.93
N GLN C 333 25.19 17.13 10.07
CA GLN C 333 23.85 17.70 10.17
C GLN C 333 22.95 17.34 8.98
N LEU C 334 23.55 17.09 7.81
CA LEU C 334 22.79 16.72 6.62
C LEU C 334 22.86 15.21 6.38
N PHE C 335 24.08 14.69 6.23
CA PHE C 335 24.34 13.25 6.32
C PHE C 335 23.67 12.71 7.57
N SER C 336 23.08 11.51 7.48
CA SER C 336 22.50 10.84 8.64
C SER C 336 23.44 9.76 9.14
N ARG C 337 23.50 9.60 10.46
CA ARG C 337 24.20 8.51 11.12
C ARG C 337 23.33 7.26 11.04
N ALA C 338 23.73 6.31 10.23
CA ALA C 338 22.89 5.14 9.97
C ALA C 338 23.71 4.12 9.21
N VAL C 339 23.32 2.87 9.33
CA VAL C 339 23.87 1.82 8.48
C VAL C 339 22.98 1.79 7.25
N SER C 340 23.37 1.04 6.23
CA SER C 340 22.65 0.96 4.96
C SER C 340 23.27 1.90 3.98
N LEU C 341 22.75 1.86 2.75
CA LEU C 341 23.33 2.63 1.67
C LEU C 341 22.35 2.70 0.51
N GLY C 342 22.67 3.56 -0.46
CA GLY C 342 21.91 3.64 -1.70
C GLY C 342 20.55 4.30 -1.60
N ASP C 343 20.36 5.12 -0.57
CA ASP C 343 19.14 5.91 -0.40
C ASP C 343 19.32 7.27 -1.08
N ALA C 344 18.20 7.94 -1.37
CA ALA C 344 18.19 9.34 -1.77
C ALA C 344 18.94 10.25 -0.78
N GLU C 345 18.82 9.92 0.52
CA GLU C 345 19.49 10.68 1.56
C GLU C 345 20.89 10.15 1.87
N SER C 346 21.81 11.08 2.08
CA SER C 346 23.21 10.74 2.37
C SER C 346 23.35 10.11 3.73
N LEU C 347 24.06 8.99 3.77
CA LEU C 347 24.24 8.22 5.00
C LEU C 347 25.72 8.08 5.35
N ALA C 348 26.03 8.13 6.64
CA ALA C 348 27.39 7.93 7.10
C ALA C 348 27.45 7.00 8.30
N GLN C 349 28.49 6.19 8.34
CA GLN C 349 28.76 5.33 9.48
C GLN C 349 30.25 5.29 9.79
N HIS C 350 30.57 4.89 11.01
CA HIS C 350 31.95 4.79 11.50
C HIS C 350 31.97 3.54 12.35
N PRO C 351 32.30 2.38 11.74
CA PRO C 351 32.10 1.09 12.42
C PRO C 351 32.82 0.98 13.77
N ALA C 352 33.94 1.71 13.91
CA ALA C 352 34.68 1.74 15.18
C ALA C 352 33.81 2.17 16.37
N SER C 353 32.95 3.16 16.15
CA SER C 353 32.06 3.68 17.20
C SER C 353 30.59 3.32 17.03
N MET C 354 30.28 2.45 16.06
CA MET C 354 28.89 2.13 15.76
C MET C 354 28.63 0.62 15.69
N THR C 355 28.71 0.05 14.49
CA THR C 355 28.47 -1.38 14.28
C THR C 355 29.42 -2.29 15.07
N HIS C 356 30.70 -1.94 15.12
CA HIS C 356 31.70 -2.73 15.83
C HIS C 356 32.13 -2.03 17.13
N SER C 357 31.16 -1.85 18.02
CA SER C 357 31.37 -1.16 19.30
C SER C 357 31.86 -2.10 20.40
N SER C 358 31.20 -3.25 20.57
CA SER C 358 31.57 -4.22 21.60
C SER C 358 32.95 -4.84 21.31
N TYR C 359 33.38 -4.71 20.07
CA TYR C 359 34.73 -5.05 19.62
C TYR C 359 35.77 -4.12 20.24
N THR C 360 37.05 -4.48 20.11
CA THR C 360 38.16 -3.65 20.60
C THR C 360 39.28 -3.61 19.55
N PRO C 361 40.12 -2.54 19.58
CA PRO C 361 41.11 -2.23 18.54
C PRO C 361 41.77 -3.44 17.87
N GLU C 362 42.09 -4.47 18.66
CA GLU C 362 42.84 -5.64 18.22
C GLU C 362 42.01 -6.54 17.28
N GLU C 363 40.80 -6.88 17.72
CA GLU C 363 39.85 -7.68 16.93
C GLU C 363 39.44 -6.93 15.66
N ARG C 364 39.18 -5.62 15.81
CA ARG C 364 38.80 -4.75 14.70
C ARG C 364 39.82 -4.77 13.57
N ALA C 365 41.10 -4.72 13.94
CA ALA C 365 42.20 -4.73 12.99
C ALA C 365 42.20 -5.98 12.11
N HIS C 366 41.82 -7.12 12.70
CA HIS C 366 41.75 -8.41 11.99
C HIS C 366 40.77 -8.36 10.82
N TYR C 367 39.66 -7.64 11.00
CA TYR C 367 38.58 -7.60 10.00
C TYR C 367 38.73 -6.51 8.93
N GLY C 368 39.86 -5.81 8.95
CA GLY C 368 40.15 -4.74 7.99
C GLY C 368 39.57 -3.39 8.41
N ILE C 369 38.97 -3.36 9.60
CA ILE C 369 38.30 -2.16 10.11
C ILE C 369 39.23 -1.30 10.96
N SER C 370 39.68 -0.21 10.37
CA SER C 370 40.49 0.80 11.06
C SER C 370 39.69 1.55 12.14
N GLU C 371 40.41 2.20 13.04
CA GLU C 371 39.79 2.96 14.12
C GLU C 371 39.21 4.28 13.62
N GLY C 372 39.78 4.82 12.55
CA GLY C 372 39.30 6.09 12.00
C GLY C 372 38.58 5.97 10.67
N LEU C 373 38.17 4.75 10.30
CA LEU C 373 37.50 4.54 9.03
C LEU C 373 36.03 4.96 9.08
N VAL C 374 35.66 5.90 8.22
CA VAL C 374 34.26 6.27 8.03
C VAL C 374 33.83 5.97 6.58
N ARG C 375 32.66 5.35 6.46
CA ARG C 375 32.08 5.07 5.14
C ARG C 375 30.93 6.04 4.87
N LEU C 376 30.93 6.59 3.66
CA LEU C 376 29.87 7.47 3.20
C LEU C 376 29.08 6.86 2.06
N SER C 377 27.77 6.76 2.24
CA SER C 377 26.86 6.49 1.13
C SER C 377 26.36 7.83 0.64
N VAL C 378 26.85 8.27 -0.52
CA VAL C 378 26.60 9.63 -0.97
C VAL C 378 25.23 9.71 -1.63
N GLY C 379 24.40 10.65 -1.17
CA GLY C 379 23.00 10.73 -1.59
C GLY C 379 22.80 11.65 -2.77
N LEU C 380 21.56 12.09 -2.91
CA LEU C 380 21.13 12.83 -4.08
C LEU C 380 20.96 14.32 -3.78
N GLU C 381 21.28 14.74 -2.56
CA GLU C 381 21.14 16.17 -2.21
C GLU C 381 22.12 17.02 -3.05
N ASP C 382 21.89 18.32 -3.07
CA ASP C 382 22.78 19.29 -3.72
C ASP C 382 24.21 19.11 -3.17
N ILE C 383 25.17 19.02 -4.08
CA ILE C 383 26.56 18.75 -3.69
C ILE C 383 27.17 19.88 -2.82
N ASP C 384 26.74 21.11 -3.04
CA ASP C 384 27.18 22.23 -2.21
C ASP C 384 26.75 22.06 -0.76
N ASP C 385 25.55 21.53 -0.55
CA ASP C 385 25.08 21.31 0.80
C ASP C 385 25.85 20.17 1.43
N LEU C 386 26.15 19.15 0.63
CA LEU C 386 26.91 18.01 1.13
C LEU C 386 28.37 18.40 1.41
N LEU C 387 28.96 19.21 0.52
CA LEU C 387 30.30 19.75 0.76
C LEU C 387 30.35 20.52 2.08
N ALA C 388 29.41 21.44 2.27
CA ALA C 388 29.35 22.24 3.50
C ALA C 388 29.24 21.39 4.75
N ASP C 389 28.46 20.31 4.67
CA ASP C 389 28.27 19.42 5.81
C ASP C 389 29.54 18.64 6.16
N VAL C 390 30.25 18.17 5.13
CA VAL C 390 31.49 17.43 5.40
C VAL C 390 32.58 18.41 5.85
N GLN C 391 32.61 19.59 5.24
CA GLN C 391 33.55 20.66 5.61
C GLN C 391 33.46 20.96 7.11
N GLN C 392 32.28 21.35 7.58
CA GLN C 392 32.10 21.69 8.99
C GLN C 392 32.35 20.50 9.94
N ALA C 393 32.08 19.28 9.46
CA ALA C 393 32.30 18.09 10.28
C ALA C 393 33.79 17.72 10.38
N LEU C 394 34.54 18.07 9.34
CA LEU C 394 35.99 17.93 9.37
C LEU C 394 36.64 18.85 10.41
N LYS C 395 36.15 20.09 10.50
CA LYS C 395 36.60 21.04 11.51
C LYS C 395 36.38 20.53 12.93
N ALA C 396 35.19 19.97 13.17
CA ALA C 396 34.82 19.44 14.47
C ALA C 396 35.58 18.17 14.87
N SER C 397 36.17 17.47 13.89
CA SER C 397 36.94 16.25 14.15
C SER C 397 38.32 16.54 14.75
N ALA C 398 38.85 17.74 14.48
CA ALA C 398 40.09 18.21 15.09
C ALA C 398 39.91 18.31 16.61
N LEU D 7 -5.91 -10.35 31.15
CA LEU D 7 -7.19 -9.84 31.76
C LEU D 7 -8.21 -9.29 30.75
N PRO D 8 -7.84 -8.28 29.93
CA PRO D 8 -8.86 -7.87 28.95
C PRO D 8 -9.18 -9.01 27.98
N GLY D 9 -10.39 -9.01 27.45
CA GLY D 9 -10.87 -10.07 26.57
C GLY D 9 -10.04 -10.21 25.29
N PHE D 10 -10.12 -11.38 24.69
CA PHE D 10 -9.42 -11.67 23.44
C PHE D 10 -9.65 -10.64 22.33
N ALA D 11 -10.91 -10.28 22.08
CA ALA D 11 -11.28 -9.32 21.05
C ALA D 11 -10.73 -7.93 21.37
N THR D 12 -10.77 -7.56 22.67
CA THR D 12 -10.17 -6.29 23.09
C THR D 12 -8.68 -6.24 22.80
N ARG D 13 -7.97 -7.30 23.18
CA ARG D 13 -6.54 -7.39 22.91
C ARG D 13 -6.19 -7.47 21.41
N ALA D 14 -7.00 -8.16 20.62
CA ALA D 14 -6.73 -8.27 19.18
C ALA D 14 -6.84 -6.91 18.48
N ILE D 15 -7.58 -5.98 19.10
CA ILE D 15 -7.78 -4.64 18.60
C ILE D 15 -6.81 -3.60 19.17
N HIS D 16 -6.51 -3.70 20.47
CA HIS D 16 -5.78 -2.65 21.19
C HIS D 16 -4.37 -3.01 21.70
N HIS D 17 -4.11 -4.28 22.00
CA HIS D 17 -2.92 -4.61 22.79
C HIS D 17 -1.63 -3.98 22.23
N GLY D 18 -0.88 -3.31 23.09
CA GLY D 18 0.46 -2.81 22.76
C GLY D 18 0.46 -1.44 22.11
N TYR D 19 -0.72 -0.86 21.89
CA TYR D 19 -0.79 0.41 21.20
C TYR D 19 -1.58 1.44 21.99
N ASP D 20 -1.02 2.62 22.13
CA ASP D 20 -1.73 3.77 22.68
C ASP D 20 -1.57 4.92 21.70
N PRO D 21 -2.69 5.40 21.13
CA PRO D 21 -2.68 6.50 20.17
C PRO D 21 -1.88 7.72 20.65
N GLN D 22 -1.87 7.97 21.96
CA GLN D 22 -1.20 9.14 22.52
C GLN D 22 0.32 9.20 22.31
N ASP D 23 0.96 8.05 22.09
CA ASP D 23 2.38 8.02 21.77
C ASP D 23 2.67 8.29 20.30
N HIS D 24 1.64 8.30 19.46
CA HIS D 24 1.84 8.55 18.04
C HIS D 24 0.93 9.65 17.53
N GLY D 25 0.93 10.77 18.25
CA GLY D 25 0.18 11.98 17.88
C GLY D 25 -1.32 11.81 17.86
N GLY D 26 -1.81 10.83 18.62
CA GLY D 26 -3.24 10.55 18.69
C GLY D 26 -3.81 9.73 17.55
N ALA D 27 -2.94 9.14 16.72
CA ALA D 27 -3.41 8.38 15.56
C ALA D 27 -4.17 7.14 16.01
N LEU D 28 -5.44 7.00 15.60
CA LEU D 28 -6.23 5.82 16.02
C LEU D 28 -5.57 4.54 15.49
N VAL D 29 -5.21 4.55 14.21
CA VAL D 29 -4.52 3.44 13.57
C VAL D 29 -3.02 3.76 13.62
N PRO D 30 -2.20 2.81 14.07
CA PRO D 30 -0.74 3.05 14.18
C PRO D 30 -0.18 3.42 12.81
N PRO D 31 0.66 4.48 12.72
CA PRO D 31 1.31 4.78 11.41
C PRO D 31 2.17 3.60 10.96
N VAL D 32 2.33 3.44 9.66
CA VAL D 32 3.06 2.31 9.10
C VAL D 32 4.51 2.74 8.86
N TYR D 33 5.42 2.08 9.56
CA TYR D 33 6.85 2.36 9.42
C TYR D 33 7.45 1.67 8.20
N GLN D 34 7.11 2.16 7.01
CA GLN D 34 7.64 1.62 5.76
C GLN D 34 9.00 2.28 5.47
N THR D 35 10.00 1.83 6.21
CA THR D 35 11.34 2.35 6.12
C THR D 35 12.25 1.16 6.35
N ALA D 36 13.33 1.09 5.59
CA ALA D 36 14.34 0.05 5.72
C ALA D 36 15.29 0.37 6.87
N THR D 37 15.61 1.65 7.04
CA THR D 37 16.59 2.00 8.05
C THR D 37 16.17 3.12 9.00
N PHE D 38 16.86 3.13 10.15
CA PHE D 38 16.65 4.08 11.22
C PHE D 38 17.98 4.77 11.52
N THR D 39 17.91 6.04 11.86
CA THR D 39 19.10 6.84 12.11
C THR D 39 19.38 6.99 13.61
N PHE D 40 20.59 7.46 13.94
CA PHE D 40 21.01 7.69 15.34
C PHE D 40 21.37 9.15 15.58
N PRO D 41 20.94 9.71 16.74
CA PRO D 41 21.26 11.12 17.03
C PRO D 41 22.75 11.32 17.30
N THR D 42 23.40 10.28 17.84
CA THR D 42 24.85 10.25 18.08
C THR D 42 25.37 8.82 17.87
N VAL D 43 26.68 8.68 17.70
CA VAL D 43 27.32 7.36 17.55
C VAL D 43 27.22 6.45 18.78
N GLU D 44 27.16 7.03 19.98
CA GLU D 44 27.07 6.24 21.21
C GLU D 44 25.68 5.65 21.45
N TYR D 45 24.64 6.38 21.04
CA TYR D 45 23.28 5.87 21.02
C TYR D 45 23.20 4.66 20.09
N GLY D 46 23.86 4.76 18.95
CA GLY D 46 23.94 3.66 17.99
C GLY D 46 24.77 2.50 18.48
N ALA D 47 25.95 2.82 19.03
CA ALA D 47 26.90 1.84 19.58
C ALA D 47 26.25 0.86 20.56
N ALA D 48 25.41 1.40 21.44
CA ALA D 48 24.71 0.61 22.45
C ALA D 48 23.79 -0.45 21.83
N CYS D 49 23.07 -0.06 20.78
CA CYS D 49 22.10 -0.94 20.10
C CYS D 49 22.71 -2.25 19.62
N PHE D 50 23.89 -2.17 19.00
CA PHE D 50 24.58 -3.35 18.48
C PHE D 50 25.20 -4.18 19.62
N ALA D 51 24.49 -5.25 19.99
CA ALA D 51 24.81 -6.11 21.14
C ALA D 51 24.79 -5.32 22.46
N GLY D 52 23.60 -4.85 22.84
CA GLY D 52 23.38 -4.09 24.08
C GLY D 52 21.94 -3.59 24.19
N GLU D 53 21.63 -2.91 25.29
CA GLU D 53 20.25 -2.48 25.57
C GLU D 53 19.94 -1.01 25.29
N GLN D 54 19.00 -0.79 24.39
CA GLN D 54 18.44 0.52 24.04
C GLN D 54 17.04 0.30 23.47
N ALA D 55 16.14 1.27 23.69
CA ALA D 55 14.72 1.11 23.30
C ALA D 55 14.39 1.52 21.85
N GLY D 56 15.34 1.31 20.92
CA GLY D 56 15.16 1.77 19.54
C GLY D 56 15.39 0.75 18.43
N HIS D 57 15.60 1.25 17.21
CA HIS D 57 15.79 0.43 16.02
C HIS D 57 17.00 0.88 15.21
N PHE D 58 17.39 0.06 14.23
CA PHE D 58 18.48 0.39 13.31
C PHE D 58 18.27 -0.14 11.88
N TYR D 59 17.51 -1.23 11.76
CA TYR D 59 17.32 -1.89 10.47
C TYR D 59 16.12 -2.84 10.54
N SER D 60 15.20 -2.67 9.60
CA SER D 60 13.91 -3.40 9.60
C SER D 60 13.97 -4.93 9.43
N ARG D 61 15.08 -5.46 8.91
CA ARG D 61 15.31 -6.91 8.90
C ARG D 61 15.47 -7.47 10.32
N ILE D 62 16.15 -6.71 11.18
CA ILE D 62 16.32 -7.11 12.58
C ILE D 62 15.04 -6.82 13.38
N SER D 63 14.57 -5.55 13.36
CA SER D 63 13.25 -5.16 13.91
C SER D 63 12.73 -3.78 13.39
N ASN D 64 11.47 -3.46 13.68
CA ASN D 64 10.69 -2.33 13.09
C ASN D 64 9.41 -2.12 13.96
N PRO D 65 9.03 -0.87 14.31
CA PRO D 65 7.88 -0.65 15.23
C PRO D 65 6.51 -1.23 14.79
N THR D 66 6.23 -1.26 13.49
CA THR D 66 5.00 -1.87 12.96
C THR D 66 5.04 -3.37 13.21
N LEU D 67 6.17 -3.98 12.85
CA LEU D 67 6.44 -5.37 13.13
C LEU D 67 6.47 -5.68 14.64
N ASN D 68 7.13 -4.84 15.44
CA ASN D 68 7.10 -5.05 16.91
C ASN D 68 5.70 -5.07 17.51
N LEU D 69 4.83 -4.15 17.05
CA LEU D 69 3.43 -4.12 17.50
C LEU D 69 2.69 -5.41 17.13
N LEU D 70 2.80 -5.83 15.87
CA LEU D 70 2.24 -7.10 15.43
C LEU D 70 2.73 -8.24 16.31
N GLU D 71 4.02 -8.24 16.60
CA GLU D 71 4.64 -9.32 17.36
C GLU D 71 4.12 -9.31 18.78
N ALA D 72 4.00 -8.12 19.37
CA ALA D 72 3.48 -8.01 20.74
C ALA D 72 2.03 -8.44 20.80
N ARG D 73 1.25 -8.03 19.81
CA ARG D 73 -0.16 -8.38 19.79
C ARG D 73 -0.32 -9.90 19.61
N MET D 74 0.43 -10.50 18.68
CA MET D 74 0.38 -11.98 18.53
C MET D 74 0.81 -12.75 19.77
N ALA D 75 1.86 -12.27 20.45
CA ALA D 75 2.29 -12.87 21.73
C ALA D 75 1.16 -12.84 22.77
N SER D 76 0.54 -11.68 22.93
CA SER D 76 -0.60 -11.57 23.84
C SER D 76 -1.72 -12.58 23.51
N LEU D 77 -2.06 -12.71 22.22
CA LEU D 77 -3.16 -13.60 21.86
C LEU D 77 -2.83 -15.07 22.11
N GLU D 78 -1.57 -15.44 21.89
CA GLU D 78 -1.11 -16.81 22.18
C GLU D 78 -0.78 -17.01 23.66
N GLY D 79 -0.73 -15.93 24.42
CA GLY D 79 -0.38 -15.99 25.85
C GLY D 79 1.11 -16.21 26.08
N GLY D 80 1.92 -15.92 25.07
CA GLY D 80 3.38 -16.08 25.18
C GLY D 80 4.11 -14.77 25.44
N GLU D 81 5.41 -14.86 25.67
CA GLU D 81 6.19 -13.73 26.11
C GLU D 81 6.59 -12.80 24.95
N ALA D 82 6.99 -13.40 23.82
CA ALA D 82 7.56 -12.64 22.71
C ALA D 82 7.12 -13.21 21.37
N GLY D 83 7.11 -12.36 20.34
CA GLY D 83 6.62 -12.73 19.02
C GLY D 83 7.66 -12.34 17.98
N LEU D 84 7.61 -13.00 16.83
CA LEU D 84 8.49 -12.65 15.71
C LEU D 84 7.67 -12.73 14.44
N ALA D 85 7.74 -11.69 13.61
CA ALA D 85 7.01 -11.66 12.34
C ALA D 85 7.99 -11.92 11.19
N LEU D 86 7.58 -12.77 10.25
CA LEU D 86 8.43 -13.19 9.14
C LEU D 86 7.64 -13.20 7.85
N ALA D 87 8.35 -13.27 6.72
CA ALA D 87 7.78 -13.15 5.38
C ALA D 87 6.77 -14.22 4.96
N SER D 88 6.75 -15.36 5.66
CA SER D 88 5.85 -16.48 5.35
C SER D 88 5.82 -17.47 6.48
N GLY D 89 4.80 -18.35 6.48
CA GLY D 89 4.76 -19.48 7.40
C GLY D 89 6.02 -20.36 7.29
N MET D 90 6.50 -20.55 6.06
CA MET D 90 7.72 -21.32 5.84
C MET D 90 8.93 -20.62 6.42
N GLY D 91 8.92 -19.29 6.33
CA GLY D 91 9.91 -18.41 6.96
C GLY D 91 9.94 -18.62 8.47
N ALA D 92 8.78 -18.74 9.09
CA ALA D 92 8.67 -19.00 10.54
C ALA D 92 9.27 -20.35 10.89
N ILE D 93 8.87 -21.37 10.13
CA ILE D 93 9.26 -22.76 10.35
C ILE D 93 10.79 -22.94 10.14
N THR D 94 11.30 -22.45 9.01
CA THR D 94 12.72 -22.58 8.70
C THR D 94 13.59 -21.75 9.65
N SER D 95 13.23 -20.49 9.88
CA SER D 95 13.99 -19.67 10.81
C SER D 95 14.07 -20.36 12.18
N THR D 96 12.95 -20.93 12.64
CA THR D 96 12.89 -21.65 13.93
C THR D 96 13.81 -22.88 13.95
N LEU D 97 13.59 -23.78 13.00
CA LEU D 97 14.32 -25.04 13.00
C LEU D 97 15.81 -24.89 12.71
N TRP D 98 16.17 -23.96 11.80
CA TRP D 98 17.59 -23.65 11.50
C TRP D 98 18.32 -23.15 12.74
N THR D 99 17.63 -22.43 13.62
CA THR D 99 18.30 -21.97 14.84
C THR D 99 18.37 -23.02 15.96
N LEU D 100 17.38 -23.89 16.05
CA LEU D 100 17.30 -24.85 17.15
C LEU D 100 18.09 -26.15 16.93
N LEU D 101 18.45 -26.43 15.68
CA LEU D 101 18.99 -27.74 15.32
C LEU D 101 20.36 -27.66 14.68
N ARG D 102 21.19 -28.67 14.92
CA ARG D 102 22.55 -28.78 14.36
C ARG D 102 22.83 -30.26 14.04
N PRO D 103 23.85 -30.57 13.20
CA PRO D 103 24.12 -31.97 12.84
C PRO D 103 24.25 -32.89 14.05
N GLY D 104 23.67 -34.08 13.96
CA GLY D 104 23.62 -34.99 15.10
C GLY D 104 22.37 -34.85 15.97
N ASP D 105 21.73 -33.69 15.91
CA ASP D 105 20.44 -33.51 16.57
C ASP D 105 19.39 -34.35 15.87
N GLU D 106 18.47 -34.90 16.67
CA GLU D 106 17.34 -35.64 16.15
C GLU D 106 16.10 -34.79 16.37
N VAL D 107 15.25 -34.72 15.36
CA VAL D 107 13.95 -34.08 15.51
C VAL D 107 12.85 -35.12 15.33
N LEU D 108 11.93 -35.15 16.28
CA LEU D 108 10.78 -36.03 16.18
C LEU D 108 9.57 -35.32 15.58
N LEU D 109 8.94 -35.99 14.61
CA LEU D 109 7.99 -35.38 13.70
C LEU D 109 6.62 -36.04 13.77
N GLY D 110 5.56 -35.25 13.65
CA GLY D 110 4.21 -35.80 13.47
C GLY D 110 4.22 -36.67 12.22
N ASN D 111 3.35 -37.66 12.18
CA ASN D 111 3.35 -38.62 11.08
C ASN D 111 3.03 -37.98 9.73
N THR D 112 2.24 -36.92 9.75
CA THR D 112 1.91 -36.18 8.53
C THR D 112 2.10 -34.69 8.74
N LEU D 113 2.60 -34.02 7.73
CA LEU D 113 2.97 -32.61 7.83
C LEU D 113 2.58 -31.85 6.56
N TYR D 114 2.30 -30.55 6.70
CA TYR D 114 2.21 -29.67 5.54
C TYR D 114 3.35 -29.99 4.56
N GLY D 115 3.01 -30.08 3.27
CA GLY D 115 3.95 -30.56 2.23
C GLY D 115 5.29 -29.85 2.11
N HIS D 116 5.30 -28.52 2.18
CA HIS D 116 6.60 -27.84 2.09
C HIS D 116 7.39 -28.01 3.37
N THR D 117 6.70 -28.18 4.49
CA THR D 117 7.37 -28.50 5.74
C THR D 117 8.10 -29.84 5.61
N PHE D 118 7.38 -30.85 5.08
CA PHE D 118 7.93 -32.18 4.82
C PHE D 118 9.11 -32.04 3.88
N ALA D 119 8.94 -31.23 2.83
CA ALA D 119 10.02 -31.04 1.87
C ALA D 119 11.23 -30.38 2.53
N PHE D 120 11.00 -29.33 3.33
CA PHE D 120 12.07 -28.72 4.10
C PHE D 120 12.80 -29.74 4.97
N LEU D 121 12.06 -30.52 5.76
CA LEU D 121 12.70 -31.50 6.63
C LEU D 121 13.50 -32.54 5.85
N HIS D 122 12.86 -33.21 4.90
CA HIS D 122 13.54 -34.32 4.21
C HIS D 122 14.56 -33.94 3.13
N HIS D 123 14.31 -32.83 2.43
CA HIS D 123 15.23 -32.43 1.36
C HIS D 123 16.06 -31.19 1.67
N GLY D 124 15.77 -30.56 2.81
CA GLY D 124 16.51 -29.37 3.23
C GLY D 124 17.43 -29.65 4.41
N ILE D 125 16.94 -29.37 5.61
CA ILE D 125 17.73 -29.50 6.83
C ILE D 125 18.18 -30.96 7.14
N GLY D 126 17.35 -31.94 6.77
CA GLY D 126 17.68 -33.38 6.93
C GLY D 126 18.85 -33.83 6.06
N GLU D 127 19.14 -33.08 5.00
CA GLU D 127 20.28 -33.33 4.13
C GLU D 127 21.54 -32.63 4.65
N PHE D 128 21.40 -31.94 5.78
CA PHE D 128 22.53 -31.29 6.44
C PHE D 128 22.93 -31.95 7.77
N GLY D 129 22.59 -33.22 7.94
CA GLY D 129 23.09 -34.02 9.07
C GLY D 129 22.18 -34.04 10.29
N VAL D 130 20.99 -33.47 10.13
CA VAL D 130 19.99 -33.48 11.19
C VAL D 130 19.15 -34.72 10.99
N LYS D 131 18.96 -35.49 12.05
CA LYS D 131 18.26 -36.77 11.95
C LYS D 131 16.75 -36.59 12.14
N LEU D 132 15.97 -37.28 11.32
CA LEU D 132 14.50 -37.17 11.35
C LEU D 132 13.87 -38.49 11.71
N ARG D 133 12.82 -38.45 12.53
CA ARG D 133 11.96 -39.61 12.68
C ARG D 133 10.50 -39.19 12.83
N HIS D 134 9.61 -39.89 12.13
CA HIS D 134 8.17 -39.66 12.26
C HIS D 134 7.57 -40.57 13.32
N VAL D 135 6.71 -40.01 14.15
CA VAL D 135 5.97 -40.75 15.17
C VAL D 135 4.51 -40.25 15.18
N ASP D 136 3.60 -41.11 15.65
CA ASP D 136 2.21 -40.70 15.87
C ASP D 136 2.10 -39.98 17.22
N MET D 137 2.04 -38.65 17.15
CA MET D 137 1.97 -37.77 18.32
C MET D 137 0.75 -37.99 19.21
N ALA D 138 -0.22 -38.75 18.72
CA ALA D 138 -1.37 -39.16 19.53
C ALA D 138 -1.05 -40.41 20.35
N ASP D 139 0.01 -41.12 19.97
CA ASP D 139 0.40 -42.36 20.65
C ASP D 139 1.51 -42.06 21.65
N LEU D 140 1.10 -41.71 22.86
CA LEU D 140 2.00 -41.29 23.93
C LEU D 140 3.09 -42.31 24.27
N GLN D 141 2.72 -43.60 24.28
CA GLN D 141 3.67 -44.71 24.47
C GLN D 141 4.74 -44.75 23.37
N ALA D 142 4.29 -44.63 22.12
CA ALA D 142 5.21 -44.68 20.97
C ALA D 142 6.15 -43.49 20.95
N LEU D 143 5.63 -42.31 21.28
CA LEU D 143 6.45 -41.10 21.43
C LEU D 143 7.52 -41.29 22.52
N GLU D 144 7.10 -41.76 23.70
CA GLU D 144 8.03 -42.11 24.78
C GLU D 144 9.14 -43.04 24.26
N ALA D 145 8.75 -44.11 23.58
CA ALA D 145 9.69 -45.10 23.04
C ALA D 145 10.62 -44.52 21.97
N ALA D 146 10.19 -43.44 21.33
CA ALA D 146 10.98 -42.84 20.27
C ALA D 146 12.03 -41.84 20.76
N MET D 147 11.87 -41.39 22.00
CA MET D 147 12.78 -40.40 22.59
C MET D 147 14.18 -40.98 22.75
N THR D 148 15.18 -40.25 22.28
CA THR D 148 16.59 -40.64 22.42
C THR D 148 17.42 -39.51 23.06
N PRO D 149 18.73 -39.77 23.33
CA PRO D 149 19.58 -38.70 23.85
C PRO D 149 19.67 -37.53 22.86
N ALA D 150 19.60 -37.86 21.57
CA ALA D 150 19.78 -36.88 20.50
C ALA D 150 18.51 -36.06 20.16
N THR D 151 17.38 -36.38 20.79
CA THR D 151 16.11 -35.66 20.51
C THR D 151 16.14 -34.25 21.06
N ARG D 152 16.28 -33.29 20.15
CA ARG D 152 16.35 -31.90 20.50
C ARG D 152 14.97 -31.24 20.37
N VAL D 153 14.23 -31.60 19.33
CA VAL D 153 12.89 -30.99 19.10
C VAL D 153 11.80 -31.97 18.67
N ILE D 154 10.60 -31.71 19.17
CA ILE D 154 9.39 -32.39 18.76
C ILE D 154 8.56 -31.32 18.04
N TYR D 155 8.26 -31.62 16.78
CA TYR D 155 7.56 -30.69 15.91
C TYR D 155 6.35 -31.42 15.30
N PHE D 156 5.18 -30.78 15.42
CA PHE D 156 3.96 -31.28 14.80
C PHE D 156 2.94 -30.16 14.58
N GLU D 157 1.92 -30.47 13.77
CA GLU D 157 0.73 -29.64 13.60
C GLU D 157 -0.40 -30.34 14.30
N SER D 158 -1.33 -29.59 14.85
CA SER D 158 -2.54 -30.18 15.41
C SER D 158 -3.70 -29.19 15.32
N PRO D 159 -4.80 -29.55 14.62
CA PRO D 159 -4.96 -30.77 13.82
C PRO D 159 -4.01 -30.76 12.64
N ALA D 160 -3.65 -31.96 12.18
CA ALA D 160 -2.71 -32.14 11.10
C ALA D 160 -3.41 -32.58 9.83
N ASN D 161 -2.96 -32.01 8.72
CA ASN D 161 -3.19 -32.61 7.42
C ASN D 161 -2.77 -34.06 7.39
N PRO D 162 -3.51 -34.89 6.62
CA PRO D 162 -4.61 -34.38 5.82
C PRO D 162 -5.97 -34.73 6.40
N ASN D 163 -5.99 -35.62 7.39
CA ASN D 163 -7.20 -36.14 7.97
C ASN D 163 -7.60 -35.49 9.30
N MET D 164 -6.96 -34.36 9.63
CA MET D 164 -7.23 -33.61 10.87
C MET D 164 -6.82 -34.37 12.16
N HIS D 165 -5.84 -35.27 12.02
CA HIS D 165 -5.31 -36.00 13.17
C HIS D 165 -4.75 -35.02 14.21
N MET D 166 -5.10 -35.24 15.46
CA MET D 166 -4.62 -34.38 16.53
C MET D 166 -3.62 -35.06 17.43
N ALA D 167 -2.89 -34.23 18.17
CA ALA D 167 -1.96 -34.68 19.20
C ALA D 167 -2.43 -34.15 20.55
N ASP D 168 -2.22 -34.92 21.61
CA ASP D 168 -2.47 -34.41 22.97
C ASP D 168 -1.26 -33.55 23.38
N ILE D 169 -1.37 -32.23 23.20
CA ILE D 169 -0.23 -31.30 23.39
C ILE D 169 0.38 -31.37 24.81
N ALA D 170 -0.47 -31.34 25.83
CA ALA D 170 -0.01 -31.41 27.23
C ALA D 170 0.69 -32.74 27.48
N GLY D 171 0.14 -33.81 26.90
CA GLY D 171 0.73 -35.14 26.92
C GLY D 171 2.12 -35.19 26.30
N VAL D 172 2.29 -34.68 25.09
CA VAL D 172 3.64 -34.68 24.53
C VAL D 172 4.62 -33.74 25.27
N ALA D 173 4.09 -32.63 25.77
CA ALA D 173 4.90 -31.66 26.54
C ALA D 173 5.46 -32.30 27.80
N LYS D 174 4.62 -33.08 28.49
CA LYS D 174 5.04 -33.85 29.64
C LYS D 174 6.21 -34.77 29.32
N ILE D 175 6.14 -35.46 28.18
CA ILE D 175 7.23 -36.35 27.74
C ILE D 175 8.51 -35.56 27.40
N ALA D 176 8.31 -34.42 26.74
CA ALA D 176 9.39 -33.51 26.39
C ALA D 176 10.10 -32.94 27.63
N ARG D 177 9.33 -32.59 28.65
CA ARG D 177 9.88 -32.12 29.93
C ARG D 177 10.74 -33.20 30.57
N LYS D 178 10.22 -34.42 30.60
CA LYS D 178 10.91 -35.56 31.19
C LYS D 178 12.28 -35.78 30.49
N HIS D 179 12.30 -35.76 29.17
CA HIS D 179 13.53 -36.04 28.43
C HIS D 179 14.41 -34.84 28.09
N GLY D 180 13.87 -33.62 28.17
CA GLY D 180 14.64 -32.41 27.83
C GLY D 180 14.60 -31.99 26.35
N ALA D 181 13.43 -32.09 25.72
CA ALA D 181 13.24 -31.66 24.33
C ALA D 181 12.40 -30.37 24.24
N THR D 182 12.56 -29.67 23.11
CA THR D 182 11.81 -28.46 22.83
C THR D 182 10.59 -28.82 21.94
N VAL D 183 9.41 -28.35 22.34
CA VAL D 183 8.16 -28.65 21.62
C VAL D 183 7.77 -27.45 20.76
N VAL D 184 7.66 -27.68 19.46
CA VAL D 184 7.14 -26.63 18.58
C VAL D 184 5.90 -27.09 17.80
N VAL D 185 4.85 -26.29 17.91
CA VAL D 185 3.56 -26.63 17.34
C VAL D 185 3.18 -25.63 16.23
N ASP D 186 2.82 -26.17 15.08
CA ASP D 186 2.26 -25.37 14.02
C ASP D 186 0.77 -25.20 14.35
N ASN D 187 0.40 -24.01 14.82
CA ASN D 187 -0.96 -23.70 15.27
C ASN D 187 -1.81 -22.98 14.20
N THR D 188 -1.45 -23.16 12.92
CA THR D 188 -2.04 -22.40 11.80
C THR D 188 -3.57 -22.56 11.72
N TYR D 189 -4.02 -23.81 11.72
CA TYR D 189 -5.43 -24.16 11.56
C TYR D 189 -6.34 -23.58 12.64
N CYS D 190 -5.89 -23.64 13.88
CA CYS D 190 -6.73 -23.20 14.99
C CYS D 190 -6.72 -21.69 15.19
N THR D 191 -5.52 -21.10 15.07
CA THR D 191 -5.24 -19.74 15.58
C THR D 191 -5.29 -19.74 17.11
N PRO D 192 -4.69 -18.71 17.74
CA PRO D 192 -4.74 -18.52 19.19
C PRO D 192 -6.16 -18.40 19.71
N TYR D 193 -7.07 -18.03 18.82
CA TYR D 193 -8.47 -17.88 19.18
C TYR D 193 -9.13 -19.21 19.59
N LEU D 194 -8.72 -20.31 18.95
CA LEU D 194 -9.29 -21.64 19.23
C LEU D 194 -8.38 -22.55 20.06
N GLN D 195 -7.07 -22.29 20.02
CA GLN D 195 -6.10 -23.19 20.65
C GLN D 195 -4.82 -22.46 21.00
N ARG D 196 -4.35 -22.65 22.23
CA ARG D 196 -3.13 -21.98 22.66
C ARG D 196 -2.14 -23.03 23.17
N PRO D 197 -1.35 -23.62 22.25
CA PRO D 197 -0.43 -24.70 22.62
C PRO D 197 0.58 -24.30 23.71
N LEU D 198 0.91 -23.01 23.79
CA LEU D 198 1.86 -22.52 24.80
C LEU D 198 1.30 -22.69 26.22
N GLU D 199 -0.01 -22.55 26.36
CA GLU D 199 -0.68 -22.74 27.64
C GLU D 199 -0.81 -24.23 27.99
N LEU D 200 -0.44 -25.08 27.03
CA LEU D 200 -0.45 -26.52 27.21
C LEU D 200 0.97 -27.11 27.31
N GLY D 201 1.98 -26.25 27.46
CA GLY D 201 3.35 -26.73 27.65
C GLY D 201 4.27 -26.76 26.43
N ALA D 202 3.75 -26.42 25.25
CA ALA D 202 4.65 -26.17 24.11
C ALA D 202 5.56 -24.99 24.41
N ASP D 203 6.77 -25.03 23.85
CA ASP D 203 7.76 -23.97 23.96
C ASP D 203 7.57 -22.91 22.86
N LEU D 204 7.21 -23.36 21.66
CA LEU D 204 7.06 -22.45 20.51
C LEU D 204 5.82 -22.80 19.71
N VAL D 205 5.17 -21.76 19.18
CA VAL D 205 4.11 -21.94 18.20
C VAL D 205 4.50 -21.17 16.96
N VAL D 206 4.29 -21.77 15.79
CA VAL D 206 4.53 -21.11 14.54
C VAL D 206 3.18 -21.04 13.79
N HIS D 207 3.05 -20.01 12.95
CA HIS D 207 1.84 -19.79 12.15
C HIS D 207 2.17 -19.44 10.73
N SER D 208 1.39 -19.96 9.78
CA SER D 208 1.23 -19.30 8.51
C SER D 208 0.13 -18.24 8.71
N ALA D 209 0.56 -16.99 8.94
CA ALA D 209 -0.36 -15.87 9.07
C ALA D 209 -1.02 -15.54 7.73
N THR D 210 -0.49 -16.12 6.65
CA THR D 210 -1.12 -16.09 5.33
C THR D 210 -2.58 -16.57 5.36
N1 LLP D 211 1.83 -24.74 7.81
C2 LLP D 211 0.51 -24.86 7.53
C2' LLP D 211 -0.30 -25.65 8.36
C3 LLP D 211 -0.01 -24.18 6.44
O3 LLP D 211 -1.36 -24.29 6.17
C4 LLP D 211 0.77 -23.38 5.59
C4' LLP D 211 0.17 -22.72 4.48
C5 LLP D 211 2.15 -23.27 5.86
C6 LLP D 211 2.67 -23.96 6.97
C5' LLP D 211 3.06 -22.50 5.07
OP4 LLP D 211 2.76 -21.10 5.07
P LLP D 211 3.24 -20.06 3.96
OP1 LLP D 211 2.77 -18.81 4.56
OP2 LLP D 211 2.51 -20.50 2.75
OP3 LLP D 211 4.70 -20.24 3.87
N LLP D 211 -2.89 -17.46 6.30
CA LLP D 211 -4.20 -18.13 6.36
CB LLP D 211 -4.04 -19.62 6.80
CG LLP D 211 -2.79 -20.25 6.14
CD LLP D 211 -2.93 -20.47 4.62
CE LLP D 211 -1.64 -21.11 3.99
NZ LLP D 211 -1.28 -22.43 4.57
C LLP D 211 -5.18 -17.34 7.25
O LLP D 211 -5.39 -16.16 6.99
N TYR D 212 -5.74 -17.96 8.30
CA TYR D 212 -6.82 -17.35 9.08
C TYR D 212 -6.48 -16.00 9.72
N LEU D 213 -5.23 -15.85 10.16
CA LEU D 213 -4.81 -14.62 10.85
C LEU D 213 -5.00 -13.37 9.96
N SER D 214 -4.45 -13.41 8.74
CA SER D 214 -4.77 -12.44 7.70
C SER D 214 -6.28 -12.46 7.39
N GLY D 215 -6.78 -13.65 7.11
CA GLY D 215 -8.19 -13.89 6.81
C GLY D 215 -8.71 -13.48 5.45
N HIS D 216 -7.94 -12.72 4.68
CA HIS D 216 -8.43 -12.11 3.44
C HIS D 216 -7.61 -12.44 2.19
N GLY D 217 -6.61 -13.31 2.35
CA GLY D 217 -5.90 -13.88 1.21
C GLY D 217 -5.00 -12.93 0.45
N ASP D 218 -4.68 -11.79 1.04
CA ASP D 218 -3.93 -10.79 0.30
C ASP D 218 -2.49 -10.63 0.75
N ILE D 219 -2.06 -11.35 1.77
CA ILE D 219 -0.66 -11.23 2.20
C ILE D 219 -0.08 -12.61 2.48
N THR D 220 1.25 -12.69 2.39
CA THR D 220 1.96 -13.86 2.85
C THR D 220 2.69 -13.42 4.10
N ALA D 221 2.66 -14.26 5.14
CA ALA D 221 3.30 -13.90 6.42
C ALA D 221 3.39 -15.07 7.36
N GLY D 222 4.39 -15.00 8.24
CA GLY D 222 4.59 -15.98 9.31
C GLY D 222 4.75 -15.33 10.68
N ILE D 223 4.41 -16.10 11.72
CA ILE D 223 4.54 -15.66 13.10
C ILE D 223 5.20 -16.76 13.93
N VAL D 224 6.13 -16.37 14.82
CA VAL D 224 6.63 -17.28 15.86
C VAL D 224 6.29 -16.64 17.19
N VAL D 225 5.78 -17.44 18.14
CA VAL D 225 5.59 -16.95 19.53
C VAL D 225 6.18 -17.95 20.54
N GLY D 226 6.81 -17.42 21.60
CA GLY D 226 7.37 -18.25 22.68
C GLY D 226 8.05 -17.39 23.72
N SER D 227 9.00 -17.98 24.47
CA SER D 227 9.78 -17.20 25.45
C SER D 227 10.63 -16.15 24.74
N GLN D 228 10.93 -15.06 25.43
CA GLN D 228 11.90 -14.08 24.96
C GLN D 228 13.23 -14.72 24.55
N ALA D 229 13.71 -15.70 25.33
CA ALA D 229 14.99 -16.37 25.09
C ALA D 229 15.03 -17.11 23.75
N LEU D 230 14.03 -17.94 23.47
CA LEU D 230 13.95 -18.66 22.20
C LEU D 230 13.77 -17.71 21.04
N VAL D 231 12.79 -16.80 21.16
CA VAL D 231 12.45 -15.90 20.09
C VAL D 231 13.62 -14.98 19.71
N ASP D 232 14.31 -14.45 20.73
CA ASP D 232 15.51 -13.64 20.52
C ASP D 232 16.53 -14.38 19.66
N ARG D 233 16.81 -15.64 19.98
CA ARG D 233 17.73 -16.45 19.17
C ARG D 233 17.23 -16.66 17.74
N ILE D 234 15.93 -16.94 17.60
CA ILE D 234 15.35 -17.13 16.26
C ILE D 234 15.47 -15.83 15.43
N ARG D 235 15.15 -14.71 16.07
CA ARG D 235 15.32 -13.39 15.46
C ARG D 235 16.76 -13.16 14.97
N LEU D 236 17.72 -13.33 15.89
CA LEU D 236 19.11 -12.94 15.67
C LEU D 236 19.92 -13.96 14.86
N GLN D 237 19.45 -15.20 14.78
CA GLN D 237 20.15 -16.20 13.97
C GLN D 237 19.33 -16.64 12.76
N GLY D 238 18.23 -17.34 13.00
CA GLY D 238 17.40 -17.86 11.93
C GLY D 238 16.94 -16.82 10.92
N LEU D 239 16.31 -15.75 11.41
CA LEU D 239 15.84 -14.68 10.55
C LEU D 239 17.00 -13.82 10.02
N LYS D 240 17.76 -13.21 10.93
CA LYS D 240 18.80 -12.29 10.52
C LYS D 240 19.86 -12.92 9.60
N ASP D 241 20.32 -14.12 9.96
CA ASP D 241 21.45 -14.75 9.26
C ASP D 241 21.04 -15.86 8.32
N MET D 242 20.05 -16.66 8.69
CA MET D 242 19.85 -17.91 7.94
C MET D 242 18.71 -17.96 6.89
N THR D 243 17.73 -17.06 7.00
CA THR D 243 16.66 -17.03 6.00
C THR D 243 16.45 -15.65 5.34
N GLY D 244 16.70 -14.56 6.08
CA GLY D 244 16.40 -13.20 5.61
C GLY D 244 14.92 -13.06 5.23
N ALA D 245 14.06 -13.84 5.88
CA ALA D 245 12.62 -13.82 5.60
C ALA D 245 11.93 -12.64 6.31
N VAL D 246 12.26 -11.43 5.87
CA VAL D 246 11.70 -10.18 6.44
C VAL D 246 10.27 -9.91 5.98
N LEU D 247 9.36 -9.65 6.93
CA LEU D 247 8.00 -9.20 6.60
C LEU D 247 7.97 -7.70 6.28
N SER D 248 7.35 -7.35 5.16
CA SER D 248 7.01 -5.97 4.81
C SER D 248 6.19 -5.30 5.92
N PRO D 249 6.54 -4.04 6.27
CA PRO D 249 5.69 -3.32 7.22
C PRO D 249 4.28 -3.11 6.65
N HIS D 250 4.17 -2.95 5.33
CA HIS D 250 2.88 -2.84 4.68
C HIS D 250 2.01 -4.09 4.90
N ASP D 251 2.59 -5.27 4.68
CA ASP D 251 1.88 -6.52 4.94
C ASP D 251 1.61 -6.77 6.45
N ALA D 252 2.54 -6.37 7.30
CA ALA D 252 2.34 -6.49 8.76
C ALA D 252 1.13 -5.68 9.22
N ALA D 253 0.98 -4.50 8.63
CA ALA D 253 -0.17 -3.63 8.94
C ALA D 253 -1.48 -4.22 8.44
N LEU D 254 -1.47 -4.81 7.25
CA LEU D 254 -2.66 -5.52 6.75
C LEU D 254 -3.00 -6.73 7.62
N LEU D 255 -1.97 -7.38 8.14
CA LEU D 255 -2.13 -8.54 9.03
C LEU D 255 -2.84 -8.14 10.33
N MET D 256 -2.35 -7.06 10.91
CA MET D 256 -2.95 -6.48 12.10
C MET D 256 -4.38 -6.07 11.83
N ARG D 257 -4.63 -5.51 10.66
CA ARG D 257 -6.00 -5.23 10.23
C ARG D 257 -6.88 -6.49 10.23
N GLY D 258 -6.37 -7.59 9.66
CA GLY D 258 -7.10 -8.88 9.69
C GLY D 258 -7.37 -9.41 11.11
N ILE D 259 -6.36 -9.25 11.97
CA ILE D 259 -6.42 -9.79 13.33
C ILE D 259 -7.55 -9.13 14.14
N LYS D 260 -7.88 -7.89 13.81
CA LYS D 260 -8.97 -7.16 14.49
C LYS D 260 -10.36 -7.80 14.32
N THR D 261 -10.53 -8.68 13.33
CA THR D 261 -11.79 -9.42 13.18
C THR D 261 -11.62 -10.92 13.36
N LEU D 262 -10.45 -11.33 13.84
CA LEU D 262 -10.19 -12.76 13.98
C LEU D 262 -11.32 -13.52 14.71
N ASN D 263 -11.74 -13.03 15.88
CA ASN D 263 -12.73 -13.76 16.67
C ASN D 263 -14.03 -13.89 15.87
N LEU D 264 -14.45 -12.81 15.22
CA LEU D 264 -15.68 -12.80 14.44
C LEU D 264 -15.61 -13.74 13.23
N ARG D 265 -14.50 -13.70 12.49
CA ARG D 265 -14.37 -14.57 11.31
C ARG D 265 -14.34 -16.04 11.72
N MET D 266 -13.49 -16.39 12.70
CA MET D 266 -13.40 -17.77 13.20
C MET D 266 -14.75 -18.28 13.66
N ASP D 267 -15.52 -17.47 14.39
CA ASP D 267 -16.86 -17.89 14.81
C ASP D 267 -17.69 -18.28 13.58
N ARG D 268 -17.63 -17.46 12.54
CA ARG D 268 -18.43 -17.75 11.35
C ARG D 268 -17.89 -18.94 10.58
N HIS D 269 -16.55 -19.04 10.49
CA HIS D 269 -15.89 -20.18 9.82
C HIS D 269 -16.33 -21.49 10.45
N CYS D 270 -16.32 -21.51 11.77
CA CYS D 270 -16.67 -22.69 12.54
C CYS D 270 -18.14 -23.05 12.44
N ALA D 271 -19.02 -22.06 12.54
CA ALA D 271 -20.46 -22.30 12.43
C ALA D 271 -20.85 -22.79 11.03
N ASN D 272 -20.25 -22.21 9.99
CA ASN D 272 -20.47 -22.66 8.61
C ASN D 272 -19.99 -24.08 8.42
N ALA D 273 -18.77 -24.36 8.89
CA ALA D 273 -18.15 -25.69 8.71
C ALA D 273 -18.95 -26.76 9.42
N GLN D 274 -19.48 -26.42 10.60
CA GLN D 274 -20.28 -27.37 11.35
C GLN D 274 -21.51 -27.80 10.55
N VAL D 275 -22.25 -26.83 10.02
CA VAL D 275 -23.41 -27.12 9.18
C VAL D 275 -23.03 -27.92 7.95
N LEU D 276 -21.93 -27.53 7.29
CA LEU D 276 -21.43 -28.25 6.12
C LEU D 276 -21.02 -29.70 6.42
N ALA D 277 -20.37 -29.90 7.55
CA ALA D 277 -19.92 -31.23 7.94
C ALA D 277 -21.09 -32.15 8.25
N GLU D 278 -22.07 -31.64 9.01
CA GLU D 278 -23.28 -32.41 9.30
C GLU D 278 -24.02 -32.77 8.01
N PHE D 279 -24.08 -31.83 7.07
CA PHE D 279 -24.67 -32.08 5.76
C PHE D 279 -23.95 -33.22 5.05
N LEU D 280 -22.62 -33.12 4.97
CA LEU D 280 -21.80 -34.09 4.26
C LEU D 280 -21.91 -35.49 4.83
N ALA D 281 -22.04 -35.56 6.16
CA ALA D 281 -22.15 -36.82 6.87
C ALA D 281 -23.38 -37.60 6.45
N ARG D 282 -24.37 -36.91 5.91
CA ARG D 282 -25.63 -37.53 5.50
C ARG D 282 -25.68 -37.88 4.02
N GLN D 283 -24.64 -37.54 3.26
CA GLN D 283 -24.72 -37.67 1.81
C GLN D 283 -24.26 -39.04 1.28
N PRO D 284 -25.00 -39.61 0.30
CA PRO D 284 -24.66 -40.96 -0.23
C PRO D 284 -23.34 -41.07 -0.97
N GLN D 285 -22.79 -39.93 -1.42
CA GLN D 285 -21.53 -39.90 -2.18
C GLN D 285 -20.30 -39.92 -1.26
N VAL D 286 -20.53 -39.61 0.01
CA VAL D 286 -19.44 -39.48 0.95
C VAL D 286 -19.19 -40.81 1.68
N GLU D 287 -17.96 -41.32 1.58
CA GLU D 287 -17.52 -42.55 2.27
C GLU D 287 -17.22 -42.28 3.75
N LEU D 288 -16.37 -41.29 4.01
CA LEU D 288 -16.01 -40.91 5.38
C LEU D 288 -15.87 -39.41 5.45
N ILE D 289 -16.01 -38.89 6.66
CA ILE D 289 -15.75 -37.47 6.90
C ILE D 289 -14.93 -37.30 8.18
N HIS D 290 -13.93 -36.41 8.11
CA HIS D 290 -13.15 -35.99 9.27
C HIS D 290 -13.42 -34.53 9.60
N TYR D 291 -14.22 -34.28 10.62
CA TYR D 291 -14.44 -32.94 11.13
C TYR D 291 -14.50 -33.04 12.64
N PRO D 292 -13.70 -32.21 13.35
CA PRO D 292 -13.61 -32.33 14.80
C PRO D 292 -14.93 -32.05 15.52
N GLY D 293 -15.88 -31.38 14.88
CA GLY D 293 -17.16 -31.09 15.55
C GLY D 293 -18.20 -32.18 15.44
N LEU D 294 -17.85 -33.27 14.75
CA LEU D 294 -18.73 -34.42 14.62
C LEU D 294 -18.42 -35.45 15.70
N ALA D 295 -19.46 -35.97 16.37
CA ALA D 295 -19.25 -36.95 17.44
C ALA D 295 -18.55 -38.20 16.91
N SER D 296 -18.63 -38.43 15.60
CA SER D 296 -17.95 -39.55 14.94
C SER D 296 -16.43 -39.36 14.79
N PHE D 297 -15.94 -38.14 14.99
CA PHE D 297 -14.50 -37.87 14.91
C PHE D 297 -13.76 -38.76 15.91
N PRO D 298 -12.74 -39.51 15.43
CA PRO D 298 -12.08 -40.46 16.34
C PRO D 298 -11.57 -39.78 17.61
N GLN D 299 -11.03 -38.57 17.50
CA GLN D 299 -10.51 -37.85 18.68
C GLN D 299 -11.41 -36.72 19.14
N TYR D 300 -12.71 -36.94 19.07
CA TYR D 300 -13.70 -35.98 19.48
C TYR D 300 -13.46 -35.42 20.89
N THR D 301 -13.18 -36.29 21.85
CA THR D 301 -12.95 -35.88 23.24
C THR D 301 -11.72 -34.96 23.40
N LEU D 302 -10.60 -35.35 22.79
CA LEU D 302 -9.41 -34.52 22.78
C LEU D 302 -9.70 -33.18 22.07
N ALA D 303 -10.33 -33.24 20.90
CA ALA D 303 -10.74 -32.00 20.19
C ALA D 303 -11.46 -31.00 21.10
N ARG D 304 -12.48 -31.46 21.82
CA ARG D 304 -13.24 -30.55 22.71
C ARG D 304 -12.45 -30.12 23.95
N GLN D 305 -11.35 -30.84 24.24
CA GLN D 305 -10.42 -30.47 25.30
C GLN D 305 -9.43 -29.37 24.92
N GLN D 306 -8.82 -29.46 23.73
CA GLN D 306 -7.75 -28.52 23.33
C GLN D 306 -8.23 -27.35 22.49
N MET D 307 -9.40 -27.50 21.89
CA MET D 307 -9.94 -26.51 20.96
C MET D 307 -11.25 -25.98 21.47
N SER D 308 -11.40 -24.66 21.53
CA SER D 308 -12.67 -24.09 22.02
C SER D 308 -13.78 -24.26 20.97
N GLN D 309 -13.40 -24.39 19.70
CA GLN D 309 -14.35 -24.65 18.61
C GLN D 309 -13.69 -25.59 17.61
N PRO D 310 -14.51 -26.29 16.81
CA PRO D 310 -13.94 -27.35 15.97
C PRO D 310 -13.26 -26.91 14.67
N GLY D 311 -13.26 -25.60 14.36
CA GLY D 311 -12.48 -25.10 13.20
C GLY D 311 -13.26 -24.94 11.90
N GLY D 312 -12.57 -24.44 10.87
CA GLY D 312 -13.17 -24.17 9.56
C GLY D 312 -12.80 -25.15 8.47
N MET D 313 -12.03 -26.16 8.82
CA MET D 313 -11.48 -27.10 7.86
C MET D 313 -12.24 -28.43 7.91
N ILE D 314 -12.65 -28.92 6.76
CA ILE D 314 -13.27 -30.25 6.68
C ILE D 314 -12.46 -31.11 5.73
N ALA D 315 -12.23 -32.36 6.11
CA ALA D 315 -11.74 -33.34 5.14
C ALA D 315 -12.76 -34.47 4.99
N PHE D 316 -12.97 -34.92 3.75
CA PHE D 316 -13.91 -36.03 3.56
C PHE D 316 -13.49 -36.87 2.37
N GLU D 317 -13.94 -38.11 2.34
CA GLU D 317 -13.59 -39.03 1.27
C GLU D 317 -14.81 -39.35 0.43
N LEU D 318 -14.68 -39.21 -0.88
CA LEU D 318 -15.76 -39.54 -1.81
C LEU D 318 -15.72 -41.02 -2.15
N LYS D 319 -16.89 -41.65 -2.23
CA LYS D 319 -16.97 -43.10 -2.51
C LYS D 319 -16.32 -43.54 -3.82
N GLY D 320 -16.48 -42.73 -4.88
CA GLY D 320 -15.96 -43.09 -6.20
C GLY D 320 -14.50 -42.77 -6.46
N GLY D 321 -13.73 -42.51 -5.41
CA GLY D 321 -12.27 -42.35 -5.54
C GLY D 321 -11.79 -41.13 -6.33
N ILE D 322 -10.69 -41.29 -7.06
CA ILE D 322 -10.00 -40.18 -7.72
C ILE D 322 -10.86 -39.50 -8.80
N GLY D 323 -11.60 -40.32 -9.56
CA GLY D 323 -12.53 -39.86 -10.58
C GLY D 323 -13.60 -38.97 -9.98
N ALA D 324 -14.23 -39.45 -8.91
CA ALA D 324 -15.28 -38.68 -8.21
C ALA D 324 -14.71 -37.37 -7.70
N GLY D 325 -13.50 -37.42 -7.16
CA GLY D 325 -12.81 -36.24 -6.65
C GLY D 325 -12.61 -35.18 -7.69
N ARG D 326 -12.09 -35.56 -8.86
CA ARG D 326 -11.86 -34.62 -9.94
C ARG D 326 -13.17 -33.96 -10.34
N ARG D 327 -14.19 -34.79 -10.50
CA ARG D 327 -15.49 -34.32 -10.96
C ARG D 327 -16.14 -33.43 -9.92
N PHE D 328 -16.04 -33.80 -8.64
CA PHE D 328 -16.51 -32.92 -7.57
C PHE D 328 -15.85 -31.54 -7.68
N MET D 329 -14.51 -31.54 -7.74
CA MET D 329 -13.72 -30.31 -7.75
C MET D 329 -14.01 -29.42 -8.95
N ASN D 330 -14.04 -30.03 -10.13
CA ASN D 330 -14.36 -29.31 -11.36
C ASN D 330 -15.76 -28.72 -11.41
N ALA D 331 -16.68 -29.29 -10.63
CA ALA D 331 -18.07 -28.83 -10.63
C ALA D 331 -18.33 -27.61 -9.74
N LEU D 332 -17.42 -27.34 -8.80
CA LEU D 332 -17.62 -26.28 -7.81
C LEU D 332 -17.71 -24.91 -8.51
N GLN D 333 -18.70 -24.10 -8.14
CA GLN D 333 -18.91 -22.78 -8.77
C GLN D 333 -18.72 -21.65 -7.77
N LEU D 334 -18.96 -21.91 -6.49
CA LEU D 334 -18.76 -20.89 -5.50
C LEU D 334 -17.41 -21.08 -4.73
N PHE D 335 -17.20 -22.25 -4.15
CA PHE D 335 -15.85 -22.70 -3.75
C PHE D 335 -14.88 -22.55 -4.90
N SER D 336 -13.65 -22.11 -4.61
CA SER D 336 -12.60 -22.10 -5.62
C SER D 336 -11.66 -23.29 -5.49
N ARG D 337 -11.12 -23.74 -6.62
CA ARG D 337 -10.08 -24.76 -6.62
C ARG D 337 -8.77 -24.05 -6.30
N ALA D 338 -8.26 -24.25 -5.10
CA ALA D 338 -7.01 -23.61 -4.70
C ALA D 338 -6.39 -24.37 -3.57
N VAL D 339 -5.07 -24.28 -3.46
CA VAL D 339 -4.41 -24.77 -2.28
C VAL D 339 -4.55 -23.57 -1.34
N SER D 340 -4.30 -23.72 -0.07
CA SER D 340 -4.50 -22.57 0.81
C SER D 340 -5.82 -22.65 1.55
N LEU D 341 -5.95 -21.80 2.56
CA LEU D 341 -7.07 -21.88 3.47
C LEU D 341 -7.15 -20.64 4.34
N GLY D 342 -8.24 -20.55 5.08
CA GLY D 342 -8.41 -19.44 6.02
C GLY D 342 -8.82 -18.12 5.39
N ASP D 343 -9.28 -18.14 4.14
CA ASP D 343 -9.71 -16.93 3.46
C ASP D 343 -11.21 -16.70 3.66
N ALA D 344 -11.67 -15.47 3.41
CA ALA D 344 -13.11 -15.16 3.36
C ALA D 344 -13.82 -16.04 2.30
N GLU D 345 -13.13 -16.32 1.19
CA GLU D 345 -13.64 -17.15 0.08
C GLU D 345 -13.45 -18.62 0.43
N SER D 346 -14.48 -19.43 0.19
CA SER D 346 -14.38 -20.85 0.47
C SER D 346 -13.44 -21.48 -0.56
N LEU D 347 -12.59 -22.43 -0.13
CA LEU D 347 -11.59 -23.06 -1.00
C LEU D 347 -11.65 -24.59 -0.89
N ALA D 348 -11.28 -25.28 -1.95
CA ALA D 348 -11.33 -26.73 -1.94
C ALA D 348 -10.12 -27.24 -2.67
N GLN D 349 -9.62 -28.39 -2.25
CA GLN D 349 -8.58 -29.07 -2.99
C GLN D 349 -8.70 -30.59 -2.89
N HIS D 350 -8.17 -31.29 -3.88
CA HIS D 350 -8.30 -32.73 -3.95
C HIS D 350 -6.91 -33.22 -4.27
N PRO D 351 -6.10 -33.49 -3.22
CA PRO D 351 -4.67 -33.77 -3.41
C PRO D 351 -4.34 -34.81 -4.47
N ALA D 352 -5.10 -35.91 -4.52
CA ALA D 352 -4.85 -36.98 -5.50
C ALA D 352 -4.81 -36.47 -6.94
N SER D 353 -5.69 -35.52 -7.28
CA SER D 353 -5.75 -34.95 -8.63
C SER D 353 -5.06 -33.59 -8.76
N MET D 354 -4.61 -33.00 -7.67
CA MET D 354 -3.99 -31.68 -7.72
C MET D 354 -2.52 -31.74 -7.29
N THR D 355 -2.25 -31.59 -6.00
CA THR D 355 -0.87 -31.53 -5.51
C THR D 355 -0.10 -32.83 -5.71
N HIS D 356 -0.79 -33.96 -5.59
CA HIS D 356 -0.14 -35.27 -5.60
C HIS D 356 -0.47 -36.09 -6.85
N SER D 357 -0.62 -35.40 -7.97
CA SER D 357 -1.13 -35.97 -9.22
C SER D 357 -0.20 -36.95 -9.93
N SER D 358 1.10 -36.66 -9.93
CA SER D 358 2.05 -37.55 -10.61
C SER D 358 2.49 -38.77 -9.76
N TYR D 359 2.08 -38.79 -8.49
CA TYR D 359 2.29 -39.96 -7.64
C TYR D 359 1.33 -41.07 -8.02
N THR D 360 1.73 -42.32 -7.76
CA THR D 360 0.84 -43.48 -7.93
C THR D 360 -0.16 -43.54 -6.78
N PRO D 361 -1.26 -44.31 -6.95
CA PRO D 361 -2.19 -44.50 -5.82
C PRO D 361 -1.49 -45.01 -4.56
N GLU D 362 -0.54 -45.93 -4.74
CA GLU D 362 0.16 -46.58 -3.64
C GLU D 362 1.08 -45.61 -2.88
N GLU D 363 1.80 -44.78 -3.62
CA GLU D 363 2.63 -43.72 -3.03
C GLU D 363 1.81 -42.73 -2.21
N ARG D 364 0.59 -42.43 -2.68
CA ARG D 364 -0.34 -41.55 -1.95
C ARG D 364 -0.91 -42.20 -0.68
N ALA D 365 -1.17 -43.51 -0.77
CA ALA D 365 -1.69 -44.29 0.36
C ALA D 365 -0.69 -44.36 1.53
N HIS D 366 0.58 -44.60 1.18
CA HIS D 366 1.69 -44.57 2.13
C HIS D 366 1.79 -43.19 2.77
N TYR D 367 1.50 -42.17 1.96
CA TYR D 367 1.59 -40.78 2.36
C TYR D 367 0.37 -40.33 3.19
N GLY D 368 -0.61 -41.23 3.37
CA GLY D 368 -1.80 -40.94 4.17
C GLY D 368 -2.92 -40.22 3.41
N ILE D 369 -2.81 -40.20 2.08
CA ILE D 369 -3.80 -39.55 1.23
C ILE D 369 -4.62 -40.56 0.41
N SER D 370 -5.92 -40.59 0.67
CA SER D 370 -6.79 -41.49 -0.08
C SER D 370 -7.16 -40.89 -1.44
N GLU D 371 -7.56 -41.76 -2.37
CA GLU D 371 -7.90 -41.34 -3.72
C GLU D 371 -9.11 -40.38 -3.77
N GLY D 372 -10.04 -40.54 -2.83
CA GLY D 372 -11.23 -39.69 -2.76
C GLY D 372 -11.17 -38.58 -1.71
N LEU D 373 -9.99 -38.28 -1.17
CA LEU D 373 -9.87 -37.27 -0.11
C LEU D 373 -9.97 -35.84 -0.64
N VAL D 374 -10.92 -35.10 -0.10
CA VAL D 374 -11.13 -33.72 -0.46
C VAL D 374 -11.06 -32.91 0.81
N ARG D 375 -10.38 -31.77 0.73
CA ARG D 375 -10.27 -30.84 1.84
C ARG D 375 -10.99 -29.52 1.50
N LEU D 376 -11.85 -29.07 2.41
CA LEU D 376 -12.54 -27.79 2.25
C LEU D 376 -12.07 -26.80 3.32
N SER D 377 -11.71 -25.61 2.88
CA SER D 377 -11.59 -24.47 3.77
C SER D 377 -12.89 -23.73 3.64
N VAL D 378 -13.73 -23.84 4.65
CA VAL D 378 -15.06 -23.25 4.62
C VAL D 378 -14.95 -21.76 4.91
N GLY D 379 -15.47 -20.95 3.99
CA GLY D 379 -15.36 -19.49 4.08
C GLY D 379 -16.50 -18.82 4.83
N LEU D 380 -16.69 -17.54 4.51
CA LEU D 380 -17.62 -16.67 5.23
C LEU D 380 -18.89 -16.36 4.46
N GLU D 381 -19.01 -16.95 3.27
CA GLU D 381 -20.25 -16.88 2.49
C GLU D 381 -21.45 -17.42 3.29
N ASP D 382 -22.64 -17.03 2.86
CA ASP D 382 -23.90 -17.55 3.35
C ASP D 382 -23.92 -19.07 3.19
N ILE D 383 -24.18 -19.75 4.30
CA ILE D 383 -24.24 -21.20 4.36
C ILE D 383 -25.23 -21.81 3.34
N ASP D 384 -26.38 -21.18 3.09
CA ASP D 384 -27.27 -21.74 2.05
C ASP D 384 -26.62 -21.77 0.68
N ASP D 385 -25.80 -20.77 0.36
CA ASP D 385 -25.11 -20.73 -0.91
C ASP D 385 -24.04 -21.83 -0.97
N LEU D 386 -23.33 -22.04 0.14
CA LEU D 386 -22.27 -23.03 0.19
C LEU D 386 -22.85 -24.46 0.11
N LEU D 387 -23.99 -24.66 0.76
CA LEU D 387 -24.67 -25.95 0.72
C LEU D 387 -25.09 -26.27 -0.72
N ALA D 388 -25.66 -25.28 -1.41
CA ALA D 388 -26.16 -25.48 -2.78
C ALA D 388 -25.02 -25.82 -3.72
N ASP D 389 -23.88 -25.15 -3.54
CA ASP D 389 -22.70 -25.43 -4.36
C ASP D 389 -22.19 -26.87 -4.10
N VAL D 390 -22.09 -27.24 -2.83
CA VAL D 390 -21.60 -28.57 -2.49
C VAL D 390 -22.58 -29.67 -2.96
N GLN D 391 -23.88 -29.41 -2.81
CA GLN D 391 -24.91 -30.37 -3.19
C GLN D 391 -24.84 -30.70 -4.70
N GLN D 392 -24.79 -29.66 -5.54
CA GLN D 392 -24.70 -29.90 -6.99
C GLN D 392 -23.37 -30.56 -7.39
N ALA D 393 -22.27 -30.17 -6.72
CA ALA D 393 -20.96 -30.74 -7.06
C ALA D 393 -20.92 -32.24 -6.70
N LEU D 394 -21.60 -32.60 -5.62
CA LEU D 394 -21.77 -34.00 -5.24
C LEU D 394 -22.54 -34.80 -6.31
N LYS D 395 -23.65 -34.25 -6.81
CA LYS D 395 -24.40 -34.88 -7.89
C LYS D 395 -23.48 -35.10 -9.07
N ALA D 396 -22.75 -34.06 -9.43
CA ALA D 396 -21.76 -34.09 -10.50
C ALA D 396 -20.64 -35.09 -10.28
N SER D 397 -20.34 -35.41 -9.01
CA SER D 397 -19.18 -36.25 -8.74
C SER D 397 -19.38 -37.66 -9.31
N ALA D 398 -20.64 -38.07 -9.46
CA ALA D 398 -20.95 -39.46 -9.80
C ALA D 398 -20.55 -39.82 -11.22
N MET E . -19.18 11.44 11.81
CA MET E . -18.38 11.83 13.00
C MET E . -19.03 12.98 13.75
O MET E . -18.40 13.94 14.18
CB MET E . -16.93 12.17 12.61
CG MET E . -16.76 12.99 11.35
SD MET E . -15.39 14.16 11.43
CE MET E . -16.16 15.56 12.28
OXT MET E . -20.24 12.97 13.95
N MET F . -4.85 14.70 -18.54
CA MET F . -5.28 14.60 -19.97
C MET F . -4.45 15.53 -20.84
O MET F . -4.87 15.95 -21.92
CB MET F . -6.78 14.92 -20.12
CG MET F . -7.71 14.28 -19.09
SD MET F . -8.73 12.90 -19.64
CE MET F . -9.61 13.63 -21.03
OXT MET F . -3.33 15.92 -20.50
N MET G . 22.41 -2.72 5.59
CA MET G . 23.43 -2.44 6.63
C MET G . 24.78 -2.10 5.98
O MET G . 24.97 -2.23 4.78
CB MET G . 23.53 -3.64 7.60
CG MET G . 23.97 -3.32 9.02
SD MET G . 22.92 -4.11 10.28
CE MET G . 24.07 -4.21 11.66
OXT MET G . 25.72 -1.63 6.63
N MET H . -0.30 -24.60 0.61
CA MET H . -1.24 -25.74 0.39
C MET H . -2.20 -25.93 1.58
O MET H . -2.82 -26.98 1.73
CB MET H . -0.49 -27.05 0.12
CG MET H . 0.82 -26.92 -0.68
SD MET H . 1.40 -28.46 -1.42
CE MET H . 1.17 -29.66 -0.08
OXT MET H . -2.38 -25.04 2.41
#